data_8AYR
#
_entry.id   8AYR
#
_cell.length_a   76.190
_cell.length_b   76.450
_cell.length_c   84.500
_cell.angle_alpha   88.410
_cell.angle_beta   89.080
_cell.angle_gamma   88.230
#
_symmetry.space_group_name_H-M   'P 1'
#
loop_
_entity.id
_entity.type
_entity.pdbx_description
1 polymer 'Coagulation factor 5/8 type domain protein'
2 non-polymer 'CALCIUM ION'
3 water water
#
_entity_poly.entity_id   1
_entity_poly.type   'polypeptide(L)'
_entity_poly.pdbx_seq_one_letter_code
;MNLNQLIKAAVLGGALCTACFAGAGPKGCLTPLKPVPSAEQLEWHDMEMYAFVHFTINTFTGKEWGYGDEKPELFHPSDF
DADDLVRTLADAGFKGVVLTCKHHDGFCLWPTKTTLHSVAASPWKQGKGDVVKEVSRACGKYGVRFGVYLSPWDRNAASY
GTPDYIRMYRQQLKELATGYGSIFLAWFDGANGGDGYYGGARERRSIDRSAYYDWKATWGELKKRQPGAVIFSDVGPDVR
WVGNESGYAGYPCWATYTPVPLQAGTEPAPGTVRYRLGTEGTMDGKYWIPAEVDVSIRPGWFWHEHENSRVRTPENLLKL
YFDSVGRGANLNLNVPPDRRGRIHEEDKKSLAGFRVLLDELYSRNFASGAQAESSSSWKGHGAEQVLDRKRTTYWVAAPE
DKHPCVVLKLPEPAAFDVIRLAEPIQLGQRVRKFRVEVRENGQWSKWTEGASIGARVLLKGRPVTADGVRVVLEQSRAVP
ALCEVSLWKYPVILNAPAVNYDRNGRVTLASAENVVIRYTTDGTEPGPQSAMYRNPFFLPAGGTVKAAAEYRGRKSSVTT
QIIPVPTRDWKVVAGERSAAAPELAIDGDSSTLWHTHAAQGELAPPQALEIDMGRPVNVAAVIYTPRRDSSTGTVDRYAV
YLSMDGNTWGAPAAEGEFSNIRANPVPQRIDLKAPVKARYLRFVGKRVVEGSHVAVAELGVLGK
;
_entity_poly.pdbx_strand_id   A,B
#
# COMPACT_ATOMS: atom_id res chain seq x y z
N GLY A 28 28.69 50.88 -1.61
CA GLY A 28 28.30 50.57 -2.98
C GLY A 28 26.80 50.56 -3.20
N CYS A 29 26.17 51.72 -3.02
CA CYS A 29 24.74 51.89 -3.27
C CYS A 29 24.54 52.07 -4.77
N LEU A 30 24.32 50.97 -5.46
CA LEU A 30 24.27 50.94 -6.92
C LEU A 30 22.84 51.16 -7.42
N THR A 31 22.73 51.66 -8.65
CA THR A 31 21.43 52.04 -9.21
C THR A 31 20.68 50.83 -9.76
N PRO A 32 19.44 50.59 -9.32
CA PRO A 32 18.69 49.41 -9.78
C PRO A 32 18.30 49.51 -11.25
N LEU A 33 17.77 48.39 -11.75
CA LEU A 33 17.30 48.28 -13.13
C LEU A 33 15.81 47.90 -13.10
N LYS A 34 14.95 48.87 -13.36
CA LYS A 34 13.52 48.63 -13.27
C LYS A 34 13.08 47.59 -14.32
N PRO A 35 12.16 46.68 -13.98
CA PRO A 35 11.49 46.58 -12.69
C PRO A 35 12.29 45.78 -11.66
N VAL A 36 11.94 45.92 -10.38
CA VAL A 36 12.60 45.17 -9.33
C VAL A 36 11.54 44.47 -8.48
N PRO A 37 11.86 43.34 -7.85
CA PRO A 37 10.89 42.67 -6.98
C PRO A 37 10.70 43.42 -5.66
N SER A 38 9.65 43.01 -4.95
CA SER A 38 9.39 43.48 -3.59
C SER A 38 10.03 42.53 -2.58
N ALA A 39 9.95 42.92 -1.31
CA ALA A 39 10.52 42.10 -0.24
C ALA A 39 9.84 40.73 -0.17
N GLU A 40 8.52 40.70 -0.31
CA GLU A 40 7.80 39.43 -0.27
C GLU A 40 8.17 38.56 -1.46
N GLN A 41 8.35 39.16 -2.63
CA GLN A 41 8.82 38.41 -3.79
C GLN A 41 10.23 37.89 -3.59
N LEU A 42 11.09 38.67 -2.91
CA LEU A 42 12.44 38.19 -2.61
C LEU A 42 12.40 36.98 -1.68
N GLU A 43 11.57 37.03 -0.65
CA GLU A 43 11.42 35.87 0.23
C GLU A 43 10.90 34.67 -0.56
N TRP A 44 9.88 34.90 -1.40
CA TRP A 44 9.34 33.82 -2.23
C TRP A 44 10.41 33.19 -3.09
N HIS A 45 11.19 34.01 -3.82
CA HIS A 45 12.33 33.48 -4.58
C HIS A 45 13.23 32.62 -3.71
N ASP A 46 13.66 33.16 -2.56
CA ASP A 46 14.61 32.40 -1.75
C ASP A 46 14.02 31.09 -1.26
N MET A 47 12.69 30.95 -1.26
CA MET A 47 12.10 29.67 -0.85
C MET A 47 12.53 28.52 -1.77
N GLU A 48 12.80 28.81 -3.04
CA GLU A 48 13.11 27.82 -4.07
C GLU A 48 11.95 26.87 -4.35
N MET A 49 11.43 26.17 -3.35
CA MET A 49 10.37 25.22 -3.63
C MET A 49 9.44 25.09 -2.43
N TYR A 50 8.24 24.60 -2.70
CA TYR A 50 7.15 24.46 -1.73
C TYR A 50 6.10 23.55 -2.36
N ALA A 51 5.11 23.16 -1.55
CA ALA A 51 4.21 22.06 -1.93
C ALA A 51 2.76 22.51 -2.11
N PHE A 52 2.05 21.81 -3.01
CA PHE A 52 0.60 21.74 -3.01
C PHE A 52 0.10 20.58 -2.16
N VAL A 53 -1.08 20.77 -1.58
CA VAL A 53 -1.83 19.68 -0.94
C VAL A 53 -3.24 19.74 -1.50
N HIS A 54 -3.49 18.99 -2.57
CA HIS A 54 -4.84 18.85 -3.13
C HIS A 54 -5.60 17.81 -2.32
N PHE A 55 -6.49 18.30 -1.46
CA PHE A 55 -7.23 17.49 -0.52
C PHE A 55 -8.58 18.15 -0.31
N THR A 56 -9.66 17.46 -0.66
CA THR A 56 -11.03 17.95 -0.48
C THR A 56 -11.99 16.78 -0.66
N ILE A 57 -13.26 17.06 -0.97
CA ILE A 57 -14.23 15.97 -1.15
C ILE A 57 -13.94 15.22 -2.44
N ASN A 58 -13.29 15.85 -3.41
CA ASN A 58 -12.97 15.09 -4.62
C ASN A 58 -11.98 13.98 -4.31
N THR A 59 -11.12 14.19 -3.33
CA THR A 59 -10.24 13.12 -2.88
C THR A 59 -11.05 11.92 -2.44
N PHE A 60 -12.28 12.19 -1.99
CA PHE A 60 -13.20 11.17 -1.56
C PHE A 60 -14.28 10.87 -2.59
N THR A 61 -14.18 11.42 -3.81
CA THR A 61 -15.08 10.97 -4.88
C THR A 61 -14.40 10.18 -5.98
N GLY A 62 -13.11 10.40 -6.15
CA GLY A 62 -12.35 9.89 -7.25
C GLY A 62 -12.26 10.83 -8.46
N LYS A 63 -12.83 12.02 -8.39
CA LYS A 63 -12.89 12.95 -9.51
C LYS A 63 -11.74 13.95 -9.42
N GLU A 64 -11.24 14.40 -10.57
CA GLU A 64 -10.27 15.48 -10.57
C GLU A 64 -10.94 16.84 -10.41
N TRP A 65 -12.11 17.02 -11.03
CA TRP A 65 -12.96 18.19 -10.82
C TRP A 65 -14.33 17.72 -10.38
N GLY A 66 -14.74 18.12 -9.19
CA GLY A 66 -16.06 17.78 -8.69
C GLY A 66 -17.16 18.62 -9.31
N TYR A 67 -18.37 18.08 -9.24
CA TYR A 67 -19.52 18.73 -9.85
C TYR A 67 -20.22 19.70 -8.91
N GLY A 68 -20.20 19.45 -7.60
CA GLY A 68 -20.84 20.30 -6.63
C GLY A 68 -22.00 19.65 -5.90
N ASP A 69 -22.53 18.55 -6.45
CA ASP A 69 -23.63 17.84 -5.84
C ASP A 69 -23.18 16.80 -4.83
N GLU A 70 -21.94 16.85 -4.38
CA GLU A 70 -21.43 15.87 -3.42
C GLU A 70 -21.98 16.17 -2.04
N LYS A 71 -22.45 15.13 -1.36
CA LYS A 71 -22.84 15.29 0.04
C LYS A 71 -21.59 15.43 0.90
N PRO A 72 -21.52 16.45 1.77
CA PRO A 72 -20.35 16.55 2.67
C PRO A 72 -20.15 15.32 3.55
N GLU A 73 -21.14 14.41 3.60
CA GLU A 73 -20.97 13.14 4.30
C GLU A 73 -19.74 12.41 3.81
N LEU A 74 -19.34 12.67 2.57
CA LEU A 74 -18.27 11.92 1.93
C LEU A 74 -16.88 12.45 2.24
N PHE A 75 -16.75 13.51 3.05
CA PHE A 75 -15.43 13.94 3.53
C PHE A 75 -15.25 13.40 4.95
N HIS A 76 -14.89 12.12 5.04
CA HIS A 76 -14.64 11.46 6.33
C HIS A 76 -13.28 10.78 6.29
N PRO A 77 -12.20 11.54 6.39
CA PRO A 77 -10.85 10.93 6.44
C PRO A 77 -10.61 10.21 7.75
N SER A 78 -10.24 8.93 7.66
CA SER A 78 -9.94 8.10 8.82
C SER A 78 -8.45 8.18 9.08
N ASP A 79 -8.07 8.79 10.21
CA ASP A 79 -6.67 8.97 10.62
C ASP A 79 -5.99 10.08 9.81
N PHE A 80 -6.44 11.32 9.98
CA PHE A 80 -5.92 12.43 9.20
C PHE A 80 -4.52 12.86 9.63
N ASP A 81 -4.40 13.58 10.75
CA ASP A 81 -3.10 13.97 11.30
C ASP A 81 -2.34 14.96 10.41
N ALA A 82 -2.47 16.26 10.71
CA ALA A 82 -1.82 17.29 9.92
C ALA A 82 -0.34 17.44 10.23
N ASP A 83 0.07 17.13 11.47
CA ASP A 83 1.49 17.20 11.80
C ASP A 83 2.28 16.26 10.90
N ASP A 84 1.80 15.03 10.73
CA ASP A 84 2.46 14.09 9.83
C ASP A 84 2.58 14.67 8.42
N LEU A 85 1.48 15.23 7.91
CA LEU A 85 1.44 15.80 6.56
C LEU A 85 2.52 16.87 6.37
N VAL A 86 2.47 17.90 7.22
CA VAL A 86 3.38 19.03 7.08
C VAL A 86 4.82 18.59 7.35
N ARG A 87 5.03 17.67 8.29
CA ARG A 87 6.37 17.22 8.61
C ARG A 87 6.97 16.41 7.47
N THR A 88 6.19 15.50 6.89
CA THR A 88 6.64 14.74 5.72
C THR A 88 7.04 15.68 4.59
N LEU A 89 6.23 16.71 4.35
CA LEU A 89 6.58 17.66 3.30
C LEU A 89 7.85 18.44 3.67
N ALA A 90 7.98 18.86 4.93
CA ALA A 90 9.10 19.72 5.32
C ALA A 90 10.42 18.96 5.28
N ASP A 91 10.41 17.67 5.67
CA ASP A 91 11.61 16.86 5.56
C ASP A 91 12.07 16.74 4.12
N ALA A 92 11.13 16.74 3.17
CA ALA A 92 11.54 16.68 1.78
C ALA A 92 12.21 17.96 1.31
N GLY A 93 12.29 18.99 2.15
CA GLY A 93 12.94 20.23 1.78
C GLY A 93 12.01 21.34 1.34
N PHE A 94 10.71 21.12 1.34
CA PHE A 94 9.77 22.15 0.93
C PHE A 94 9.59 23.16 2.05
N LYS A 95 9.58 24.44 1.68
CA LYS A 95 9.56 25.51 2.65
C LYS A 95 8.18 26.15 2.81
N GLY A 96 7.20 25.73 2.02
CA GLY A 96 5.84 26.22 2.18
C GLY A 96 4.85 25.14 1.81
N VAL A 97 3.64 25.26 2.36
CA VAL A 97 2.52 24.38 2.06
C VAL A 97 1.35 25.21 1.56
N VAL A 98 0.87 24.92 0.34
CA VAL A 98 -0.29 25.60 -0.23
C VAL A 98 -1.46 24.62 -0.23
N LEU A 99 -2.46 24.89 0.62
CA LEU A 99 -3.60 24.00 0.80
C LEU A 99 -4.76 24.44 -0.07
N THR A 100 -5.37 23.48 -0.79
CA THR A 100 -6.61 23.75 -1.50
C THR A 100 -7.75 23.86 -0.49
N CYS A 101 -7.99 25.07 0.01
CA CYS A 101 -9.01 25.24 1.03
C CYS A 101 -10.40 25.03 0.44
N LYS A 102 -10.62 25.50 -0.78
CA LYS A 102 -11.82 25.18 -1.57
C LYS A 102 -11.38 24.98 -3.01
N HIS A 103 -11.66 23.80 -3.56
CA HIS A 103 -11.33 23.53 -4.95
C HIS A 103 -12.54 23.88 -5.82
N HIS A 104 -12.58 23.43 -7.07
CA HIS A 104 -13.65 23.88 -7.97
C HIS A 104 -15.00 23.35 -7.51
N ASP A 105 -15.04 22.20 -6.84
CA ASP A 105 -16.30 21.62 -6.38
C ASP A 105 -17.05 22.52 -5.42
N GLY A 106 -16.36 23.47 -4.77
CA GLY A 106 -17.01 24.44 -3.91
C GLY A 106 -17.12 24.04 -2.47
N PHE A 107 -16.77 22.80 -2.14
CA PHE A 107 -16.74 22.33 -0.76
C PHE A 107 -15.52 22.88 -0.04
N CYS A 108 -15.76 23.51 1.12
CA CYS A 108 -14.73 24.21 1.89
C CYS A 108 -14.23 23.34 3.02
N LEU A 109 -12.91 23.30 3.20
CA LEU A 109 -12.30 22.49 4.25
C LEU A 109 -12.35 23.12 5.63
N TRP A 110 -13.04 24.25 5.81
CA TRP A 110 -13.06 24.89 7.11
C TRP A 110 -14.50 25.33 7.39
N PRO A 111 -14.92 25.35 8.66
CA PRO A 111 -16.29 25.77 8.96
C PRO A 111 -16.55 27.21 8.61
N THR A 112 -16.71 27.47 7.32
CA THR A 112 -16.98 28.82 6.83
C THR A 112 -18.39 29.25 7.19
N LYS A 113 -18.57 30.55 7.37
CA LYS A 113 -19.87 31.13 7.64
C LYS A 113 -20.66 31.41 6.37
N THR A 114 -20.09 31.11 5.21
CA THR A 114 -20.72 31.40 3.92
C THR A 114 -21.58 30.26 3.39
N THR A 115 -21.42 29.05 3.92
CA THR A 115 -22.14 27.88 3.42
C THR A 115 -21.97 26.71 4.38
N LEU A 116 -22.94 25.80 4.36
CA LEU A 116 -22.83 24.51 5.03
C LEU A 116 -22.42 23.40 4.09
N HIS A 117 -21.90 23.73 2.91
CA HIS A 117 -21.24 22.74 2.08
C HIS A 117 -19.74 22.76 2.42
N SER A 118 -19.50 22.51 3.70
CA SER A 118 -18.21 22.61 4.33
C SER A 118 -18.05 21.42 5.25
N VAL A 119 -16.90 21.36 5.93
CA VAL A 119 -16.65 20.26 6.87
C VAL A 119 -17.67 20.28 8.01
N ALA A 120 -18.28 21.44 8.27
CA ALA A 120 -19.33 21.52 9.29
C ALA A 120 -20.45 20.53 9.07
N ALA A 121 -20.62 20.04 7.84
CA ALA A 121 -21.62 19.05 7.52
C ALA A 121 -21.06 17.63 7.45
N SER A 122 -19.80 17.45 7.69
CA SER A 122 -19.24 16.14 7.47
C SER A 122 -19.15 15.35 8.78
N PRO A 123 -19.16 14.01 8.71
CA PRO A 123 -19.00 13.24 9.94
C PRO A 123 -17.56 13.20 10.45
N TRP A 124 -16.60 13.72 9.68
CA TRP A 124 -15.24 13.93 10.18
C TRP A 124 -15.32 14.78 11.45
N LYS A 125 -14.85 14.21 12.56
CA LYS A 125 -14.91 14.87 13.87
C LYS A 125 -16.36 14.90 14.32
N GLN A 126 -16.59 15.06 15.63
CA GLN A 126 -17.97 15.10 16.11
C GLN A 126 -18.71 16.30 15.52
N GLY A 127 -19.14 16.17 14.27
CA GLY A 127 -19.80 17.25 13.60
C GLY A 127 -18.85 18.13 12.80
N LYS A 128 -17.92 18.80 13.47
CA LYS A 128 -17.08 19.76 12.75
C LYS A 128 -15.69 19.87 13.36
N GLY A 129 -14.68 19.72 12.51
CA GLY A 129 -13.31 20.12 12.81
C GLY A 129 -12.90 21.24 11.85
N ASP A 130 -11.63 21.29 11.48
CA ASP A 130 -11.13 22.38 10.64
C ASP A 130 -9.75 22.05 10.07
N VAL A 131 -9.71 21.55 8.83
CA VAL A 131 -8.46 21.12 8.22
C VAL A 131 -7.51 22.31 8.03
N VAL A 132 -8.06 23.48 7.69
CA VAL A 132 -7.19 24.65 7.47
C VAL A 132 -6.48 25.03 8.77
N LYS A 133 -7.22 25.03 9.88
CA LYS A 133 -6.59 25.32 11.17
C LYS A 133 -5.45 24.37 11.46
N GLU A 134 -5.68 23.07 11.29
CA GLU A 134 -4.67 22.08 11.63
C GLU A 134 -3.45 22.19 10.72
N VAL A 135 -3.66 22.43 9.43
CA VAL A 135 -2.52 22.50 8.52
C VAL A 135 -1.71 23.77 8.76
N SER A 136 -2.37 24.91 9.01
CA SER A 136 -1.61 26.12 9.32
C SER A 136 -0.91 26.01 10.68
N ARG A 137 -1.51 25.31 11.63
CA ARG A 137 -0.86 25.10 12.92
C ARG A 137 0.40 24.23 12.76
N ALA A 138 0.31 23.15 11.97
CA ALA A 138 1.50 22.33 11.77
C ALA A 138 2.57 23.08 10.97
N CYS A 139 2.16 23.94 10.04
CA CYS A 139 3.13 24.76 9.33
C CYS A 139 3.88 25.67 10.29
N GLY A 140 3.17 26.31 11.22
CA GLY A 140 3.86 27.06 12.26
C GLY A 140 4.75 26.18 13.11
N LYS A 141 4.29 24.97 13.42
CA LYS A 141 5.02 24.05 14.28
C LYS A 141 6.35 23.63 13.69
N TYR A 142 6.45 23.52 12.37
CA TYR A 142 7.69 23.04 11.75
C TYR A 142 8.43 24.13 10.99
N GLY A 143 8.08 25.40 11.20
CA GLY A 143 8.80 26.49 10.56
C GLY A 143 8.67 26.56 9.05
N VAL A 144 7.52 26.16 8.50
CA VAL A 144 7.29 26.26 7.06
C VAL A 144 6.12 27.20 6.80
N ARG A 145 6.22 27.97 5.72
CA ARG A 145 5.21 28.95 5.40
C ARG A 145 3.88 28.28 5.02
N PHE A 146 2.79 29.04 5.11
CA PHE A 146 1.47 28.52 4.84
C PHE A 146 0.73 29.40 3.82
N GLY A 147 0.13 28.76 2.82
CA GLY A 147 -0.57 29.48 1.77
C GLY A 147 -1.85 28.75 1.39
N VAL A 148 -2.72 29.48 0.69
CA VAL A 148 -4.09 29.03 0.47
C VAL A 148 -4.44 29.08 -1.02
N TYR A 149 -5.30 28.15 -1.42
CA TYR A 149 -5.93 28.12 -2.72
C TYR A 149 -7.44 28.15 -2.52
N LEU A 150 -8.09 29.20 -3.03
CA LEU A 150 -9.53 29.40 -2.90
C LEU A 150 -10.11 29.56 -4.31
N SER A 151 -10.60 28.46 -4.89
CA SER A 151 -11.08 28.40 -6.26
C SER A 151 -12.08 29.50 -6.56
N PRO A 152 -11.74 30.45 -7.44
CA PRO A 152 -12.73 31.48 -7.80
C PRO A 152 -13.96 30.90 -8.43
N TRP A 153 -13.82 29.82 -9.19
CA TRP A 153 -14.95 29.13 -9.79
C TRP A 153 -15.51 28.13 -8.78
N ASP A 154 -16.68 28.43 -8.25
CA ASP A 154 -17.35 27.60 -7.26
C ASP A 154 -18.51 26.90 -7.95
N ARG A 155 -18.48 25.57 -7.93
CA ARG A 155 -19.40 24.78 -8.73
C ARG A 155 -20.62 24.34 -7.92
N ASN A 156 -20.71 24.74 -6.65
CA ASN A 156 -21.88 24.49 -5.83
C ASN A 156 -22.65 25.77 -5.50
N ALA A 157 -21.96 26.89 -5.36
CA ALA A 157 -22.63 28.15 -5.02
C ALA A 157 -23.74 28.47 -6.01
N ALA A 158 -24.99 28.38 -5.57
CA ALA A 158 -26.13 28.72 -6.41
C ALA A 158 -26.09 30.16 -6.88
N SER A 159 -25.24 30.99 -6.28
CA SER A 159 -25.12 32.39 -6.66
C SER A 159 -24.03 32.63 -7.70
N TYR A 160 -23.31 31.60 -8.13
CA TYR A 160 -22.21 31.82 -9.06
C TYR A 160 -22.71 32.43 -10.36
N GLY A 161 -22.00 33.46 -10.82
CA GLY A 161 -22.38 34.24 -11.98
C GLY A 161 -23.00 35.58 -11.62
N THR A 162 -23.67 35.65 -10.49
CA THR A 162 -24.24 36.89 -9.99
C THR A 162 -23.23 37.61 -9.13
N PRO A 163 -23.38 38.93 -8.92
CA PRO A 163 -22.47 39.65 -8.01
C PRO A 163 -22.48 39.11 -6.59
N ASP A 164 -23.55 38.41 -6.20
CA ASP A 164 -23.61 37.90 -4.84
C ASP A 164 -22.57 36.81 -4.60
N TYR A 165 -22.25 36.02 -5.62
CA TYR A 165 -21.15 35.08 -5.45
C TYR A 165 -19.85 35.82 -5.17
N ILE A 166 -19.66 36.98 -5.81
CA ILE A 166 -18.45 37.74 -5.53
C ILE A 166 -18.43 38.20 -4.08
N ARG A 167 -19.58 38.60 -3.56
CA ARG A 167 -19.67 38.92 -2.13
C ARG A 167 -19.30 37.70 -1.28
N MET A 168 -19.84 36.53 -1.62
CA MET A 168 -19.56 35.31 -0.88
C MET A 168 -18.07 34.95 -0.94
N TYR A 169 -17.48 35.05 -2.12
CA TYR A 169 -16.07 34.71 -2.31
C TYR A 169 -15.18 35.67 -1.52
N ARG A 170 -15.56 36.95 -1.48
CA ARG A 170 -14.80 37.90 -0.69
C ARG A 170 -14.90 37.57 0.80
N GLN A 171 -16.07 37.12 1.26
CA GLN A 171 -16.16 36.72 2.67
C GLN A 171 -15.32 35.48 2.96
N GLN A 172 -15.31 34.52 2.04
CA GLN A 172 -14.45 33.35 2.21
C GLN A 172 -12.98 33.75 2.29
N LEU A 173 -12.55 34.64 1.40
CA LEU A 173 -11.16 35.08 1.40
C LEU A 173 -10.83 35.84 2.68
N LYS A 174 -11.77 36.64 3.19
CA LYS A 174 -11.56 37.32 4.47
C LYS A 174 -11.42 36.31 5.61
N GLU A 175 -12.28 35.29 5.65
CA GLU A 175 -12.18 34.28 6.70
C GLU A 175 -10.84 33.56 6.65
N LEU A 176 -10.37 33.19 5.45
CA LEU A 176 -9.08 32.52 5.37
C LEU A 176 -7.93 33.45 5.76
N ALA A 177 -8.10 34.76 5.53
CA ALA A 177 -7.06 35.74 5.76
C ALA A 177 -7.21 36.45 7.11
N THR A 178 -7.98 35.89 8.02
CA THR A 178 -8.24 36.51 9.32
C THR A 178 -7.90 35.62 10.48
N GLY A 179 -8.11 34.31 10.36
CA GLY A 179 -7.93 33.43 11.49
C GLY A 179 -7.03 32.24 11.28
N TYR A 180 -5.96 32.37 10.48
CA TYR A 180 -5.07 31.24 10.25
C TYR A 180 -3.62 31.68 10.13
N GLY A 181 -3.25 32.80 10.75
CA GLY A 181 -1.88 33.24 10.75
C GLY A 181 -1.44 33.81 9.42
N SER A 182 -0.11 33.93 9.29
CA SER A 182 0.46 34.50 8.08
C SER A 182 0.22 33.59 6.88
N ILE A 183 -0.04 34.23 5.74
CA ILE A 183 -0.21 33.56 4.44
C ILE A 183 0.87 34.13 3.53
N PHE A 184 1.68 33.25 2.94
CA PHE A 184 2.74 33.73 2.07
C PHE A 184 2.33 33.75 0.61
N LEU A 185 1.40 32.89 0.23
CA LEU A 185 0.94 32.83 -1.16
C LEU A 185 -0.55 32.48 -1.19
N ALA A 186 -1.28 33.16 -2.07
CA ALA A 186 -2.67 32.85 -2.36
C ALA A 186 -2.77 32.46 -3.83
N TRP A 187 -3.40 31.32 -4.10
CA TRP A 187 -3.34 30.70 -5.42
C TRP A 187 -4.68 30.94 -6.10
N PHE A 188 -4.69 31.70 -7.19
CA PHE A 188 -5.92 32.12 -7.86
C PHE A 188 -5.98 31.45 -9.23
N ASP A 189 -6.66 30.32 -9.29
CA ASP A 189 -6.76 29.56 -10.53
C ASP A 189 -7.70 30.27 -11.51
N GLY A 190 -7.21 30.54 -12.71
CA GLY A 190 -8.04 31.18 -13.71
C GLY A 190 -8.91 30.25 -14.51
N ALA A 191 -8.75 28.94 -14.32
CA ALA A 191 -9.51 27.96 -15.10
C ALA A 191 -10.97 27.96 -14.67
N ASN A 192 -11.86 27.75 -15.64
CA ASN A 192 -13.29 27.70 -15.39
C ASN A 192 -13.88 26.42 -15.99
N GLY A 193 -14.68 26.53 -17.04
CA GLY A 193 -15.23 25.36 -17.70
C GLY A 193 -16.76 25.26 -17.67
N GLY A 194 -17.48 26.18 -17.05
CA GLY A 194 -18.90 26.30 -17.34
C GLY A 194 -19.91 25.68 -16.40
N ASP A 195 -20.14 24.36 -16.54
CA ASP A 195 -21.28 23.71 -15.94
C ASP A 195 -21.04 23.36 -14.47
N GLY A 196 -22.12 23.01 -13.79
CA GLY A 196 -22.03 22.65 -12.39
C GLY A 196 -23.38 22.51 -11.75
N TYR A 197 -23.35 22.03 -10.50
CA TYR A 197 -24.57 21.87 -9.71
C TYR A 197 -25.23 23.21 -9.43
N TYR A 198 -24.43 24.20 -9.06
CA TYR A 198 -24.90 25.55 -8.76
C TYR A 198 -26.18 25.55 -7.92
N GLY A 199 -26.12 24.84 -6.79
CA GLY A 199 -27.26 24.78 -5.89
C GLY A 199 -28.47 24.07 -6.43
N GLY A 200 -28.28 23.17 -7.40
CA GLY A 200 -29.35 22.42 -8.01
C GLY A 200 -29.69 22.87 -9.40
N ALA A 201 -29.12 23.99 -9.88
CA ALA A 201 -29.44 24.48 -11.21
C ALA A 201 -29.06 23.46 -12.28
N ARG A 202 -27.97 22.72 -12.08
CA ARG A 202 -27.50 21.70 -13.02
C ARG A 202 -27.38 22.30 -14.42
N GLU A 203 -26.79 23.49 -14.47
CA GLU A 203 -26.84 24.41 -15.59
C GLU A 203 -25.42 24.75 -16.02
N ARG A 204 -25.31 25.32 -17.21
CA ARG A 204 -24.05 25.86 -17.70
C ARG A 204 -24.05 27.37 -17.51
N ARG A 205 -23.06 27.89 -16.80
CA ARG A 205 -22.94 29.32 -16.59
C ARG A 205 -21.56 29.78 -17.03
N SER A 206 -21.51 30.95 -17.67
CA SER A 206 -20.25 31.52 -18.11
C SER A 206 -20.20 32.98 -17.68
N ILE A 207 -19.00 33.46 -17.35
CA ILE A 207 -18.80 34.80 -16.87
C ILE A 207 -17.70 35.47 -17.68
N ASP A 208 -17.80 36.80 -17.80
CA ASP A 208 -16.75 37.60 -18.41
C ASP A 208 -15.53 37.54 -17.50
N ARG A 209 -14.61 36.62 -17.79
CA ARG A 209 -13.49 36.36 -16.88
C ARG A 209 -12.64 37.61 -16.65
N SER A 210 -12.61 38.52 -17.61
CA SER A 210 -11.75 39.69 -17.53
C SER A 210 -12.34 40.84 -16.72
N ALA A 211 -13.47 40.62 -16.05
CA ALA A 211 -14.15 41.72 -15.37
C ALA A 211 -15.02 41.25 -14.21
N TYR A 212 -15.47 39.99 -14.26
CA TYR A 212 -16.41 39.48 -13.27
C TYR A 212 -15.86 39.62 -11.86
N TYR A 213 -14.77 38.91 -11.56
CA TYR A 213 -14.27 38.81 -10.19
C TYR A 213 -13.76 40.14 -9.63
N ASP A 214 -13.63 41.17 -10.46
CA ASP A 214 -13.14 42.48 -10.04
C ASP A 214 -11.89 42.33 -9.16
N TRP A 215 -10.82 41.84 -9.81
CA TRP A 215 -9.69 41.33 -9.05
C TRP A 215 -8.96 42.42 -8.28
N LYS A 216 -8.79 43.61 -8.88
CA LYS A 216 -7.96 44.64 -8.25
C LYS A 216 -8.41 44.92 -6.82
N ALA A 217 -9.73 45.05 -6.61
CA ALA A 217 -10.22 45.41 -5.29
C ALA A 217 -10.12 44.24 -4.30
N THR A 218 -10.44 43.03 -4.75
CA THR A 218 -10.32 41.85 -3.89
C THR A 218 -8.87 41.66 -3.44
N TRP A 219 -7.94 41.70 -4.39
CA TRP A 219 -6.53 41.56 -4.08
C TRP A 219 -6.01 42.72 -3.22
N GLY A 220 -6.53 43.93 -3.44
CA GLY A 220 -6.15 45.04 -2.58
C GLY A 220 -6.56 44.83 -1.14
N GLU A 221 -7.79 44.37 -0.92
CA GLU A 221 -8.24 44.10 0.44
C GLU A 221 -7.45 42.96 1.08
N LEU A 222 -7.20 41.90 0.31
CA LEU A 222 -6.36 40.81 0.79
C LEU A 222 -4.99 41.31 1.22
N LYS A 223 -4.35 42.12 0.39
CA LYS A 223 -3.03 42.64 0.75
C LYS A 223 -3.10 43.77 1.77
N LYS A 224 -4.30 44.26 2.09
CA LYS A 224 -4.47 45.11 3.28
C LYS A 224 -4.42 44.28 4.55
N ARG A 225 -5.08 43.12 4.57
CA ARG A 225 -5.04 42.30 5.79
C ARG A 225 -3.92 41.28 5.80
N GLN A 226 -3.17 41.14 4.72
CA GLN A 226 -1.99 40.27 4.65
C GLN A 226 -0.92 40.98 3.84
N PRO A 227 -0.29 42.01 4.41
CA PRO A 227 0.73 42.76 3.66
C PRO A 227 1.93 41.93 3.26
N GLY A 228 2.21 40.83 3.97
CA GLY A 228 3.34 39.99 3.64
C GLY A 228 3.06 38.85 2.67
N ALA A 229 1.92 38.91 1.98
CA ALA A 229 1.49 37.81 1.14
C ALA A 229 1.92 38.03 -0.31
N VAL A 230 1.77 36.97 -1.10
CA VAL A 230 2.13 36.93 -2.51
C VAL A 230 0.94 36.39 -3.29
N ILE A 231 0.57 37.08 -4.37
CA ILE A 231 -0.60 36.74 -5.16
C ILE A 231 -0.16 35.94 -6.38
N PHE A 232 -0.72 34.75 -6.54
CA PHE A 232 -0.50 33.92 -7.71
C PHE A 232 -1.72 33.94 -8.62
N SER A 233 -1.48 34.06 -9.93
CA SER A 233 -2.47 33.77 -10.95
C SER A 233 -1.76 33.90 -12.29
N ASP A 234 -2.49 33.55 -13.37
CA ASP A 234 -1.92 33.65 -14.71
C ASP A 234 -1.41 35.05 -14.99
N VAL A 235 -1.95 36.05 -14.29
CA VAL A 235 -1.47 37.42 -14.37
C VAL A 235 -0.94 37.92 -13.04
N GLY A 236 -1.30 37.26 -11.92
CA GLY A 236 -1.06 37.69 -10.56
C GLY A 236 0.06 38.68 -10.37
N PRO A 237 -0.23 39.79 -9.67
CA PRO A 237 0.77 40.86 -9.55
C PRO A 237 2.09 40.43 -8.93
N ASP A 238 2.20 39.20 -8.41
CA ASP A 238 3.42 38.76 -7.74
C ASP A 238 4.04 37.53 -8.40
N VAL A 239 3.30 36.43 -8.56
CA VAL A 239 3.82 35.22 -9.18
C VAL A 239 2.89 34.79 -10.31
N ARG A 240 3.48 34.29 -11.40
CA ARG A 240 2.74 33.85 -12.58
C ARG A 240 2.75 32.34 -12.68
N TRP A 241 1.76 31.82 -13.40
CA TRP A 241 1.73 30.42 -13.78
C TRP A 241 2.66 30.18 -14.96
N VAL A 242 3.37 29.05 -14.92
CA VAL A 242 4.36 28.74 -15.95
C VAL A 242 3.73 28.41 -17.29
N GLY A 243 2.41 28.28 -17.35
CA GLY A 243 1.74 28.00 -18.60
C GLY A 243 1.62 26.54 -18.96
N ASN A 244 1.91 25.63 -18.04
CA ASN A 244 1.76 24.20 -18.26
C ASN A 244 1.57 23.53 -16.91
N GLU A 245 1.36 22.22 -16.94
CA GLU A 245 1.30 21.41 -15.73
C GLU A 245 2.20 20.19 -15.82
N SER A 246 3.08 20.14 -16.83
CA SER A 246 3.99 19.02 -17.02
C SER A 246 5.25 19.11 -16.17
N GLY A 247 5.52 20.27 -15.56
CA GLY A 247 6.61 20.39 -14.62
C GLY A 247 7.92 20.88 -15.21
N TYR A 248 7.86 21.88 -16.08
CA TYR A 248 9.09 22.41 -16.66
C TYR A 248 8.86 23.84 -17.06
N ALA A 249 9.75 24.72 -16.62
CA ALA A 249 9.84 26.05 -17.21
C ALA A 249 10.81 26.01 -18.39
N GLY A 250 10.74 27.06 -19.21
CA GLY A 250 11.57 27.14 -20.39
C GLY A 250 12.78 28.01 -20.12
N TYR A 251 13.92 27.63 -20.70
CA TYR A 251 15.13 28.40 -20.56
C TYR A 251 15.39 29.16 -21.84
N PRO A 252 15.54 30.49 -21.81
CA PRO A 252 15.56 31.35 -20.62
C PRO A 252 14.19 31.53 -19.97
N CYS A 253 14.15 31.56 -18.64
CA CYS A 253 12.91 31.77 -17.90
C CYS A 253 13.02 33.10 -17.18
N TRP A 254 12.83 34.18 -17.93
CA TRP A 254 12.94 35.52 -17.37
C TRP A 254 11.92 35.71 -16.26
N ALA A 255 12.33 36.37 -15.18
CA ALA A 255 11.37 36.69 -14.13
C ALA A 255 10.40 37.77 -14.59
N THR A 256 10.83 38.66 -15.47
CA THR A 256 9.97 39.73 -15.94
C THR A 256 8.89 39.16 -16.87
N TYR A 257 7.74 39.82 -16.89
CA TYR A 257 6.60 39.29 -17.62
C TYR A 257 5.63 40.42 -17.94
N THR A 258 5.15 40.43 -19.18
CA THR A 258 4.14 41.38 -19.63
C THR A 258 2.97 40.60 -20.22
N PRO A 259 1.91 40.37 -19.44
CA PRO A 259 0.78 39.58 -19.95
C PRO A 259 0.11 40.25 -21.12
N VAL A 260 -0.17 39.48 -22.16
CA VAL A 260 -0.96 39.91 -23.30
C VAL A 260 -2.21 39.04 -23.38
N PRO A 261 -3.37 39.60 -23.71
CA PRO A 261 -4.62 38.83 -23.63
C PRO A 261 -4.78 37.87 -24.81
N LEU A 262 -5.57 36.82 -24.56
CA LEU A 262 -5.98 35.92 -25.63
C LEU A 262 -6.73 36.67 -26.71
N GLN A 263 -7.85 37.28 -26.34
CA GLN A 263 -8.63 38.13 -27.24
C GLN A 263 -8.03 39.53 -27.19
N ALA A 264 -7.46 39.96 -28.31
CA ALA A 264 -6.81 41.27 -28.37
C ALA A 264 -7.77 42.37 -27.95
N GLY A 265 -7.34 43.18 -26.98
CA GLY A 265 -8.12 44.30 -26.49
C GLY A 265 -8.61 44.13 -25.07
N THR A 266 -8.94 42.90 -24.67
CA THR A 266 -9.46 42.68 -23.33
C THR A 266 -8.40 43.03 -22.29
N GLU A 267 -8.82 43.04 -21.03
CA GLU A 267 -7.85 43.39 -19.99
C GLU A 267 -7.29 42.12 -19.37
N PRO A 268 -5.97 42.00 -19.19
CA PRO A 268 -5.41 40.73 -18.74
C PRO A 268 -5.91 40.33 -17.36
N ALA A 269 -6.26 39.06 -17.23
CA ALA A 269 -6.86 38.53 -16.01
C ALA A 269 -6.66 37.03 -16.00
N PRO A 270 -6.73 36.39 -14.82
CA PRO A 270 -6.61 34.93 -14.77
C PRO A 270 -7.54 34.21 -15.74
N GLY A 271 -6.95 33.54 -16.73
CA GLY A 271 -7.72 32.80 -17.70
C GLY A 271 -8.00 33.52 -19.00
N THR A 272 -7.46 34.74 -19.19
CA THR A 272 -7.73 35.53 -20.38
C THR A 272 -6.44 36.04 -21.00
N VAL A 273 -5.34 35.32 -20.83
CA VAL A 273 -4.04 35.74 -21.33
C VAL A 273 -3.42 34.61 -22.14
N ARG A 274 -2.56 35.00 -23.09
CA ARG A 274 -1.81 34.02 -23.87
C ARG A 274 -0.84 33.29 -22.95
N TYR A 275 -1.30 32.17 -22.37
CA TYR A 275 -0.62 31.64 -21.20
C TYR A 275 0.66 30.89 -21.54
N ARG A 276 0.79 30.39 -22.77
CA ARG A 276 2.02 29.69 -23.14
C ARG A 276 3.22 30.63 -23.13
N LEU A 277 3.00 31.93 -23.25
CA LEU A 277 4.08 32.89 -23.12
C LEU A 277 4.67 32.93 -21.72
N GLY A 278 3.99 32.38 -20.72
CA GLY A 278 4.47 32.34 -19.36
C GLY A 278 5.47 31.25 -19.06
N THR A 279 5.87 30.49 -20.08
CA THR A 279 6.87 29.45 -19.91
C THR A 279 8.29 29.99 -20.01
N GLU A 280 8.51 31.06 -20.77
CA GLU A 280 9.80 31.71 -20.84
C GLU A 280 9.78 33.13 -20.31
N GLY A 281 8.62 33.71 -20.04
CA GLY A 281 8.60 35.10 -19.64
C GLY A 281 8.91 36.02 -20.81
N THR A 282 9.11 37.30 -20.47
CA THR A 282 9.37 38.34 -21.46
C THR A 282 10.73 38.98 -21.21
N MET A 283 11.45 39.23 -22.29
CA MET A 283 12.86 39.62 -22.24
C MET A 283 13.08 40.82 -21.34
N ASP A 284 12.69 42.00 -21.79
CA ASP A 284 12.84 43.21 -21.01
C ASP A 284 11.48 43.65 -20.47
N GLY A 285 10.85 42.81 -19.66
CA GLY A 285 9.48 43.05 -19.25
C GLY A 285 9.30 44.34 -18.47
N LYS A 286 8.04 44.76 -18.38
CA LYS A 286 7.65 45.96 -17.64
C LYS A 286 7.38 45.66 -16.18
N TYR A 287 6.95 44.43 -15.86
CA TYR A 287 6.65 44.04 -14.50
C TYR A 287 7.55 42.85 -14.12
N TRP A 288 7.56 42.55 -12.82
CA TRP A 288 8.37 41.46 -12.26
C TRP A 288 7.42 40.40 -11.71
N ILE A 289 6.98 39.49 -12.58
CA ILE A 289 6.14 38.39 -12.12
C ILE A 289 6.86 37.08 -12.39
N PRO A 290 7.73 36.63 -11.47
CA PRO A 290 8.44 35.37 -11.67
C PRO A 290 7.49 34.17 -11.70
N ALA A 291 8.02 33.03 -12.13
CA ALA A 291 7.21 31.88 -12.51
C ALA A 291 7.21 30.78 -11.46
N GLU A 292 6.03 30.20 -11.25
CA GLU A 292 5.83 29.01 -10.43
C GLU A 292 5.55 27.84 -11.34
N VAL A 293 6.25 26.74 -11.12
CA VAL A 293 6.02 25.50 -11.85
C VAL A 293 5.21 24.61 -10.92
N ASP A 294 3.90 24.64 -11.07
CA ASP A 294 3.03 23.73 -10.35
C ASP A 294 2.97 22.40 -11.10
N VAL A 295 3.13 21.31 -10.35
CA VAL A 295 3.16 19.98 -10.96
C VAL A 295 2.87 18.98 -9.85
N SER A 296 2.26 17.86 -10.22
CA SER A 296 1.83 16.86 -9.26
C SER A 296 2.81 15.69 -9.26
N ILE A 297 3.00 15.10 -8.08
CA ILE A 297 3.82 13.91 -7.98
C ILE A 297 3.17 12.73 -8.69
N ARG A 298 1.89 12.84 -9.01
CA ARG A 298 1.11 11.82 -9.69
C ARG A 298 0.51 12.42 -10.95
N PRO A 299 -0.05 11.58 -11.84
CA PRO A 299 -0.70 12.16 -13.03
C PRO A 299 -1.81 13.12 -12.70
N GLY A 300 -2.68 12.76 -11.76
CA GLY A 300 -3.76 13.62 -11.33
C GLY A 300 -3.41 14.44 -10.11
N TRP A 301 -4.12 15.57 -9.96
CA TRP A 301 -3.84 16.45 -8.83
C TRP A 301 -4.34 15.87 -7.51
N PHE A 302 -5.34 15.01 -7.54
CA PHE A 302 -5.83 14.44 -6.29
C PHE A 302 -5.39 12.99 -6.20
N TRP A 303 -5.54 12.44 -5.00
CA TRP A 303 -5.13 11.06 -4.77
C TRP A 303 -6.03 10.09 -5.52
N HIS A 304 -5.41 9.12 -6.19
CA HIS A 304 -6.15 8.04 -6.84
C HIS A 304 -5.40 6.76 -6.54
N GLU A 305 -6.14 5.70 -6.17
CA GLU A 305 -5.49 4.44 -5.85
C GLU A 305 -4.80 3.84 -7.08
N HIS A 306 -5.46 3.88 -8.23
CA HIS A 306 -4.86 3.30 -9.43
C HIS A 306 -3.66 4.09 -9.92
N GLU A 307 -3.28 5.18 -9.25
CA GLU A 307 -2.05 5.90 -9.57
C GLU A 307 -0.95 5.67 -8.54
N ASN A 308 -1.16 4.74 -7.60
CA ASN A 308 -0.08 4.40 -6.68
C ASN A 308 1.16 3.91 -7.42
N SER A 309 0.96 3.29 -8.58
CA SER A 309 2.05 2.79 -9.40
C SER A 309 2.60 3.84 -10.37
N ARG A 310 2.11 5.07 -10.33
CA ARG A 310 2.60 6.10 -11.24
C ARG A 310 3.15 7.33 -10.49
N VAL A 311 3.66 7.12 -9.27
CA VAL A 311 4.26 8.21 -8.50
C VAL A 311 5.65 8.50 -9.05
N ARG A 312 5.97 9.78 -9.21
CA ARG A 312 7.25 10.19 -9.77
C ARG A 312 8.41 9.69 -8.92
N THR A 313 9.39 9.05 -9.56
CA THR A 313 10.58 8.58 -8.87
C THR A 313 11.44 9.75 -8.39
N PRO A 314 12.30 9.51 -7.39
CA PRO A 314 13.21 10.58 -6.94
C PRO A 314 14.08 11.15 -8.06
N GLU A 315 14.55 10.31 -8.99
CA GLU A 315 15.34 10.81 -10.10
C GLU A 315 14.52 11.75 -10.96
N ASN A 316 13.25 11.38 -11.19
CA ASN A 316 12.31 12.25 -11.87
C ASN A 316 12.13 13.55 -11.10
N LEU A 317 11.95 13.47 -9.78
CA LEU A 317 11.74 14.71 -9.02
C LEU A 317 12.97 15.61 -9.07
N LEU A 318 14.19 15.02 -9.15
CA LEU A 318 15.40 15.82 -9.27
C LEU A 318 15.53 16.45 -10.65
N LYS A 319 15.18 15.69 -11.69
CA LYS A 319 15.10 16.26 -13.04
C LYS A 319 14.10 17.40 -13.09
N LEU A 320 12.97 17.22 -12.40
CA LEU A 320 11.95 18.25 -12.29
C LEU A 320 12.48 19.47 -11.56
N TYR A 321 13.25 19.23 -10.49
CA TYR A 321 13.90 20.29 -9.74
C TYR A 321 14.83 21.10 -10.61
N PHE A 322 15.59 20.43 -11.47
CA PHE A 322 16.44 21.22 -12.37
C PHE A 322 15.58 22.00 -13.35
N ASP A 323 14.72 21.31 -14.09
CA ASP A 323 13.91 21.95 -15.12
C ASP A 323 12.96 23.02 -14.57
N SER A 324 12.83 23.14 -13.25
CA SER A 324 12.07 24.24 -12.66
C SER A 324 12.96 25.18 -11.87
N VAL A 325 13.49 24.75 -10.72
CA VAL A 325 14.30 25.62 -9.88
C VAL A 325 15.55 26.08 -10.63
N GLY A 326 16.28 25.15 -11.25
CA GLY A 326 17.54 25.51 -11.85
C GLY A 326 17.45 26.28 -13.15
N ARG A 327 16.24 26.71 -13.53
CA ARG A 327 16.08 27.58 -14.68
C ARG A 327 15.70 29.00 -14.30
N GLY A 328 15.48 29.27 -13.01
CA GLY A 328 15.13 30.59 -12.54
C GLY A 328 13.75 30.69 -11.95
N ALA A 329 12.95 29.63 -12.03
CA ALA A 329 11.61 29.62 -11.50
C ALA A 329 11.60 28.94 -10.13
N ASN A 330 10.41 28.81 -9.55
CA ASN A 330 10.26 28.08 -8.31
C ASN A 330 9.38 26.87 -8.53
N LEU A 331 9.48 25.89 -7.65
CA LEU A 331 8.79 24.62 -7.80
C LEU A 331 7.64 24.50 -6.81
N ASN A 332 6.53 23.93 -7.26
CA ASN A 332 5.35 23.68 -6.43
C ASN A 332 4.89 22.25 -6.72
N LEU A 333 5.37 21.32 -5.90
CA LEU A 333 5.05 19.91 -6.06
C LEU A 333 3.77 19.59 -5.28
N ASN A 334 2.84 18.91 -5.93
CA ASN A 334 1.57 18.51 -5.34
C ASN A 334 1.72 17.12 -4.75
N VAL A 335 1.36 16.97 -3.49
CA VAL A 335 1.31 15.66 -2.85
C VAL A 335 -0.08 15.47 -2.28
N PRO A 336 -0.93 14.70 -2.96
CA PRO A 336 -2.33 14.60 -2.54
C PRO A 336 -2.51 13.53 -1.48
N PRO A 337 -2.99 13.89 -0.29
CA PRO A 337 -3.27 12.89 0.72
C PRO A 337 -4.33 11.95 0.23
N ASP A 338 -4.19 10.70 0.63
CA ASP A 338 -5.25 9.78 0.27
C ASP A 338 -6.45 10.06 1.15
N ARG A 339 -7.49 9.32 0.89
CA ARG A 339 -8.71 9.43 1.64
C ARG A 339 -8.62 8.68 2.99
N ARG A 340 -7.37 8.36 3.37
CA ARG A 340 -7.00 8.02 4.74
C ARG A 340 -6.53 9.27 5.49
N GLY A 341 -6.32 10.35 4.77
CA GLY A 341 -5.84 11.58 5.32
C GLY A 341 -4.35 11.69 5.45
N ARG A 342 -3.59 10.77 4.85
CA ARG A 342 -2.14 10.75 4.99
C ARG A 342 -1.49 10.76 3.61
N ILE A 343 -0.25 11.25 3.56
CA ILE A 343 0.55 11.06 2.36
C ILE A 343 0.81 9.57 2.20
N HIS A 344 0.54 9.05 1.02
CA HIS A 344 0.63 7.62 0.78
C HIS A 344 2.09 7.17 0.88
N GLU A 345 2.28 5.87 1.12
CA GLU A 345 3.62 5.34 1.38
C GLU A 345 4.54 5.52 0.17
N GLU A 346 4.03 5.32 -1.04
CA GLU A 346 4.83 5.54 -2.23
C GLU A 346 5.29 6.99 -2.32
N ASP A 347 4.39 7.93 -2.05
CA ASP A 347 4.75 9.34 -2.09
C ASP A 347 5.86 9.64 -1.09
N LYS A 348 5.75 9.09 0.12
CA LYS A 348 6.78 9.32 1.15
C LYS A 348 8.11 8.72 0.74
N LYS A 349 8.08 7.51 0.17
CA LYS A 349 9.29 6.89 -0.33
C LYS A 349 9.98 7.78 -1.36
N SER A 350 9.19 8.28 -2.32
CA SER A 350 9.77 9.13 -3.37
C SER A 350 10.28 10.45 -2.80
N LEU A 351 9.55 11.05 -1.85
CA LEU A 351 10.00 12.31 -1.25
C LEU A 351 11.28 12.12 -0.44
N ALA A 352 11.39 11.02 0.30
CA ALA A 352 12.61 10.74 1.04
C ALA A 352 13.78 10.54 0.10
N GLY A 353 13.57 9.77 -0.98
CA GLY A 353 14.62 9.63 -1.98
C GLY A 353 15.02 10.97 -2.58
N PHE A 354 14.04 11.81 -2.88
CA PHE A 354 14.32 13.13 -3.46
C PHE A 354 15.15 13.99 -2.51
N ARG A 355 14.85 13.92 -1.21
CA ARG A 355 15.66 14.66 -0.24
C ARG A 355 17.08 14.12 -0.18
N VAL A 356 17.25 12.79 -0.19
CA VAL A 356 18.57 12.21 -0.23
C VAL A 356 19.35 12.71 -1.45
N LEU A 357 18.68 12.80 -2.60
CA LEU A 357 19.36 13.21 -3.82
C LEU A 357 19.73 14.69 -3.79
N LEU A 358 18.82 15.55 -3.30
CA LEU A 358 19.17 16.96 -3.15
C LEU A 358 20.31 17.15 -2.15
N ASP A 359 20.36 16.31 -1.11
CA ASP A 359 21.45 16.43 -0.15
C ASP A 359 22.77 16.04 -0.77
N GLU A 360 22.80 14.95 -1.53
CA GLU A 360 24.04 14.60 -2.24
C GLU A 360 24.44 15.68 -3.21
N LEU A 361 23.48 16.27 -3.93
CA LEU A 361 23.81 17.33 -4.87
C LEU A 361 24.58 18.45 -4.20
N TYR A 362 24.17 18.84 -3.00
CA TYR A 362 24.80 19.95 -2.28
C TYR A 362 25.71 19.47 -1.17
N SER A 363 26.29 18.27 -1.29
CA SER A 363 27.23 17.77 -0.29
C SER A 363 28.52 18.58 -0.31
N ARG A 364 29.11 18.75 -1.50
CA ARG A 364 30.37 19.46 -1.65
C ARG A 364 30.20 20.59 -2.65
N ASN A 365 30.42 21.82 -2.19
CA ASN A 365 30.56 22.98 -3.06
C ASN A 365 32.01 23.05 -3.51
N PHE A 366 32.27 22.71 -4.77
CA PHE A 366 33.62 22.68 -5.31
C PHE A 366 34.18 24.08 -5.56
N ALA A 367 33.45 25.13 -5.20
CA ALA A 367 33.96 26.49 -5.23
C ALA A 367 34.34 27.02 -3.85
N SER A 368 33.73 26.52 -2.79
CA SER A 368 34.08 26.96 -1.44
C SER A 368 35.51 26.52 -1.13
N GLY A 369 36.39 27.49 -0.94
CA GLY A 369 37.82 27.25 -0.85
C GLY A 369 38.60 27.75 -2.05
N ALA A 370 37.91 28.24 -3.08
CA ALA A 370 38.55 28.75 -4.28
C ALA A 370 38.87 30.24 -4.14
N GLN A 371 39.75 30.70 -5.00
CA GLN A 371 39.99 32.14 -5.16
C GLN A 371 39.16 32.68 -6.30
N ALA A 372 38.69 33.92 -6.14
CA ALA A 372 37.87 34.59 -7.14
C ALA A 372 38.62 35.80 -7.66
N GLU A 373 38.68 35.91 -8.98
CA GLU A 373 39.26 37.06 -9.66
C GLU A 373 38.21 37.61 -10.62
N SER A 374 38.38 38.86 -11.05
CA SER A 374 37.41 39.48 -11.94
C SER A 374 38.13 40.38 -12.94
N SER A 375 37.55 40.48 -14.14
CA SER A 375 38.06 41.42 -15.13
C SER A 375 38.04 42.86 -14.61
N SER A 376 37.06 43.19 -13.78
CA SER A 376 37.00 44.52 -13.15
C SER A 376 36.15 44.41 -11.90
N SER A 377 36.07 45.52 -11.16
CA SER A 377 35.21 45.60 -9.98
C SER A 377 34.69 47.03 -9.86
N TRP A 378 33.74 47.21 -8.94
CA TRP A 378 33.10 48.51 -8.74
C TRP A 378 32.88 48.74 -7.26
N LYS A 379 33.55 49.77 -6.71
CA LYS A 379 33.25 50.31 -5.38
C LYS A 379 33.19 49.23 -4.29
N GLY A 380 34.10 48.27 -4.35
CA GLY A 380 34.26 47.31 -3.28
C GLY A 380 33.54 46.00 -3.44
N HIS A 381 32.59 45.90 -4.36
CA HIS A 381 31.91 44.63 -4.63
C HIS A 381 32.85 43.79 -5.49
N GLY A 382 33.73 43.02 -4.83
CA GLY A 382 34.74 42.24 -5.51
C GLY A 382 34.27 40.84 -5.86
N ALA A 383 35.11 40.13 -6.62
CA ALA A 383 34.75 38.80 -7.10
C ALA A 383 34.44 37.85 -5.95
N GLU A 384 35.30 37.86 -4.92
CA GLU A 384 35.16 37.03 -3.72
C GLU A 384 33.73 36.96 -3.20
N GLN A 385 32.97 38.03 -3.43
CA GLN A 385 31.61 38.16 -2.91
C GLN A 385 30.64 37.14 -3.49
N VAL A 386 31.06 36.28 -4.43
CA VAL A 386 30.14 35.29 -5.00
C VAL A 386 30.30 33.91 -4.35
N LEU A 387 31.24 33.75 -3.42
CA LEU A 387 31.52 32.44 -2.85
C LEU A 387 30.67 32.09 -1.64
N ASP A 388 30.07 33.08 -0.98
CA ASP A 388 29.28 32.80 0.21
C ASP A 388 27.84 32.40 -0.11
N ARG A 389 27.50 32.27 -1.39
CA ARG A 389 26.17 31.83 -1.84
C ARG A 389 25.05 32.75 -1.38
N LYS A 390 25.35 33.72 -0.52
CA LYS A 390 24.29 34.59 -0.03
C LYS A 390 23.87 35.55 -1.13
N ARG A 391 22.57 35.68 -1.32
CA ARG A 391 22.03 36.53 -2.37
C ARG A 391 22.15 38.01 -2.05
N THR A 392 22.44 38.36 -0.79
CA THR A 392 22.58 39.74 -0.33
C THR A 392 23.97 40.33 -0.56
N THR A 393 24.98 39.51 -0.85
CA THR A 393 26.34 39.95 -1.12
C THR A 393 26.68 39.62 -2.57
N TYR A 394 27.29 40.56 -3.27
CA TYR A 394 27.41 40.40 -4.71
C TYR A 394 28.61 41.14 -5.28
N TRP A 395 29.05 40.67 -6.44
CA TRP A 395 30.03 41.32 -7.30
C TRP A 395 29.34 42.14 -8.37
N VAL A 396 29.90 43.31 -8.66
CA VAL A 396 29.41 44.17 -9.74
C VAL A 396 30.60 44.59 -10.61
N ALA A 397 30.41 44.56 -11.92
CA ALA A 397 31.44 44.98 -12.84
C ALA A 397 31.45 46.50 -12.96
N ALA A 398 32.45 47.01 -13.67
CA ALA A 398 32.49 48.45 -13.88
C ALA A 398 31.82 48.79 -15.22
N PRO A 399 31.14 49.93 -15.30
CA PRO A 399 30.47 50.30 -16.56
C PRO A 399 31.48 50.64 -17.65
N GLU A 400 32.39 49.71 -17.94
CA GLU A 400 33.55 50.02 -18.78
C GLU A 400 33.89 48.85 -19.70
N ASP A 401 34.30 47.72 -19.13
CA ASP A 401 34.64 46.56 -19.95
C ASP A 401 33.39 45.93 -20.54
N LYS A 402 33.32 45.87 -21.87
CA LYS A 402 32.17 45.27 -22.51
C LYS A 402 32.16 43.75 -22.39
N HIS A 403 33.24 43.15 -21.89
CA HIS A 403 33.32 41.71 -21.68
C HIS A 403 33.68 41.42 -20.22
N PRO A 404 32.73 41.60 -19.31
CA PRO A 404 33.01 41.29 -17.90
C PRO A 404 33.11 39.79 -17.68
N CYS A 405 33.96 39.42 -16.72
CA CYS A 405 34.30 38.02 -16.50
C CYS A 405 34.60 37.81 -15.03
N VAL A 406 34.41 36.57 -14.57
CA VAL A 406 34.76 36.14 -13.22
C VAL A 406 35.45 34.79 -13.29
N VAL A 407 36.59 34.66 -12.62
CA VAL A 407 37.41 33.46 -12.66
C VAL A 407 37.47 32.87 -11.26
N LEU A 408 37.26 31.56 -11.17
CA LEU A 408 37.46 30.82 -9.93
C LEU A 408 38.63 29.85 -10.15
N LYS A 409 39.66 29.98 -9.30
CA LYS A 409 40.77 29.05 -9.28
C LYS A 409 40.62 28.14 -8.07
N LEU A 410 40.78 26.84 -8.29
CA LEU A 410 40.49 25.80 -7.31
C LEU A 410 41.78 25.27 -6.68
N PRO A 411 41.69 24.63 -5.51
CA PRO A 411 42.92 24.12 -4.87
C PRO A 411 43.55 22.95 -5.59
N GLU A 412 42.77 22.10 -6.23
CA GLU A 412 43.29 21.03 -7.07
C GLU A 412 42.22 20.69 -8.09
N PRO A 413 42.59 19.97 -9.15
CA PRO A 413 41.56 19.47 -10.07
C PRO A 413 40.48 18.71 -9.32
N ALA A 414 39.23 19.04 -9.62
CA ALA A 414 38.08 18.48 -8.94
C ALA A 414 37.10 17.96 -9.96
N ALA A 415 36.38 16.91 -9.60
CA ALA A 415 35.43 16.25 -10.49
C ALA A 415 34.04 16.81 -10.23
N PHE A 416 33.49 17.52 -11.21
CA PHE A 416 32.15 18.08 -11.07
C PHE A 416 31.51 18.22 -12.45
N ASP A 417 30.21 18.58 -12.44
CA ASP A 417 29.45 18.65 -13.69
C ASP A 417 28.28 19.63 -13.64
N VAL A 418 28.13 20.44 -12.58
CA VAL A 418 27.01 21.37 -12.43
C VAL A 418 27.53 22.69 -11.91
N ILE A 419 27.13 23.78 -12.53
CA ILE A 419 27.40 25.11 -12.00
C ILE A 419 26.07 25.74 -11.60
N ARG A 420 26.13 26.61 -10.60
CA ARG A 420 24.99 27.37 -10.11
C ARG A 420 25.37 28.84 -10.09
N LEU A 421 24.55 29.66 -10.74
CA LEU A 421 24.80 31.09 -10.85
C LEU A 421 23.62 31.86 -10.27
N ALA A 422 23.89 33.02 -9.70
CA ALA A 422 22.82 33.84 -9.13
C ALA A 422 23.24 35.30 -9.10
N GLU A 423 22.23 36.22 -9.36
CA GLU A 423 22.18 37.67 -9.42
C GLU A 423 21.50 38.27 -8.20
N PRO A 424 21.93 39.46 -7.77
CA PRO A 424 21.17 40.21 -6.77
C PRO A 424 19.87 40.77 -7.36
N ILE A 425 18.84 39.92 -7.43
CA ILE A 425 17.63 40.29 -8.17
C ILE A 425 16.96 41.52 -7.58
N GLN A 426 17.18 41.80 -6.30
CA GLN A 426 16.63 43.03 -5.70
C GLN A 426 17.06 44.27 -6.45
N LEU A 427 18.15 44.19 -7.22
CA LEU A 427 18.63 45.31 -8.03
C LEU A 427 18.18 45.23 -9.48
N GLY A 428 17.53 44.13 -9.88
CA GLY A 428 17.04 43.92 -11.22
C GLY A 428 17.55 42.63 -11.80
N GLN A 429 17.24 42.40 -13.08
CA GLN A 429 17.75 41.26 -13.83
C GLN A 429 18.49 41.80 -15.04
N ARG A 430 19.78 41.50 -15.11
CA ARG A 430 20.66 42.20 -16.04
C ARG A 430 21.29 41.30 -17.10
N VAL A 431 21.78 40.11 -16.73
CA VAL A 431 22.47 39.26 -17.69
C VAL A 431 21.49 38.83 -18.78
N ARG A 432 21.97 38.81 -20.01
CA ARG A 432 21.16 38.46 -21.17
C ARG A 432 21.75 37.31 -21.97
N LYS A 433 23.07 37.24 -22.10
CA LYS A 433 23.73 36.13 -22.77
C LYS A 433 25.06 35.90 -22.05
N PHE A 434 25.39 34.64 -21.81
CA PHE A 434 26.57 34.39 -20.97
C PHE A 434 27.12 33.00 -21.30
N ARG A 435 28.41 32.83 -21.04
CA ARG A 435 29.05 31.53 -21.22
C ARG A 435 29.90 31.18 -20.01
N VAL A 436 30.24 29.90 -19.92
CA VAL A 436 31.04 29.35 -18.84
C VAL A 436 32.09 28.43 -19.44
N GLU A 437 33.36 28.75 -19.22
CA GLU A 437 34.50 28.02 -19.71
C GLU A 437 35.17 27.29 -18.55
N VAL A 438 35.75 26.13 -18.82
CA VAL A 438 36.45 25.38 -17.78
C VAL A 438 37.88 25.14 -18.22
N ARG A 439 38.74 24.95 -17.23
CA ARG A 439 40.18 24.77 -17.45
C ARG A 439 40.52 23.32 -17.14
N GLU A 440 40.93 22.59 -18.18
CA GLU A 440 41.35 21.19 -18.04
C GLU A 440 42.75 21.00 -18.59
N ASN A 441 43.56 20.24 -17.84
CA ASN A 441 44.92 19.90 -18.25
C ASN A 441 45.72 21.13 -18.63
N GLY A 442 45.43 22.25 -17.96
CA GLY A 442 46.10 23.50 -18.21
C GLY A 442 45.47 24.37 -19.28
N GLN A 443 44.57 23.81 -20.08
CA GLN A 443 43.95 24.51 -21.20
C GLN A 443 42.48 24.80 -20.91
N TRP A 444 42.00 25.91 -21.45
CA TRP A 444 40.61 26.33 -21.30
C TRP A 444 39.81 25.95 -22.53
N SER A 445 38.58 25.47 -22.30
CA SER A 445 37.61 25.23 -23.36
C SER A 445 36.24 25.64 -22.86
N LYS A 446 35.32 25.88 -23.79
CA LYS A 446 33.98 26.31 -23.41
C LYS A 446 33.16 25.11 -22.97
N TRP A 447 32.40 25.28 -21.87
CA TRP A 447 31.73 24.19 -21.18
C TRP A 447 30.20 24.30 -21.23
N THR A 448 29.65 25.49 -20.98
CA THR A 448 28.21 25.66 -21.11
C THR A 448 27.91 27.13 -21.40
N GLU A 449 26.63 27.42 -21.63
CA GLU A 449 26.21 28.76 -22.00
C GLU A 449 24.73 28.90 -21.73
N GLY A 450 24.23 30.13 -21.86
CA GLY A 450 22.82 30.36 -21.65
C GLY A 450 22.47 31.82 -21.76
N ALA A 451 21.26 32.15 -21.30
CA ALA A 451 20.69 33.48 -21.47
C ALA A 451 20.36 34.15 -20.15
N SER A 452 19.54 33.55 -19.31
CA SER A 452 19.04 34.20 -18.10
C SER A 452 19.69 33.63 -16.85
N ILE A 453 19.75 34.47 -15.81
CA ILE A 453 20.22 34.04 -14.49
C ILE A 453 19.08 34.22 -13.50
N GLY A 454 18.76 35.47 -13.20
CA GLY A 454 17.69 35.76 -12.26
C GLY A 454 17.98 35.23 -10.88
N ALA A 455 16.95 34.64 -10.27
CA ALA A 455 17.06 34.14 -8.91
C ALA A 455 18.19 33.12 -8.77
N ARG A 456 18.30 32.21 -9.73
CA ARG A 456 19.29 31.13 -9.71
C ARG A 456 19.20 30.38 -11.03
N VAL A 457 20.30 29.77 -11.44
CA VAL A 457 20.31 28.88 -12.60
C VAL A 457 21.28 27.75 -12.34
N LEU A 458 20.83 26.51 -12.60
CA LEU A 458 21.65 25.31 -12.51
C LEU A 458 21.94 24.84 -13.93
N LEU A 459 23.21 24.92 -14.34
CA LEU A 459 23.65 24.46 -15.64
C LEU A 459 24.38 23.13 -15.48
N LYS A 460 23.89 22.10 -16.16
CA LYS A 460 24.52 20.79 -16.18
C LYS A 460 25.26 20.60 -17.49
N GLY A 461 26.54 20.26 -17.39
CA GLY A 461 27.35 20.06 -18.57
C GLY A 461 28.03 18.71 -18.58
N ARG A 462 29.01 18.55 -19.47
CA ARG A 462 29.77 17.31 -19.53
C ARG A 462 30.56 17.13 -18.24
N PRO A 463 30.72 15.89 -17.76
CA PRO A 463 31.49 15.67 -16.52
C PRO A 463 32.95 16.04 -16.74
N VAL A 464 33.48 16.88 -15.87
CA VAL A 464 34.83 17.42 -16.04
C VAL A 464 35.63 17.26 -14.76
N THR A 465 36.96 17.20 -14.94
CA THR A 465 37.94 17.28 -13.85
C THR A 465 38.76 18.54 -14.10
N ALA A 466 38.49 19.57 -13.32
CA ALA A 466 38.99 20.91 -13.64
C ALA A 466 39.38 21.66 -12.37
N ASP A 467 40.26 22.65 -12.54
CA ASP A 467 40.68 23.55 -11.48
C ASP A 467 40.61 24.99 -11.94
N GLY A 468 39.58 25.33 -12.71
CA GLY A 468 39.39 26.70 -13.16
C GLY A 468 38.05 26.90 -13.88
N VAL A 469 37.30 27.93 -13.48
CA VAL A 469 35.98 28.21 -14.04
C VAL A 469 35.86 29.69 -14.38
N ARG A 470 35.47 30.00 -15.62
CA ARG A 470 35.27 31.38 -16.04
C ARG A 470 33.82 31.60 -16.44
N VAL A 471 33.17 32.56 -15.78
CA VAL A 471 31.84 33.03 -16.16
C VAL A 471 32.02 34.33 -16.93
N VAL A 472 31.60 34.34 -18.20
CA VAL A 472 31.76 35.48 -19.09
C VAL A 472 30.38 36.03 -19.40
N LEU A 473 30.16 37.31 -19.05
CA LEU A 473 28.86 37.96 -19.22
C LEU A 473 28.88 38.68 -20.55
N GLU A 474 28.45 37.99 -21.62
CA GLU A 474 28.63 38.50 -22.96
C GLU A 474 27.87 39.79 -23.20
N GLN A 475 26.61 39.86 -22.76
CA GLN A 475 25.81 41.06 -22.99
C GLN A 475 24.81 41.22 -21.85
N SER A 476 24.47 42.48 -21.56
CA SER A 476 23.59 42.83 -20.46
C SER A 476 23.14 44.27 -20.63
N ARG A 477 21.87 44.55 -20.28
CA ARG A 477 21.34 45.90 -20.46
C ARG A 477 21.85 46.88 -19.42
N ALA A 478 21.93 46.46 -18.17
CA ALA A 478 22.54 47.27 -17.12
C ALA A 478 23.85 46.62 -16.69
N VAL A 479 24.68 47.41 -16.00
CA VAL A 479 25.98 46.94 -15.54
C VAL A 479 25.81 45.66 -14.72
N PRO A 480 26.39 44.55 -15.16
CA PRO A 480 26.01 43.24 -14.60
C PRO A 480 26.46 43.07 -13.16
N ALA A 481 25.95 42.00 -12.55
CA ALA A 481 26.22 41.70 -11.15
C ALA A 481 25.85 40.26 -10.85
N LEU A 482 26.68 39.59 -10.05
CA LEU A 482 26.44 38.22 -9.62
C LEU A 482 26.61 38.13 -8.11
N CYS A 483 25.71 37.36 -7.47
CA CYS A 483 25.78 37.14 -6.03
C CYS A 483 26.17 35.71 -5.67
N GLU A 484 26.17 34.78 -6.61
CA GLU A 484 26.58 33.41 -6.33
C GLU A 484 27.20 32.78 -7.56
N VAL A 485 28.36 32.13 -7.36
CA VAL A 485 28.94 31.19 -8.32
C VAL A 485 29.38 29.98 -7.52
N SER A 486 28.71 28.85 -7.71
CA SER A 486 29.04 27.64 -6.95
C SER A 486 29.08 26.44 -7.87
N LEU A 487 29.80 25.40 -7.43
CA LEU A 487 30.07 24.23 -8.26
C LEU A 487 29.61 22.98 -7.53
N TRP A 488 29.06 22.02 -8.28
CA TRP A 488 28.35 20.89 -7.71
C TRP A 488 28.51 19.68 -8.62
N LYS A 489 28.42 18.49 -8.04
CA LYS A 489 28.40 17.24 -8.80
C LYS A 489 26.98 16.68 -8.79
N TYR A 490 26.45 16.43 -9.97
CA TYR A 490 25.09 15.89 -10.08
C TYR A 490 25.08 14.45 -9.58
N PRO A 491 24.15 14.09 -8.71
CA PRO A 491 24.13 12.74 -8.14
C PRO A 491 24.13 11.64 -9.18
N VAL A 492 24.78 10.53 -8.85
CA VAL A 492 24.93 9.43 -9.79
C VAL A 492 23.60 8.68 -9.90
N ILE A 493 23.14 8.48 -11.12
CA ILE A 493 21.93 7.70 -11.37
C ILE A 493 22.31 6.23 -11.24
N LEU A 494 21.77 5.55 -10.23
CA LEU A 494 22.10 4.14 -10.03
C LEU A 494 21.10 3.28 -10.79
N ASN A 495 21.43 3.03 -12.06
CA ASN A 495 20.66 2.10 -12.87
C ASN A 495 20.99 0.68 -12.47
N ALA A 496 19.99 -0.19 -12.48
CA ALA A 496 20.18 -1.59 -12.12
C ALA A 496 21.27 -2.23 -12.96
N PRO A 497 21.99 -3.21 -12.42
CA PRO A 497 23.11 -3.78 -13.18
C PRO A 497 22.64 -4.63 -14.34
N ALA A 498 23.36 -4.52 -15.45
CA ALA A 498 23.14 -5.42 -16.57
C ALA A 498 23.82 -6.75 -16.27
N VAL A 499 23.07 -7.84 -16.46
CA VAL A 499 23.55 -9.20 -16.22
C VAL A 499 23.49 -9.95 -17.54
N ASN A 500 24.65 -10.24 -18.13
CA ASN A 500 24.70 -10.93 -19.40
C ASN A 500 25.45 -12.25 -19.23
N TYR A 501 25.20 -13.18 -20.15
CA TYR A 501 25.83 -14.49 -20.08
C TYR A 501 26.06 -15.03 -21.48
N ASP A 502 27.13 -15.80 -21.64
CA ASP A 502 27.44 -16.45 -22.91
C ASP A 502 27.11 -17.93 -22.82
N ARG A 503 27.38 -18.66 -23.91
CA ARG A 503 27.10 -20.08 -23.98
C ARG A 503 28.01 -20.92 -23.09
N ASN A 504 28.99 -20.29 -22.42
CA ASN A 504 29.92 -20.99 -21.55
C ASN A 504 29.54 -20.93 -20.08
N GLY A 505 28.45 -20.23 -19.75
CA GLY A 505 28.14 -19.91 -18.38
C GLY A 505 28.95 -18.77 -17.82
N ARG A 506 29.75 -18.08 -18.64
CA ARG A 506 30.54 -16.94 -18.19
C ARG A 506 29.61 -15.74 -18.06
N VAL A 507 29.45 -15.26 -16.83
CA VAL A 507 28.51 -14.20 -16.51
C VAL A 507 29.27 -12.89 -16.42
N THR A 508 28.75 -11.84 -17.04
CA THR A 508 29.36 -10.53 -17.02
C THR A 508 28.34 -9.53 -16.49
N LEU A 509 28.69 -8.88 -15.39
CA LEU A 509 27.89 -7.81 -14.81
C LEU A 509 28.49 -6.47 -15.23
N ALA A 510 27.62 -5.49 -15.43
CA ALA A 510 28.09 -4.18 -15.87
C ALA A 510 27.11 -3.12 -15.43
N SER A 511 27.56 -1.87 -15.51
CA SER A 511 26.75 -0.69 -15.20
C SER A 511 27.55 0.55 -15.58
N ALA A 512 26.84 1.63 -15.85
CA ALA A 512 27.46 2.95 -15.92
C ALA A 512 28.49 3.10 -14.80
N GLU A 513 29.64 3.69 -15.14
CA GLU A 513 30.86 3.54 -14.37
C GLU A 513 30.71 4.08 -12.94
N ASN A 514 31.72 3.78 -12.12
CA ASN A 514 31.82 4.26 -10.75
C ASN A 514 30.64 3.78 -9.91
N VAL A 515 30.32 2.49 -10.02
CA VAL A 515 29.35 1.89 -9.13
C VAL A 515 29.84 0.52 -8.69
N VAL A 516 29.71 0.24 -7.40
CA VAL A 516 30.02 -1.08 -6.87
C VAL A 516 28.83 -1.99 -7.13
N ILE A 517 29.08 -3.23 -7.53
CA ILE A 517 27.99 -4.16 -7.82
C ILE A 517 28.12 -5.35 -6.89
N ARG A 518 27.09 -5.60 -6.09
CA ARG A 518 27.00 -6.80 -5.29
C ARG A 518 26.05 -7.79 -5.95
N TYR A 519 26.25 -9.07 -5.64
CA TYR A 519 25.55 -10.11 -6.38
C TYR A 519 25.39 -11.33 -5.50
N THR A 520 24.33 -12.09 -5.76
CA THR A 520 24.03 -13.33 -5.07
C THR A 520 23.62 -14.37 -6.10
N THR A 521 23.99 -15.62 -5.85
CA THR A 521 23.63 -16.72 -6.74
C THR A 521 22.71 -17.75 -6.11
N ASP A 522 22.49 -17.70 -4.79
CA ASP A 522 21.55 -18.63 -4.17
C ASP A 522 20.10 -18.21 -4.40
N GLY A 523 19.77 -16.95 -4.12
CA GLY A 523 18.41 -16.47 -4.26
C GLY A 523 18.05 -15.41 -3.25
N THR A 524 19.01 -15.06 -2.39
CA THR A 524 18.75 -13.99 -1.42
C THR A 524 18.76 -12.63 -2.11
N GLU A 525 18.35 -11.65 -1.40
CA GLU A 525 18.50 -10.38 -2.09
C GLU A 525 19.87 -9.78 -1.81
N PRO A 526 20.46 -9.08 -2.78
CA PRO A 526 21.80 -8.54 -2.58
C PRO A 526 21.83 -7.54 -1.44
N GLY A 527 22.17 -8.03 -0.25
CA GLY A 527 22.33 -7.16 0.90
C GLY A 527 23.61 -6.39 0.84
N PRO A 528 23.73 -5.39 1.71
CA PRO A 528 24.96 -4.59 1.75
C PRO A 528 26.18 -5.36 2.25
N GLN A 529 26.04 -6.65 2.55
CA GLN A 529 27.14 -7.51 2.94
C GLN A 529 27.31 -8.68 1.97
N SER A 530 26.78 -8.57 0.76
CA SER A 530 26.85 -9.64 -0.22
C SER A 530 28.14 -9.58 -1.03
N ALA A 531 28.34 -10.60 -1.85
CA ALA A 531 29.58 -10.72 -2.61
C ALA A 531 29.68 -9.62 -3.65
N MET A 532 30.84 -8.97 -3.72
CA MET A 532 31.11 -7.94 -4.71
C MET A 532 31.44 -8.55 -6.06
N TYR A 533 31.13 -7.80 -7.12
CA TYR A 533 31.52 -8.19 -8.47
C TYR A 533 32.85 -7.56 -8.82
N ARG A 534 33.65 -8.30 -9.60
CA ARG A 534 35.05 -7.93 -9.82
C ARG A 534 35.45 -8.20 -11.27
N ASN A 535 35.16 -9.40 -11.75
CA ASN A 535 35.54 -9.90 -13.07
C ASN A 535 34.49 -10.92 -13.44
N PRO A 536 34.29 -11.17 -14.74
CA PRO A 536 33.31 -12.19 -15.13
C PRO A 536 33.56 -13.50 -14.40
N PHE A 537 32.47 -14.08 -13.88
CA PHE A 537 32.53 -15.29 -13.09
C PHE A 537 31.73 -16.37 -13.79
N PHE A 538 31.85 -17.60 -13.30
CA PHE A 538 31.26 -18.75 -13.98
C PHE A 538 30.16 -19.37 -13.13
N LEU A 539 29.24 -20.05 -13.83
CA LEU A 539 28.15 -20.78 -13.19
C LEU A 539 27.73 -21.89 -14.14
N PRO A 540 28.50 -22.98 -14.19
CA PRO A 540 28.25 -24.03 -15.18
C PRO A 540 27.09 -24.96 -14.87
N ALA A 541 26.22 -24.60 -13.92
CA ALA A 541 25.11 -25.47 -13.54
C ALA A 541 23.74 -24.90 -13.92
N GLY A 542 23.65 -23.62 -14.25
CA GLY A 542 22.35 -23.00 -14.47
C GLY A 542 21.73 -22.59 -13.15
N GLY A 543 21.38 -21.31 -13.01
CA GLY A 543 20.88 -20.85 -11.73
C GLY A 543 20.22 -19.49 -11.77
N THR A 544 20.30 -18.74 -10.68
CA THR A 544 19.66 -17.44 -10.55
C THR A 544 20.67 -16.45 -10.01
N VAL A 545 20.84 -15.32 -10.69
CA VAL A 545 21.71 -14.24 -10.24
C VAL A 545 20.85 -13.05 -9.87
N LYS A 546 21.18 -12.41 -8.75
CA LYS A 546 20.52 -11.18 -8.32
C LYS A 546 21.61 -10.16 -7.99
N ALA A 547 21.62 -9.07 -8.73
CA ALA A 547 22.67 -8.06 -8.59
C ALA A 547 22.07 -6.69 -8.27
N ALA A 548 22.90 -5.85 -7.65
CA ALA A 548 22.48 -4.51 -7.27
C ALA A 548 23.68 -3.59 -7.28
N ALA A 549 23.43 -2.32 -7.60
CA ALA A 549 24.46 -1.30 -7.66
C ALA A 549 24.48 -0.47 -6.38
N GLU A 550 25.63 0.16 -6.12
CA GLU A 550 25.85 0.93 -4.91
C GLU A 550 26.74 2.12 -5.22
N TYR A 551 26.42 3.25 -4.57
CA TYR A 551 27.27 4.44 -4.58
C TYR A 551 26.89 5.31 -3.40
N ARG A 552 27.88 5.58 -2.52
CA ARG A 552 27.76 6.53 -1.41
C ARG A 552 26.51 6.24 -0.56
N GLY A 553 26.37 4.97 -0.16
CA GLY A 553 25.28 4.58 0.70
C GLY A 553 23.95 4.37 0.04
N ARG A 554 23.77 4.83 -1.20
CA ARG A 554 22.49 4.72 -1.91
C ARG A 554 22.53 3.50 -2.82
N LYS A 555 21.51 2.65 -2.71
CA LYS A 555 21.42 1.41 -3.47
C LYS A 555 20.63 1.66 -4.75
N SER A 556 20.34 0.60 -5.50
CA SER A 556 19.55 0.69 -6.72
C SER A 556 18.61 -0.51 -6.78
N SER A 557 17.86 -0.60 -7.88
CA SER A 557 16.95 -1.71 -8.08
C SER A 557 17.76 -3.00 -8.27
N VAL A 558 17.09 -4.13 -8.00
CA VAL A 558 17.72 -5.44 -8.00
C VAL A 558 17.40 -6.13 -9.31
N THR A 559 18.43 -6.38 -10.12
CA THR A 559 18.26 -7.15 -11.34
C THR A 559 18.31 -8.64 -11.03
N THR A 560 17.29 -9.36 -11.46
CA THR A 560 17.20 -10.80 -11.24
C THR A 560 17.15 -11.49 -12.59
N GLN A 561 18.09 -12.41 -12.83
CA GLN A 561 18.23 -13.06 -14.12
C GLN A 561 18.49 -14.55 -13.94
N ILE A 562 17.72 -15.37 -14.64
CA ILE A 562 17.90 -16.82 -14.59
C ILE A 562 18.85 -17.21 -15.72
N ILE A 563 19.97 -17.84 -15.37
CA ILE A 563 20.97 -18.25 -16.33
C ILE A 563 20.74 -19.72 -16.68
N PRO A 564 20.48 -20.04 -17.95
CA PRO A 564 20.30 -21.44 -18.35
C PRO A 564 21.60 -22.21 -18.38
N VAL A 565 21.52 -23.50 -18.72
CA VAL A 565 22.70 -24.35 -18.78
C VAL A 565 23.57 -23.94 -19.97
N PRO A 566 24.88 -24.19 -19.90
CA PRO A 566 25.74 -23.95 -21.06
C PRO A 566 25.31 -24.75 -22.28
N THR A 567 25.63 -24.22 -23.45
CA THR A 567 25.17 -24.74 -24.74
C THR A 567 26.33 -24.87 -25.72
N ARG A 568 27.56 -24.91 -25.22
CA ARG A 568 28.73 -24.97 -26.11
C ARG A 568 29.01 -26.38 -26.60
N ASP A 569 28.72 -27.40 -25.80
CA ASP A 569 28.76 -28.77 -26.24
C ASP A 569 27.52 -29.21 -27.03
N TRP A 570 26.48 -28.38 -27.10
CA TRP A 570 25.28 -28.76 -27.84
C TRP A 570 25.53 -28.78 -29.35
N LYS A 571 25.16 -29.89 -29.97
CA LYS A 571 25.04 -30.01 -31.41
C LYS A 571 23.58 -30.29 -31.78
N VAL A 572 23.18 -29.79 -32.94
CA VAL A 572 21.82 -30.00 -33.44
C VAL A 572 21.79 -31.35 -34.15
N VAL A 573 21.04 -32.30 -33.59
CA VAL A 573 20.99 -33.65 -34.16
C VAL A 573 19.89 -33.78 -35.21
N ALA A 574 18.72 -33.17 -34.99
CA ALA A 574 17.66 -33.24 -35.98
C ALA A 574 16.91 -31.92 -36.03
N GLY A 575 16.53 -31.51 -37.24
CA GLY A 575 15.87 -30.24 -37.46
C GLY A 575 15.90 -29.81 -38.91
N GLU A 576 14.79 -29.27 -39.42
CA GLU A 576 14.72 -28.88 -40.84
C GLU A 576 15.76 -27.80 -41.12
N ARG A 577 16.62 -28.05 -42.11
CA ARG A 577 17.74 -27.19 -42.42
C ARG A 577 17.57 -26.37 -43.69
N SER A 578 16.75 -26.83 -44.63
CA SER A 578 16.59 -26.21 -45.94
C SER A 578 16.04 -24.78 -45.93
N ALA A 579 15.82 -24.19 -44.75
CA ALA A 579 15.33 -22.82 -44.69
C ALA A 579 16.23 -21.94 -43.83
N ALA A 580 16.54 -22.41 -42.63
CA ALA A 580 17.41 -21.69 -41.71
C ALA A 580 18.22 -22.70 -40.92
N ALA A 581 19.43 -22.30 -40.57
CA ALA A 581 20.31 -23.21 -39.83
C ALA A 581 19.77 -23.44 -38.43
N PRO A 582 19.45 -24.68 -38.06
CA PRO A 582 18.90 -24.93 -36.72
C PRO A 582 19.79 -24.46 -35.59
N GLU A 583 21.10 -24.35 -35.82
CA GLU A 583 22.00 -23.86 -34.78
C GLU A 583 21.69 -22.41 -34.39
N LEU A 584 20.86 -21.71 -35.15
CA LEU A 584 20.43 -20.36 -34.76
C LEU A 584 19.44 -20.38 -33.60
N ALA A 585 18.94 -21.55 -33.21
CA ALA A 585 18.04 -21.66 -32.06
C ALA A 585 18.77 -22.02 -30.77
N ILE A 586 20.09 -22.24 -30.83
CA ILE A 586 20.88 -22.55 -29.64
C ILE A 586 22.19 -21.77 -29.66
N ASP A 587 22.20 -20.62 -30.34
CA ASP A 587 23.39 -19.78 -30.40
C ASP A 587 23.41 -18.70 -29.31
N GLY A 588 22.46 -18.72 -28.38
CA GLY A 588 22.43 -17.76 -27.31
C GLY A 588 22.05 -16.35 -27.71
N ASP A 589 21.71 -16.11 -28.99
CA ASP A 589 21.34 -14.78 -29.47
C ASP A 589 19.85 -14.82 -29.80
N SER A 590 19.07 -14.03 -29.06
CA SER A 590 17.63 -13.97 -29.28
C SER A 590 17.27 -13.22 -30.56
N SER A 591 18.20 -12.46 -31.13
CA SER A 591 18.00 -11.75 -32.38
C SER A 591 18.31 -12.60 -33.60
N THR A 592 18.66 -13.87 -33.42
CA THR A 592 18.90 -14.80 -34.50
C THR A 592 17.75 -15.82 -34.53
N LEU A 593 17.29 -16.15 -35.73
CA LEU A 593 16.01 -16.80 -35.91
C LEU A 593 16.18 -18.10 -36.69
N TRP A 594 15.75 -19.21 -36.11
CA TRP A 594 15.52 -20.43 -36.86
C TRP A 594 14.07 -20.46 -37.31
N HIS A 595 13.85 -20.80 -38.57
CA HIS A 595 12.50 -20.91 -39.12
C HIS A 595 12.45 -22.04 -40.13
N THR A 596 11.24 -22.32 -40.62
CA THR A 596 10.99 -23.33 -41.65
C THR A 596 10.21 -22.70 -42.79
N HIS A 597 10.50 -21.44 -43.09
CA HIS A 597 9.85 -20.70 -44.15
C HIS A 597 10.86 -20.56 -45.30
N ALA A 598 11.04 -21.65 -46.02
CA ALA A 598 11.92 -21.69 -47.17
C ALA A 598 11.22 -21.15 -48.41
N ALA A 599 12.03 -20.78 -49.40
CA ALA A 599 11.49 -20.36 -50.70
C ALA A 599 10.82 -21.49 -51.46
N GLN A 600 10.86 -22.72 -50.94
CA GLN A 600 10.13 -23.82 -51.55
C GLN A 600 8.69 -23.85 -51.07
N GLY A 601 8.48 -23.55 -49.79
CA GLY A 601 7.16 -23.62 -49.21
C GLY A 601 7.21 -23.31 -47.74
N GLU A 602 6.06 -22.96 -47.21
CA GLU A 602 5.92 -22.64 -45.79
C GLU A 602 5.64 -23.95 -45.05
N LEU A 603 6.69 -24.75 -44.91
CA LEU A 603 6.57 -26.11 -44.38
C LEU A 603 5.92 -26.08 -43.01
N ALA A 604 4.78 -26.74 -42.89
CA ALA A 604 3.85 -26.58 -41.78
C ALA A 604 4.32 -27.34 -40.54
N PRO A 605 3.86 -26.92 -39.36
CA PRO A 605 4.11 -27.70 -38.14
C PRO A 605 3.48 -29.08 -38.23
N PRO A 606 3.86 -30.02 -37.35
CA PRO A 606 4.83 -29.92 -36.25
C PRO A 606 6.28 -29.91 -36.72
N GLN A 607 7.10 -29.04 -36.14
CA GLN A 607 8.54 -28.99 -36.43
C GLN A 607 9.31 -29.35 -35.16
N ALA A 608 10.30 -30.24 -35.31
CA ALA A 608 10.99 -30.83 -34.19
C ALA A 608 12.48 -30.48 -34.22
N LEU A 609 13.03 -30.22 -33.04
CA LEU A 609 14.46 -30.02 -32.83
C LEU A 609 14.94 -31.06 -31.83
N GLU A 610 15.77 -31.99 -32.31
CA GLU A 610 16.42 -32.98 -31.46
C GLU A 610 17.84 -32.50 -31.21
N ILE A 611 18.18 -32.29 -29.93
CA ILE A 611 19.43 -31.72 -29.49
C ILE A 611 20.19 -32.75 -28.67
N ASP A 612 21.44 -33.01 -29.07
CA ASP A 612 22.43 -33.71 -28.26
C ASP A 612 23.09 -32.68 -27.36
N MET A 613 22.85 -32.78 -26.05
CA MET A 613 23.45 -31.84 -25.11
C MET A 613 24.91 -32.15 -24.82
N GLY A 614 25.48 -33.21 -25.40
CA GLY A 614 26.87 -33.52 -25.22
C GLY A 614 27.23 -34.19 -23.91
N ARG A 615 26.43 -33.99 -22.87
CA ARG A 615 26.72 -34.46 -21.52
C ARG A 615 25.39 -34.76 -20.83
N PRO A 616 25.34 -35.77 -19.95
CA PRO A 616 24.10 -36.04 -19.21
C PRO A 616 23.71 -34.89 -18.29
N VAL A 617 22.70 -34.11 -18.70
CA VAL A 617 22.24 -32.96 -17.92
C VAL A 617 20.98 -33.33 -17.15
N ASN A 618 20.84 -32.78 -15.95
CA ASN A 618 19.71 -33.05 -15.08
C ASN A 618 18.67 -31.93 -15.30
N VAL A 619 17.86 -32.10 -16.34
CA VAL A 619 16.96 -31.04 -16.77
C VAL A 619 15.71 -31.02 -15.89
N ALA A 620 15.32 -29.82 -15.47
CA ALA A 620 14.07 -29.58 -14.77
C ALA A 620 13.16 -28.57 -15.47
N ALA A 621 13.66 -27.81 -16.44
CA ALA A 621 12.84 -26.81 -17.11
C ALA A 621 13.36 -26.56 -18.51
N VAL A 622 12.46 -26.21 -19.43
CA VAL A 622 12.80 -25.91 -20.82
C VAL A 622 12.32 -24.51 -21.17
N ILE A 623 13.22 -23.70 -21.73
CA ILE A 623 12.94 -22.30 -22.04
C ILE A 623 12.82 -22.17 -23.55
N TYR A 624 11.73 -21.58 -24.01
CA TYR A 624 11.51 -21.27 -25.41
C TYR A 624 11.43 -19.76 -25.61
N THR A 625 12.40 -19.19 -26.32
CA THR A 625 12.37 -17.76 -26.60
C THR A 625 11.83 -17.53 -28.00
N PRO A 626 10.66 -16.92 -28.16
CA PRO A 626 10.13 -16.63 -29.50
C PRO A 626 10.73 -15.35 -30.06
N ARG A 627 10.27 -14.98 -31.25
CA ARG A 627 10.77 -13.78 -31.91
C ARG A 627 10.09 -12.53 -31.37
N ARG A 628 10.85 -11.43 -31.36
CA ARG A 628 10.39 -10.18 -30.77
C ARG A 628 9.45 -9.42 -31.69
N ASP A 629 9.84 -9.27 -32.96
CA ASP A 629 9.22 -8.28 -33.84
C ASP A 629 7.88 -8.74 -34.40
N SER A 630 7.68 -10.05 -34.55
CA SER A 630 6.48 -10.57 -35.18
C SER A 630 5.89 -11.68 -34.33
N SER A 631 4.68 -12.09 -34.72
CA SER A 631 4.03 -13.27 -34.15
C SER A 631 3.97 -14.40 -35.16
N THR A 632 4.79 -14.32 -36.21
CA THR A 632 4.78 -15.31 -37.28
C THR A 632 5.74 -16.43 -36.91
N GLY A 633 5.22 -17.65 -36.88
CA GLY A 633 6.02 -18.80 -36.52
C GLY A 633 6.07 -19.10 -35.04
N THR A 634 5.65 -18.16 -34.19
CA THR A 634 5.66 -18.39 -32.75
C THR A 634 4.71 -19.53 -32.41
N VAL A 635 5.14 -20.41 -31.51
CA VAL A 635 4.39 -21.61 -31.18
C VAL A 635 3.46 -21.31 -30.01
N ASP A 636 2.31 -21.99 -29.98
CA ASP A 636 1.39 -21.92 -28.86
C ASP A 636 1.14 -23.27 -28.21
N ARG A 637 1.08 -24.35 -28.98
CA ARG A 637 0.91 -25.70 -28.44
C ARG A 637 2.21 -26.48 -28.62
N TYR A 638 2.70 -27.08 -27.54
CA TYR A 638 4.08 -27.55 -27.47
C TYR A 638 4.10 -28.94 -26.86
N ALA A 639 5.11 -29.71 -27.28
CA ALA A 639 5.41 -31.00 -26.69
C ALA A 639 6.92 -31.11 -26.58
N VAL A 640 7.40 -31.68 -25.48
CA VAL A 640 8.83 -31.88 -25.28
C VAL A 640 9.06 -33.30 -24.78
N TYR A 641 9.87 -34.04 -25.53
CA TYR A 641 10.28 -35.40 -25.19
C TYR A 641 11.72 -35.36 -24.69
N LEU A 642 12.05 -36.27 -23.79
CA LEU A 642 13.41 -36.41 -23.30
C LEU A 642 13.86 -37.85 -23.51
N SER A 643 15.16 -38.04 -23.72
CA SER A 643 15.70 -39.37 -23.93
C SER A 643 17.20 -39.35 -23.69
N MET A 644 17.79 -40.55 -23.74
CA MET A 644 19.23 -40.73 -23.54
C MET A 644 19.88 -41.48 -24.70
N ASP A 645 19.20 -41.66 -25.82
CA ASP A 645 19.79 -42.30 -26.99
C ASP A 645 19.26 -41.70 -28.28
N GLY A 646 18.24 -40.84 -28.20
CA GLY A 646 17.64 -40.23 -29.35
C GLY A 646 16.79 -41.15 -30.20
N ASN A 647 16.72 -42.44 -29.86
CA ASN A 647 15.96 -43.43 -30.62
C ASN A 647 14.62 -43.78 -29.99
N THR A 648 14.56 -43.85 -28.66
CA THR A 648 13.33 -44.13 -27.93
C THR A 648 12.95 -42.91 -27.09
N TRP A 649 11.84 -42.27 -27.45
CA TRP A 649 11.37 -41.09 -26.75
C TRP A 649 10.30 -41.40 -25.70
N GLY A 650 9.29 -42.18 -26.08
CA GLY A 650 8.23 -42.53 -25.15
C GLY A 650 7.17 -41.45 -25.05
N ALA A 651 6.45 -41.50 -23.93
CA ALA A 651 5.42 -40.50 -23.66
C ALA A 651 6.08 -39.13 -23.53
N PRO A 652 5.35 -38.05 -23.84
CA PRO A 652 5.95 -36.71 -23.74
C PRO A 652 6.40 -36.42 -22.31
N ALA A 653 7.63 -35.91 -22.20
CA ALA A 653 8.14 -35.47 -20.90
C ALA A 653 7.39 -34.26 -20.39
N ALA A 654 6.83 -33.46 -21.30
CA ALA A 654 5.90 -32.41 -20.92
C ALA A 654 5.05 -32.08 -22.16
N GLU A 655 4.09 -31.18 -21.96
CA GLU A 655 2.91 -31.15 -22.83
C GLU A 655 2.01 -29.96 -22.50
N GLY A 656 1.55 -29.23 -23.51
CA GLY A 656 0.53 -28.25 -23.19
C GLY A 656 0.50 -27.09 -24.19
N GLU A 657 0.03 -25.95 -23.69
CA GLU A 657 -0.17 -24.75 -24.48
C GLU A 657 0.70 -23.62 -23.92
N PHE A 658 0.89 -22.59 -24.73
CA PHE A 658 1.49 -21.33 -24.31
C PHE A 658 0.41 -20.26 -24.31
N SER A 659 -0.36 -20.21 -23.23
CA SER A 659 -1.46 -19.25 -23.12
C SER A 659 -0.93 -17.82 -23.21
N ASN A 660 -1.60 -17.01 -24.01
CA ASN A 660 -1.31 -15.58 -24.18
C ASN A 660 0.16 -15.36 -24.56
N ILE A 661 0.56 -15.99 -25.66
CA ILE A 661 1.84 -15.73 -26.27
C ILE A 661 1.70 -14.85 -27.50
N ARG A 662 0.49 -14.75 -28.08
CA ARG A 662 0.24 -13.78 -29.13
C ARG A 662 0.51 -12.36 -28.65
N ALA A 663 -0.24 -11.90 -27.65
CA ALA A 663 -0.12 -10.52 -27.21
C ALA A 663 1.15 -10.29 -26.38
N ASN A 664 1.67 -11.33 -25.73
CA ASN A 664 2.85 -11.21 -24.88
C ASN A 664 3.89 -12.23 -25.31
N PRO A 665 4.56 -12.03 -26.46
CA PRO A 665 5.65 -12.93 -26.85
C PRO A 665 6.91 -12.69 -26.04
N VAL A 666 7.11 -13.50 -25.00
CA VAL A 666 8.28 -13.42 -24.12
C VAL A 666 8.81 -14.84 -23.92
N PRO A 667 10.02 -15.02 -23.37
CA PRO A 667 10.49 -16.38 -23.09
C PRO A 667 9.49 -17.15 -22.23
N GLN A 668 9.23 -18.38 -22.66
CA GLN A 668 8.23 -19.26 -22.04
C GLN A 668 8.96 -20.37 -21.30
N ARG A 669 8.44 -20.75 -20.14
CA ARG A 669 9.08 -21.73 -19.27
C ARG A 669 8.19 -22.95 -19.11
N ILE A 670 8.71 -24.11 -19.47
CA ILE A 670 8.05 -25.39 -19.28
C ILE A 670 8.69 -26.01 -18.04
N ASP A 671 7.99 -25.97 -16.92
CA ASP A 671 8.45 -26.62 -15.69
C ASP A 671 8.09 -28.09 -15.76
N LEU A 672 9.08 -28.96 -15.66
CA LEU A 672 8.82 -30.39 -15.69
C LEU A 672 8.04 -30.81 -14.45
N LYS A 673 6.97 -31.58 -14.68
CA LYS A 673 6.20 -32.15 -13.59
C LYS A 673 7.10 -32.89 -12.61
N ALA A 674 8.19 -33.48 -13.10
CA ALA A 674 9.23 -34.07 -12.26
C ALA A 674 10.55 -34.00 -13.00
N PRO A 675 11.65 -33.64 -12.32
CA PRO A 675 12.95 -33.52 -12.99
C PRO A 675 13.40 -34.83 -13.63
N VAL A 676 14.05 -34.70 -14.79
CA VAL A 676 14.51 -35.86 -15.54
C VAL A 676 16.00 -35.67 -15.87
N LYS A 677 16.78 -36.75 -15.74
CA LYS A 677 18.16 -36.73 -16.19
C LYS A 677 18.21 -37.29 -17.60
N ALA A 678 18.86 -36.58 -18.51
CA ALA A 678 18.81 -36.94 -19.92
C ALA A 678 19.91 -36.20 -20.67
N ARG A 679 20.26 -36.74 -21.83
CA ARG A 679 21.23 -36.11 -22.73
C ARG A 679 20.58 -35.53 -23.98
N TYR A 680 19.46 -36.10 -24.44
CA TYR A 680 18.85 -35.72 -25.70
C TYR A 680 17.47 -35.13 -25.46
N LEU A 681 17.20 -33.99 -26.10
CA LEU A 681 15.94 -33.28 -25.93
C LEU A 681 15.27 -33.09 -27.29
N ARG A 682 13.98 -33.39 -27.37
CA ARG A 682 13.20 -33.15 -28.59
C ARG A 682 12.12 -32.14 -28.28
N PHE A 683 12.23 -30.95 -28.89
CA PHE A 683 11.20 -29.92 -28.81
C PHE A 683 10.35 -29.97 -30.07
N VAL A 684 9.06 -30.22 -29.91
CA VAL A 684 8.12 -30.36 -31.01
C VAL A 684 7.12 -29.23 -30.91
N GLY A 685 7.25 -28.26 -31.82
CA GLY A 685 6.20 -27.28 -32.03
C GLY A 685 5.08 -27.92 -32.79
N LYS A 686 3.89 -28.00 -32.18
CA LYS A 686 2.79 -28.75 -32.75
C LYS A 686 1.93 -27.90 -33.67
N ARG A 687 1.67 -26.65 -33.27
CA ARG A 687 1.03 -25.68 -34.15
C ARG A 687 1.30 -24.29 -33.58
N VAL A 688 1.01 -23.28 -34.39
CA VAL A 688 1.51 -21.93 -34.10
C VAL A 688 0.38 -20.95 -33.84
N VAL A 689 0.75 -19.69 -33.66
CA VAL A 689 -0.21 -18.61 -33.44
C VAL A 689 -0.65 -17.97 -34.75
N GLU A 690 0.33 -17.57 -35.57
CA GLU A 690 0.04 -16.94 -36.85
C GLU A 690 1.06 -17.44 -37.86
N GLY A 691 0.69 -17.39 -39.14
CA GLY A 691 1.41 -18.09 -40.18
C GLY A 691 1.28 -19.60 -40.06
N SER A 692 2.08 -20.30 -40.87
CA SER A 692 2.08 -21.76 -40.84
C SER A 692 3.48 -22.32 -41.13
N HIS A 693 4.50 -21.67 -40.57
CA HIS A 693 5.80 -22.27 -40.34
C HIS A 693 6.19 -22.06 -38.88
N VAL A 694 7.15 -22.85 -38.39
CA VAL A 694 7.62 -22.74 -37.02
C VAL A 694 8.86 -21.85 -37.01
N ALA A 695 9.01 -21.07 -35.94
CA ALA A 695 10.15 -20.15 -35.81
C ALA A 695 10.58 -20.11 -34.35
N VAL A 696 11.80 -20.57 -34.07
CA VAL A 696 12.36 -20.55 -32.72
C VAL A 696 13.51 -19.55 -32.70
N ALA A 697 13.43 -18.57 -31.80
CA ALA A 697 14.53 -17.63 -31.63
C ALA A 697 15.63 -18.22 -30.75
N GLU A 698 15.28 -18.74 -29.57
CA GLU A 698 16.23 -19.43 -28.72
C GLU A 698 15.58 -20.62 -28.03
N LEU A 699 16.42 -21.56 -27.61
CA LEU A 699 15.97 -22.75 -26.91
C LEU A 699 16.99 -23.08 -25.84
N GLY A 700 16.57 -23.04 -24.57
CA GLY A 700 17.47 -23.25 -23.46
C GLY A 700 16.91 -24.27 -22.49
N VAL A 701 17.74 -24.62 -21.50
CA VAL A 701 17.42 -25.64 -20.52
C VAL A 701 17.89 -25.18 -19.14
N LEU A 702 17.07 -25.44 -18.12
CA LEU A 702 17.41 -25.18 -16.72
C LEU A 702 17.46 -26.47 -15.94
N GLY A 703 18.57 -26.70 -15.25
CA GLY A 703 18.70 -27.86 -14.38
C GLY A 703 19.03 -27.46 -12.95
N LYS A 704 18.00 -27.21 -12.14
CA LYS A 704 18.21 -26.81 -10.75
C LYS A 704 18.88 -27.91 -9.95
N CYS B 29 -5.99 -54.82 11.53
CA CYS B 29 -7.10 -54.91 10.61
C CYS B 29 -8.43 -54.85 11.40
N LEU B 30 -8.88 -53.63 11.66
CA LEU B 30 -10.01 -53.37 12.54
C LEU B 30 -11.32 -53.22 11.78
N THR B 31 -12.44 -53.52 12.46
CA THR B 31 -13.79 -53.48 11.86
C THR B 31 -14.34 -52.06 11.94
N PRO B 32 -14.78 -51.48 10.81
CA PRO B 32 -15.23 -50.08 10.82
C PRO B 32 -16.51 -49.89 11.64
N LEU B 33 -16.83 -48.61 11.84
CA LEU B 33 -18.03 -48.19 12.56
C LEU B 33 -18.82 -47.30 11.60
N LYS B 34 -19.88 -47.86 11.01
CA LYS B 34 -20.64 -47.14 10.00
C LYS B 34 -21.35 -45.93 10.63
N PRO B 35 -21.40 -44.78 9.93
CA PRO B 35 -20.85 -44.60 8.59
C PRO B 35 -19.36 -44.28 8.54
N VAL B 36 -18.75 -44.46 7.38
CA VAL B 36 -17.35 -44.15 7.15
C VAL B 36 -17.25 -43.23 5.94
N PRO B 37 -16.23 -42.40 5.83
CA PRO B 37 -16.06 -41.57 4.63
C PRO B 37 -15.58 -42.40 3.44
N SER B 38 -15.68 -41.77 2.26
CA SER B 38 -15.14 -42.34 1.04
C SER B 38 -13.71 -41.83 0.83
N ALA B 39 -13.04 -42.32 -0.22
CA ALA B 39 -11.68 -41.88 -0.50
C ALA B 39 -11.64 -40.39 -0.82
N GLU B 40 -12.61 -39.91 -1.60
CA GLU B 40 -12.68 -38.49 -1.94
C GLU B 40 -12.99 -37.65 -0.71
N GLN B 41 -13.84 -38.16 0.18
CA GLN B 41 -14.08 -37.48 1.44
C GLN B 41 -12.83 -37.46 2.31
N LEU B 42 -12.01 -38.51 2.27
CA LEU B 42 -10.74 -38.48 2.99
C LEU B 42 -9.80 -37.43 2.42
N GLU B 43 -9.77 -37.30 1.09
CA GLU B 43 -8.99 -36.24 0.47
C GLU B 43 -9.46 -34.87 0.96
N TRP B 44 -10.78 -34.67 0.95
CA TRP B 44 -11.37 -33.42 1.39
C TRP B 44 -10.98 -33.09 2.82
N HIS B 45 -11.17 -34.06 3.74
CA HIS B 45 -10.73 -33.87 5.11
C HIS B 45 -9.27 -33.45 5.18
N ASP B 46 -8.38 -34.22 4.53
CA ASP B 46 -6.94 -33.95 4.66
C ASP B 46 -6.57 -32.59 4.11
N MET B 47 -7.39 -32.00 3.23
CA MET B 47 -7.08 -30.65 2.73
C MET B 47 -7.09 -29.61 3.84
N GLU B 48 -7.91 -29.81 4.88
CA GLU B 48 -8.13 -28.84 5.97
C GLU B 48 -8.79 -27.54 5.51
N MET B 49 -8.23 -26.86 4.52
CA MET B 49 -8.83 -25.57 4.14
C MET B 49 -8.57 -25.28 2.66
N TYR B 50 -9.38 -24.38 2.12
CA TYR B 50 -9.37 -24.00 0.71
C TYR B 50 -10.17 -22.71 0.58
N ALA B 51 -10.16 -22.13 -0.63
CA ALA B 51 -10.64 -20.77 -0.84
C ALA B 51 -11.86 -20.71 -1.75
N PHE B 52 -12.73 -19.73 -1.49
CA PHE B 52 -13.68 -19.21 -2.46
C PHE B 52 -13.07 -18.08 -3.27
N VAL B 53 -13.53 -17.94 -4.51
CA VAL B 53 -13.25 -16.76 -5.33
C VAL B 53 -14.58 -16.29 -5.88
N HIS B 54 -15.25 -15.38 -5.17
CA HIS B 54 -16.47 -14.74 -5.64
C HIS B 54 -16.09 -13.62 -6.61
N PHE B 55 -16.24 -13.92 -7.90
CA PHE B 55 -15.82 -13.04 -8.98
C PHE B 55 -16.78 -13.26 -10.13
N THR B 56 -17.53 -12.21 -10.49
CA THR B 56 -18.49 -12.25 -11.59
C THR B 56 -18.93 -10.84 -11.94
N ILE B 57 -20.12 -10.71 -12.55
CA ILE B 57 -20.62 -9.38 -12.92
C ILE B 57 -20.89 -8.56 -11.66
N ASN B 58 -21.20 -9.22 -10.54
CA ASN B 58 -21.51 -8.49 -9.31
C ASN B 58 -20.33 -7.69 -8.82
N THR B 59 -19.11 -8.22 -9.01
CA THR B 59 -17.91 -7.48 -8.63
C THR B 59 -17.82 -6.13 -9.33
N PHE B 60 -18.45 -5.96 -10.50
CA PHE B 60 -18.31 -4.67 -11.15
C PHE B 60 -19.56 -3.80 -11.01
N THR B 61 -20.58 -4.26 -10.27
CA THR B 61 -21.76 -3.43 -10.01
C THR B 61 -21.86 -2.98 -8.56
N GLY B 62 -21.25 -3.69 -7.62
CA GLY B 62 -21.39 -3.39 -6.22
C GLY B 62 -22.47 -4.17 -5.52
N LYS B 63 -23.11 -5.11 -6.20
CA LYS B 63 -24.25 -5.83 -5.67
C LYS B 63 -23.79 -7.16 -5.07
N GLU B 64 -24.44 -7.58 -3.99
CA GLU B 64 -24.15 -8.89 -3.42
C GLU B 64 -24.87 -9.99 -4.18
N TRP B 65 -26.11 -9.73 -4.60
CA TRP B 65 -26.84 -10.61 -5.50
C TRP B 65 -27.26 -9.80 -6.71
N GLY B 66 -26.81 -10.23 -7.89
CA GLY B 66 -27.22 -9.55 -9.11
C GLY B 66 -28.64 -9.91 -9.48
N TYR B 67 -29.26 -9.02 -10.26
CA TYR B 67 -30.66 -9.20 -10.64
C TYR B 67 -30.82 -10.01 -11.91
N GLY B 68 -29.86 -9.92 -12.82
CA GLY B 68 -29.90 -10.60 -14.10
C GLY B 68 -29.94 -9.68 -15.29
N ASP B 69 -30.28 -8.41 -15.09
CA ASP B 69 -30.38 -7.43 -16.14
C ASP B 69 -29.05 -6.72 -16.43
N GLU B 70 -27.94 -7.25 -15.95
CA GLU B 70 -26.64 -6.60 -16.15
C GLU B 70 -26.13 -6.83 -17.56
N LYS B 71 -25.64 -5.77 -18.20
CA LYS B 71 -25.00 -5.93 -19.50
C LYS B 71 -23.63 -6.57 -19.32
N PRO B 72 -23.32 -7.64 -20.04
CA PRO B 72 -21.96 -8.21 -19.97
C PRO B 72 -20.86 -7.23 -20.36
N GLU B 73 -21.20 -6.09 -20.97
CA GLU B 73 -20.21 -5.09 -21.33
C GLU B 73 -19.41 -4.62 -20.11
N LEU B 74 -20.02 -4.63 -18.93
CA LEU B 74 -19.38 -4.09 -17.75
C LEU B 74 -18.54 -5.11 -17.00
N PHE B 75 -18.39 -6.33 -17.54
CA PHE B 75 -17.43 -7.29 -17.00
C PHE B 75 -16.14 -7.17 -17.80
N HIS B 76 -15.37 -6.13 -17.46
CA HIS B 76 -14.10 -5.83 -18.11
C HIS B 76 -13.01 -5.68 -17.05
N PRO B 77 -12.54 -6.78 -16.47
CA PRO B 77 -11.44 -6.69 -15.49
C PRO B 77 -10.16 -6.25 -16.19
N SER B 78 -9.58 -5.16 -15.70
CA SER B 78 -8.36 -4.59 -16.26
C SER B 78 -7.18 -5.17 -15.49
N ASP B 79 -6.36 -5.98 -16.18
CA ASP B 79 -5.19 -6.62 -15.61
C ASP B 79 -5.60 -7.77 -14.68
N PHE B 80 -6.15 -8.84 -15.25
CA PHE B 80 -6.68 -9.94 -14.46
C PHE B 80 -5.58 -10.82 -13.87
N ASP B 81 -4.98 -11.70 -14.68
CA ASP B 81 -3.86 -12.55 -14.23
C ASP B 81 -4.28 -13.56 -13.16
N ALA B 82 -4.59 -14.78 -13.60
CA ALA B 82 -5.05 -15.84 -12.70
C ALA B 82 -3.91 -16.47 -11.91
N ASP B 83 -2.69 -16.44 -12.43
CA ASP B 83 -1.54 -16.96 -11.69
C ASP B 83 -1.36 -16.23 -10.37
N ASP B 84 -1.41 -14.89 -10.40
CA ASP B 84 -1.33 -14.11 -9.17
C ASP B 84 -2.40 -14.54 -8.17
N LEU B 85 -3.64 -14.67 -8.64
CA LEU B 85 -4.77 -15.08 -7.80
C LEU B 85 -4.51 -16.43 -7.14
N VAL B 86 -4.28 -17.45 -7.95
CA VAL B 86 -4.13 -18.81 -7.43
C VAL B 86 -2.89 -18.92 -6.55
N ARG B 87 -1.80 -18.23 -6.91
CA ARG B 87 -0.59 -18.30 -6.11
C ARG B 87 -0.77 -17.60 -4.77
N THR B 88 -1.37 -16.40 -4.77
CA THR B 88 -1.64 -15.72 -3.52
C THR B 88 -2.46 -16.61 -2.58
N LEU B 89 -3.47 -17.30 -3.13
CA LEU B 89 -4.24 -18.20 -2.29
C LEU B 89 -3.41 -19.39 -1.81
N ALA B 90 -2.60 -19.98 -2.70
CA ALA B 90 -1.89 -21.20 -2.37
C ALA B 90 -0.77 -20.96 -1.36
N ASP B 91 -0.06 -19.83 -1.47
CA ASP B 91 0.96 -19.48 -0.50
C ASP B 91 0.38 -19.27 0.89
N ALA B 92 -0.86 -18.80 0.97
CA ALA B 92 -1.51 -18.66 2.27
C ALA B 92 -1.87 -20.01 2.88
N GLY B 93 -1.60 -21.11 2.18
CA GLY B 93 -1.84 -22.44 2.69
C GLY B 93 -3.11 -23.10 2.19
N PHE B 94 -3.87 -22.44 1.32
CA PHE B 94 -5.10 -23.05 0.86
C PHE B 94 -4.80 -24.10 -0.21
N LYS B 95 -5.48 -25.24 -0.11
CA LYS B 95 -5.20 -26.38 -0.95
C LYS B 95 -6.17 -26.52 -2.11
N GLY B 96 -7.21 -25.70 -2.17
CA GLY B 96 -8.13 -25.72 -3.29
C GLY B 96 -8.69 -24.35 -3.54
N VAL B 97 -9.10 -24.12 -4.78
CA VAL B 97 -9.76 -22.88 -5.18
C VAL B 97 -11.10 -23.24 -5.78
N VAL B 98 -12.18 -22.72 -5.19
CA VAL B 98 -13.53 -22.94 -5.67
C VAL B 98 -14.02 -21.65 -6.30
N LEU B 99 -14.20 -21.67 -7.62
CA LEU B 99 -14.57 -20.49 -8.38
C LEU B 99 -16.09 -20.43 -8.54
N THR B 100 -16.67 -19.26 -8.29
CA THR B 100 -18.07 -19.02 -8.63
C THR B 100 -18.20 -18.90 -10.14
N CYS B 101 -18.39 -20.02 -10.84
CA CYS B 101 -18.45 -19.99 -12.30
C CYS B 101 -19.71 -19.28 -12.77
N LYS B 102 -20.83 -19.51 -12.09
CA LYS B 102 -22.05 -18.75 -12.29
C LYS B 102 -22.68 -18.51 -10.94
N HIS B 103 -22.88 -17.25 -10.58
CA HIS B 103 -23.52 -16.90 -9.33
C HIS B 103 -25.01 -16.75 -9.59
N HIS B 104 -25.76 -16.15 -8.66
CA HIS B 104 -27.22 -16.15 -8.81
C HIS B 104 -27.66 -15.32 -10.01
N ASP B 105 -26.90 -14.29 -10.37
CA ASP B 105 -27.26 -13.41 -11.48
C ASP B 105 -27.37 -14.14 -12.82
N GLY B 106 -26.75 -15.31 -12.95
CA GLY B 106 -26.83 -16.09 -14.16
C GLY B 106 -25.73 -15.83 -15.17
N PHE B 107 -24.88 -14.84 -14.92
CA PHE B 107 -23.76 -14.55 -15.82
C PHE B 107 -22.66 -15.59 -15.65
N CYS B 108 -22.25 -16.18 -16.76
CA CYS B 108 -21.28 -17.28 -16.76
C CYS B 108 -19.89 -16.75 -17.07
N LEU B 109 -18.91 -17.19 -16.29
CA LEU B 109 -17.53 -16.76 -16.48
C LEU B 109 -16.83 -17.50 -17.61
N TRP B 110 -17.53 -18.34 -18.36
CA TRP B 110 -16.89 -19.10 -19.42
C TRP B 110 -17.77 -19.08 -20.66
N PRO B 111 -17.17 -19.15 -21.85
CA PRO B 111 -17.99 -19.14 -23.08
C PRO B 111 -18.89 -20.37 -23.16
N THR B 112 -19.96 -20.37 -22.38
CA THR B 112 -20.90 -21.47 -22.36
C THR B 112 -21.72 -21.48 -23.65
N LYS B 113 -22.15 -22.67 -24.05
CA LYS B 113 -23.00 -22.87 -25.22
C LYS B 113 -24.48 -22.77 -24.89
N THR B 114 -24.83 -22.53 -23.62
CA THR B 114 -26.22 -22.49 -23.18
C THR B 114 -26.82 -21.09 -23.24
N THR B 115 -25.98 -20.06 -23.35
CA THR B 115 -26.42 -18.67 -23.30
C THR B 115 -25.28 -17.78 -23.76
N LEU B 116 -25.63 -16.59 -24.25
CA LEU B 116 -24.68 -15.52 -24.50
C LEU B 116 -24.67 -14.48 -23.40
N HIS B 117 -25.22 -14.79 -22.23
CA HIS B 117 -25.02 -13.94 -21.06
C HIS B 117 -23.79 -14.44 -20.28
N SER B 118 -22.67 -14.42 -20.99
CA SER B 118 -21.41 -14.98 -20.56
C SER B 118 -20.30 -14.03 -20.96
N VAL B 119 -19.06 -14.42 -20.68
CA VAL B 119 -17.93 -13.59 -21.07
C VAL B 119 -17.83 -13.43 -22.57
N ALA B 120 -18.40 -14.36 -23.34
CA ALA B 120 -18.43 -14.22 -24.79
C ALA B 120 -19.08 -12.93 -25.24
N ALA B 121 -19.93 -12.33 -24.41
CA ALA B 121 -20.58 -11.07 -24.72
C ALA B 121 -19.85 -9.88 -24.12
N SER B 122 -18.71 -10.11 -23.42
CA SER B 122 -18.09 -8.98 -22.76
C SER B 122 -16.94 -8.43 -23.60
N PRO B 123 -16.65 -7.14 -23.45
CA PRO B 123 -15.50 -6.55 -24.14
C PRO B 123 -14.18 -6.90 -23.49
N TRP B 124 -14.22 -7.73 -22.44
CA TRP B 124 -13.06 -8.13 -21.66
C TRP B 124 -11.88 -8.34 -22.59
N LYS B 125 -11.85 -9.41 -23.38
CA LYS B 125 -10.75 -9.49 -24.34
C LYS B 125 -11.22 -10.03 -25.67
N GLN B 126 -11.63 -9.07 -26.50
CA GLN B 126 -12.05 -9.23 -27.88
C GLN B 126 -13.16 -10.27 -27.99
N GLY B 127 -13.95 -10.40 -26.93
CA GLY B 127 -15.02 -11.34 -26.87
C GLY B 127 -14.60 -12.69 -26.34
N LYS B 128 -13.34 -13.05 -26.52
CA LYS B 128 -12.85 -14.33 -26.07
C LYS B 128 -12.58 -14.29 -24.57
N GLY B 129 -11.79 -15.23 -24.09
CA GLY B 129 -11.57 -15.26 -22.65
C GLY B 129 -12.41 -16.32 -21.98
N ASP B 130 -11.90 -16.80 -20.85
CA ASP B 130 -12.53 -17.89 -20.12
C ASP B 130 -11.90 -17.96 -18.73
N VAL B 131 -12.57 -17.34 -17.75
CA VAL B 131 -12.02 -17.28 -16.40
C VAL B 131 -11.88 -18.67 -15.81
N VAL B 132 -12.83 -19.56 -16.11
CA VAL B 132 -12.75 -20.92 -15.59
C VAL B 132 -11.51 -21.61 -16.13
N LYS B 133 -11.24 -21.43 -17.42
CA LYS B 133 -10.04 -21.99 -18.04
C LYS B 133 -8.77 -21.51 -17.34
N GLU B 134 -8.62 -20.19 -17.19
CA GLU B 134 -7.38 -19.64 -16.65
C GLU B 134 -7.20 -20.04 -15.19
N VAL B 135 -8.28 -20.02 -14.41
CA VAL B 135 -8.14 -20.37 -12.99
C VAL B 135 -7.85 -21.86 -12.83
N SER B 136 -8.48 -22.71 -13.65
CA SER B 136 -8.19 -24.14 -13.56
C SER B 136 -6.75 -24.44 -13.99
N ARG B 137 -6.25 -23.73 -15.00
CA ARG B 137 -4.85 -23.89 -15.38
C ARG B 137 -3.90 -23.42 -14.28
N ALA B 138 -4.15 -22.25 -13.69
CA ALA B 138 -3.27 -21.79 -12.63
C ALA B 138 -3.33 -22.72 -11.42
N CYS B 139 -4.50 -23.32 -11.15
CA CYS B 139 -4.56 -24.32 -10.08
C CYS B 139 -3.68 -25.52 -10.39
N GLY B 140 -3.72 -26.02 -11.64
CA GLY B 140 -2.81 -27.08 -12.01
C GLY B 140 -1.36 -26.67 -11.91
N LYS B 141 -1.06 -25.42 -12.26
CA LYS B 141 0.31 -24.92 -12.27
C LYS B 141 0.93 -24.93 -10.89
N TYR B 142 0.13 -24.68 -9.85
CA TYR B 142 0.65 -24.56 -8.48
C TYR B 142 0.21 -25.72 -7.59
N GLY B 143 -0.29 -26.80 -8.17
CA GLY B 143 -0.62 -27.98 -7.39
C GLY B 143 -1.74 -27.81 -6.38
N VAL B 144 -2.75 -27.00 -6.69
CA VAL B 144 -3.90 -26.82 -5.82
C VAL B 144 -5.14 -27.33 -6.55
N ARG B 145 -6.05 -27.93 -5.79
CA ARG B 145 -7.26 -28.50 -6.35
C ARG B 145 -8.17 -27.39 -6.90
N PHE B 146 -9.09 -27.78 -7.79
CA PHE B 146 -9.97 -26.85 -8.46
C PHE B 146 -11.42 -27.30 -8.31
N GLY B 147 -12.30 -26.37 -7.92
CA GLY B 147 -13.69 -26.70 -7.71
C GLY B 147 -14.62 -25.59 -8.20
N VAL B 148 -15.90 -25.93 -8.35
CA VAL B 148 -16.84 -25.08 -9.06
C VAL B 148 -18.08 -24.79 -8.24
N TYR B 149 -18.61 -23.58 -8.43
CA TYR B 149 -19.89 -23.16 -7.91
C TYR B 149 -20.76 -22.73 -9.09
N LEU B 150 -21.88 -23.43 -9.28
CA LEU B 150 -22.82 -23.18 -10.39
C LEU B 150 -24.20 -22.95 -9.77
N SER B 151 -24.54 -21.70 -9.52
CA SER B 151 -25.75 -21.33 -8.81
C SER B 151 -26.98 -22.02 -9.41
N PRO B 152 -27.66 -22.89 -8.66
CA PRO B 152 -28.90 -23.50 -9.19
C PRO B 152 -29.95 -22.47 -9.51
N TRP B 153 -30.02 -21.41 -8.73
CA TRP B 153 -30.96 -20.33 -8.95
C TRP B 153 -30.34 -19.33 -9.92
N ASP B 154 -30.85 -19.30 -11.15
CA ASP B 154 -30.39 -18.40 -12.21
C ASP B 154 -31.46 -17.34 -12.43
N ARG B 155 -31.08 -16.07 -12.28
CA ARG B 155 -32.02 -14.96 -12.32
C ARG B 155 -32.08 -14.30 -13.68
N ASN B 156 -31.36 -14.82 -14.67
CA ASN B 156 -31.45 -14.31 -16.03
C ASN B 156 -32.11 -15.30 -16.98
N ALA B 157 -31.92 -16.59 -16.78
CA ALA B 157 -32.51 -17.60 -17.65
C ALA B 157 -34.02 -17.43 -17.72
N ALA B 158 -34.53 -17.03 -18.90
CA ALA B 158 -35.97 -16.90 -19.07
C ALA B 158 -36.68 -18.22 -18.84
N SER B 159 -35.95 -19.33 -18.79
CA SER B 159 -36.51 -20.65 -18.56
C SER B 159 -36.54 -21.04 -17.10
N TYR B 160 -36.03 -20.22 -16.19
CA TYR B 160 -35.98 -20.61 -14.79
C TYR B 160 -37.39 -20.83 -14.26
N GLY B 161 -37.58 -21.93 -13.53
CA GLY B 161 -38.87 -22.32 -13.01
C GLY B 161 -39.54 -23.42 -13.80
N THR B 162 -39.29 -23.48 -15.11
CA THR B 162 -39.75 -24.47 -16.07
C THR B 162 -38.78 -25.64 -16.16
N PRO B 163 -39.24 -26.81 -16.62
CA PRO B 163 -38.32 -27.95 -16.77
C PRO B 163 -37.16 -27.71 -17.74
N ASP B 164 -37.28 -26.75 -18.66
CA ASP B 164 -36.21 -26.53 -19.62
C ASP B 164 -34.95 -25.98 -18.95
N TYR B 165 -35.12 -25.17 -17.90
CA TYR B 165 -33.95 -24.68 -17.19
C TYR B 165 -33.11 -25.81 -16.61
N ILE B 166 -33.75 -26.90 -16.17
CA ILE B 166 -32.98 -28.01 -15.63
C ILE B 166 -32.07 -28.61 -16.70
N ARG B 167 -32.59 -28.73 -17.92
CA ARG B 167 -31.75 -29.15 -19.06
C ARG B 167 -30.60 -28.18 -19.27
N MET B 168 -30.88 -26.87 -19.23
CA MET B 168 -29.82 -25.88 -19.40
C MET B 168 -28.75 -26.01 -18.31
N TYR B 169 -29.19 -26.15 -17.06
CA TYR B 169 -28.28 -26.27 -15.93
C TYR B 169 -27.44 -27.52 -16.04
N ARG B 170 -28.06 -28.62 -16.49
CA ARG B 170 -27.31 -29.85 -16.69
C ARG B 170 -26.26 -29.69 -17.79
N GLN B 171 -26.58 -28.97 -18.85
CA GLN B 171 -25.58 -28.75 -19.90
C GLN B 171 -24.45 -27.85 -19.40
N GLN B 172 -24.78 -26.83 -18.61
CA GLN B 172 -23.73 -25.99 -18.02
C GLN B 172 -22.81 -26.82 -17.13
N LEU B 173 -23.40 -27.68 -16.30
CA LEU B 173 -22.61 -28.53 -15.41
C LEU B 173 -21.76 -29.52 -16.19
N LYS B 174 -22.31 -30.07 -17.30
CA LYS B 174 -21.51 -30.93 -18.16
C LYS B 174 -20.32 -30.17 -18.75
N GLU B 175 -20.55 -28.94 -19.22
CA GLU B 175 -19.46 -28.14 -19.76
C GLU B 175 -18.37 -27.91 -18.73
N LEU B 176 -18.75 -27.57 -17.50
CA LEU B 176 -17.73 -27.33 -16.48
C LEU B 176 -16.99 -28.60 -16.10
N ALA B 177 -17.66 -29.75 -16.15
CA ALA B 177 -17.09 -31.01 -15.70
C ALA B 177 -16.49 -31.85 -16.82
N THR B 178 -16.29 -31.29 -18.00
CA THR B 178 -15.81 -32.09 -19.11
C THR B 178 -14.57 -31.47 -19.73
N GLY B 179 -14.46 -30.14 -19.68
CA GLY B 179 -13.37 -29.46 -20.34
C GLY B 179 -12.57 -28.53 -19.47
N TYR B 180 -12.37 -28.89 -18.18
CA TYR B 180 -11.61 -28.06 -17.26
C TYR B 180 -10.81 -28.90 -16.27
N GLY B 181 -10.46 -30.13 -16.64
CA GLY B 181 -9.66 -30.97 -15.79
C GLY B 181 -10.44 -31.51 -14.59
N SER B 182 -9.69 -32.04 -13.64
CA SER B 182 -10.28 -32.62 -12.44
C SER B 182 -10.96 -31.55 -11.61
N ILE B 183 -12.07 -31.95 -10.99
CA ILE B 183 -12.86 -31.13 -10.07
C ILE B 183 -12.91 -31.86 -8.73
N PHE B 184 -12.51 -31.18 -7.66
CA PHE B 184 -12.54 -31.82 -6.34
C PHE B 184 -13.81 -31.52 -5.57
N LEU B 185 -14.46 -30.38 -5.83
CA LEU B 185 -15.68 -30.02 -5.14
C LEU B 185 -16.62 -29.26 -6.08
N ALA B 186 -17.90 -29.59 -6.00
CA ALA B 186 -18.94 -28.85 -6.71
C ALA B 186 -19.89 -28.27 -5.67
N TRP B 187 -20.12 -26.96 -5.73
CA TRP B 187 -20.77 -26.23 -4.65
C TRP B 187 -22.19 -25.89 -5.09
N PHE B 188 -23.18 -26.46 -4.42
CA PHE B 188 -24.58 -26.32 -4.83
C PHE B 188 -25.34 -25.48 -3.80
N ASP B 189 -25.42 -24.18 -4.06
CA ASP B 189 -26.06 -23.26 -3.14
C ASP B 189 -27.58 -23.46 -3.17
N GLY B 190 -28.16 -23.69 -2.00
CA GLY B 190 -29.59 -23.88 -1.89
C GLY B 190 -30.41 -22.62 -1.77
N ALA B 191 -29.76 -21.47 -1.69
CA ALA B 191 -30.48 -20.21 -1.50
C ALA B 191 -31.27 -19.84 -2.75
N ASN B 192 -32.46 -19.28 -2.54
CA ASN B 192 -33.28 -18.80 -3.64
C ASN B 192 -33.74 -17.37 -3.40
N GLY B 193 -35.04 -17.16 -3.20
CA GLY B 193 -35.53 -15.82 -2.90
C GLY B 193 -36.47 -15.22 -3.93
N GLY B 194 -36.78 -15.88 -5.04
CA GLY B 194 -37.93 -15.50 -5.84
C GLY B 194 -37.71 -14.68 -7.10
N ASP B 195 -37.53 -13.37 -6.96
CA ASP B 195 -37.60 -12.46 -8.09
C ASP B 195 -36.29 -12.42 -8.86
N GLY B 196 -36.35 -11.84 -10.05
CA GLY B 196 -35.20 -11.73 -10.93
C GLY B 196 -35.63 -11.24 -12.30
N TYR B 197 -34.62 -10.95 -13.12
CA TYR B 197 -34.88 -10.50 -14.49
C TYR B 197 -35.58 -11.58 -15.30
N TYR B 198 -35.11 -12.82 -15.19
CA TYR B 198 -35.67 -13.98 -15.90
C TYR B 198 -35.98 -13.65 -17.36
N GLY B 199 -34.97 -13.14 -18.07
CA GLY B 199 -35.14 -12.84 -19.47
C GLY B 199 -36.12 -11.72 -19.77
N GLY B 200 -36.36 -10.82 -18.83
CA GLY B 200 -37.24 -9.70 -19.03
C GLY B 200 -38.59 -9.82 -18.33
N ALA B 201 -38.91 -10.98 -17.76
CA ALA B 201 -40.19 -11.17 -17.10
C ALA B 201 -40.37 -10.19 -15.95
N ARG B 202 -39.27 -9.79 -15.30
CA ARG B 202 -39.28 -8.83 -14.20
C ARG B 202 -40.24 -9.27 -13.09
N GLU B 203 -40.27 -10.57 -12.82
CA GLU B 203 -41.33 -11.15 -12.00
C GLU B 203 -40.74 -12.01 -10.89
N ARG B 204 -41.62 -12.42 -9.98
CA ARG B 204 -41.29 -13.34 -8.91
C ARG B 204 -41.70 -14.75 -9.31
N ARG B 205 -40.75 -15.68 -9.25
CA ARG B 205 -41.00 -17.09 -9.56
C ARG B 205 -40.57 -17.92 -8.36
N SER B 206 -41.36 -18.96 -8.07
CA SER B 206 -41.05 -19.84 -6.95
C SER B 206 -41.09 -21.29 -7.43
N ILE B 207 -40.21 -22.11 -6.88
CA ILE B 207 -40.08 -23.50 -7.29
C ILE B 207 -40.12 -24.39 -6.06
N ASP B 208 -40.65 -25.59 -6.24
CA ASP B 208 -40.62 -26.62 -5.20
C ASP B 208 -39.18 -27.08 -5.04
N ARG B 209 -38.47 -26.48 -4.07
CA ARG B 209 -37.04 -26.73 -3.94
C ARG B 209 -36.74 -28.20 -3.70
N SER B 210 -37.68 -28.94 -3.12
CA SER B 210 -37.45 -30.32 -2.74
C SER B 210 -37.63 -31.32 -3.88
N ALA B 211 -37.84 -30.87 -5.12
CA ALA B 211 -38.09 -31.81 -6.21
C ALA B 211 -37.77 -31.22 -7.57
N TYR B 212 -37.77 -29.89 -7.66
CA TYR B 212 -37.58 -29.21 -8.95
C TYR B 212 -36.29 -29.66 -9.63
N TYR B 213 -35.14 -29.36 -9.02
CA TYR B 213 -33.86 -29.58 -9.67
C TYR B 213 -33.53 -31.06 -9.89
N ASP B 214 -34.30 -31.99 -9.32
CA ASP B 214 -34.05 -33.42 -9.45
C ASP B 214 -32.57 -33.74 -9.17
N TRP B 215 -32.19 -33.56 -7.91
CA TRP B 215 -30.76 -33.50 -7.58
C TRP B 215 -30.06 -34.85 -7.76
N LYS B 216 -30.69 -35.95 -7.33
CA LYS B 216 -29.99 -37.23 -7.36
C LYS B 216 -29.46 -37.55 -8.75
N ALA B 217 -30.28 -37.34 -9.79
CA ALA B 217 -29.86 -37.70 -11.14
C ALA B 217 -28.81 -36.74 -11.68
N THR B 218 -28.97 -35.44 -11.42
CA THR B 218 -27.98 -34.47 -11.83
C THR B 218 -26.61 -34.78 -11.22
N TRP B 219 -26.61 -35.04 -9.91
CA TRP B 219 -25.40 -35.40 -9.19
C TRP B 219 -24.83 -36.74 -9.64
N GLY B 220 -25.69 -37.69 -10.00
CA GLY B 220 -25.19 -38.95 -10.53
C GLY B 220 -24.45 -38.76 -11.84
N GLU B 221 -25.01 -37.95 -12.74
CA GLU B 221 -24.32 -37.67 -14.00
C GLU B 221 -23.00 -36.93 -13.75
N LEU B 222 -23.02 -35.95 -12.83
CA LEU B 222 -21.80 -35.24 -12.47
C LEU B 222 -20.73 -36.19 -11.95
N LYS B 223 -21.09 -37.06 -11.01
CA LYS B 223 -20.09 -37.95 -10.41
C LYS B 223 -19.72 -39.10 -11.34
N LYS B 224 -20.47 -39.29 -12.43
CA LYS B 224 -19.96 -40.12 -13.52
C LYS B 224 -18.89 -39.39 -14.31
N ARG B 225 -19.06 -38.08 -14.55
CA ARG B 225 -18.05 -37.35 -15.30
C ARG B 225 -16.91 -36.85 -14.44
N GLN B 226 -17.05 -36.93 -13.12
CA GLN B 226 -16.00 -36.57 -12.15
C GLN B 226 -16.08 -37.54 -10.99
N PRO B 227 -15.63 -38.78 -11.20
CA PRO B 227 -15.72 -39.78 -10.10
C PRO B 227 -14.92 -39.40 -8.87
N GLY B 228 -13.88 -38.56 -9.02
CA GLY B 228 -13.09 -38.14 -7.90
C GLY B 228 -13.54 -36.86 -7.23
N ALA B 229 -14.76 -36.40 -7.50
CA ALA B 229 -15.23 -35.12 -7.00
C ALA B 229 -16.05 -35.29 -5.73
N VAL B 230 -16.34 -34.16 -5.10
CA VAL B 230 -17.07 -34.08 -3.84
C VAL B 230 -18.19 -33.06 -4.01
N ILE B 231 -19.40 -33.42 -3.61
CA ILE B 231 -20.58 -32.60 -3.80
C ILE B 231 -20.93 -31.88 -2.49
N PHE B 232 -21.05 -30.57 -2.55
CA PHE B 232 -21.47 -29.73 -1.44
C PHE B 232 -22.91 -29.27 -1.62
N SER B 233 -23.68 -29.32 -0.53
CA SER B 233 -24.95 -28.61 -0.38
C SER B 233 -25.48 -28.82 1.02
N ASP B 234 -26.59 -28.16 1.36
CA ASP B 234 -27.19 -28.33 2.69
C ASP B 234 -27.48 -29.80 2.98
N VAL B 235 -27.67 -30.59 1.93
CA VAL B 235 -27.86 -32.03 2.07
C VAL B 235 -26.77 -32.82 1.37
N GLY B 236 -26.03 -32.19 0.45
CA GLY B 236 -25.06 -32.83 -0.42
C GLY B 236 -24.45 -34.07 0.17
N PRO B 237 -24.49 -35.17 -0.58
CA PRO B 237 -24.07 -36.47 -0.02
C PRO B 237 -22.63 -36.49 0.51
N ASP B 238 -21.84 -35.44 0.30
CA ASP B 238 -20.43 -35.44 0.68
C ASP B 238 -20.08 -34.37 1.71
N VAL B 239 -20.40 -33.10 1.45
CA VAL B 239 -20.06 -32.00 2.34
C VAL B 239 -21.30 -31.20 2.70
N ARG B 240 -21.32 -30.70 3.94
CA ARG B 240 -22.42 -29.93 4.52
C ARG B 240 -22.07 -28.45 4.58
N TRP B 241 -23.11 -27.64 4.57
CA TRP B 241 -22.99 -26.26 5.00
C TRP B 241 -23.05 -26.21 6.52
N VAL B 242 -22.21 -25.37 7.12
CA VAL B 242 -22.15 -25.28 8.58
C VAL B 242 -23.37 -24.60 9.16
N GLY B 243 -24.25 -24.06 8.32
CA GLY B 243 -25.46 -23.42 8.80
C GLY B 243 -25.33 -21.95 9.13
N ASN B 244 -24.22 -21.32 8.78
CA ASN B 244 -24.07 -19.89 8.99
C ASN B 244 -23.06 -19.37 7.97
N GLU B 245 -22.87 -18.05 7.99
CA GLU B 245 -21.85 -17.41 7.16
C GLU B 245 -20.96 -16.51 7.97
N SER B 246 -21.05 -16.57 9.30
CA SER B 246 -20.21 -15.77 10.19
C SER B 246 -18.84 -16.39 10.40
N GLY B 247 -18.64 -17.65 10.00
CA GLY B 247 -17.33 -18.26 10.06
C GLY B 247 -17.12 -19.05 11.34
N TYR B 248 -18.09 -19.85 11.73
CA TYR B 248 -17.96 -20.58 12.98
C TYR B 248 -18.63 -21.95 12.84
N ALA B 249 -17.93 -22.98 13.27
CA ALA B 249 -18.53 -24.27 13.53
C ALA B 249 -18.80 -24.41 15.01
N GLY B 250 -19.65 -25.35 15.36
CA GLY B 250 -20.01 -25.60 16.75
C GLY B 250 -19.25 -26.77 17.31
N TYR B 251 -18.82 -26.67 18.56
CA TYR B 251 -18.20 -27.81 19.21
C TYR B 251 -19.19 -28.39 20.19
N PRO B 252 -19.53 -29.69 20.11
CA PRO B 252 -18.98 -30.70 19.21
C PRO B 252 -19.43 -30.55 17.77
N CYS B 253 -18.52 -30.80 16.81
CA CYS B 253 -18.83 -30.71 15.39
C CYS B 253 -18.70 -32.12 14.81
N TRP B 254 -19.70 -32.95 15.05
CA TRP B 254 -19.68 -34.32 14.55
C TRP B 254 -19.63 -34.32 13.03
N ALA B 255 -18.86 -35.26 12.46
CA ALA B 255 -18.86 -35.40 11.01
C ALA B 255 -20.17 -36.02 10.52
N THR B 256 -20.78 -36.88 11.33
CA THR B 256 -22.03 -37.53 10.94
C THR B 256 -23.19 -36.55 10.99
N TYR B 257 -24.21 -36.81 10.18
CA TYR B 257 -25.30 -35.87 10.03
C TYR B 257 -26.54 -36.58 9.51
N THR B 258 -27.68 -36.24 10.09
CA THR B 258 -28.98 -36.74 9.62
C THR B 258 -29.84 -35.53 9.28
N PRO B 259 -29.89 -35.12 8.01
CA PRO B 259 -30.68 -33.94 7.66
C PRO B 259 -32.16 -34.16 7.94
N VAL B 260 -32.79 -33.15 8.52
CA VAL B 260 -34.25 -33.18 8.65
C VAL B 260 -34.83 -32.04 7.82
N PRO B 261 -35.91 -32.29 7.09
CA PRO B 261 -36.46 -31.26 6.20
C PRO B 261 -37.28 -30.23 6.98
N LEU B 262 -37.42 -29.05 6.36
CA LEU B 262 -38.33 -28.04 6.92
C LEU B 262 -39.75 -28.59 7.00
N GLN B 263 -40.27 -29.10 5.89
CA GLN B 263 -41.57 -29.75 5.86
C GLN B 263 -41.43 -31.21 6.29
N ALA B 264 -42.12 -31.58 7.36
CA ALA B 264 -42.02 -32.93 7.89
C ALA B 264 -42.51 -33.96 6.89
N GLY B 265 -41.67 -34.94 6.58
CA GLY B 265 -42.05 -36.02 5.70
C GLY B 265 -41.35 -36.01 4.36
N THR B 266 -41.12 -34.82 3.82
CA THR B 266 -40.49 -34.67 2.52
C THR B 266 -39.03 -35.15 2.56
N GLU B 267 -38.40 -35.17 1.37
CA GLU B 267 -37.02 -35.59 1.25
C GLU B 267 -36.10 -34.38 1.32
N PRO B 268 -35.08 -34.42 2.16
CA PRO B 268 -34.24 -33.23 2.36
C PRO B 268 -33.53 -32.83 1.08
N ALA B 269 -33.41 -31.52 0.87
CA ALA B 269 -32.83 -31.01 -0.37
C ALA B 269 -32.23 -29.64 -0.08
N PRO B 270 -31.28 -29.19 -0.92
CA PRO B 270 -30.70 -27.84 -0.77
C PRO B 270 -31.76 -26.75 -0.64
N GLY B 271 -31.82 -26.11 0.52
CA GLY B 271 -32.74 -25.03 0.78
C GLY B 271 -34.04 -25.41 1.45
N THR B 272 -34.21 -26.68 1.85
CA THR B 272 -35.45 -27.12 2.48
C THR B 272 -35.19 -27.94 3.75
N VAL B 273 -34.11 -27.66 4.46
CA VAL B 273 -33.79 -28.43 5.66
C VAL B 273 -33.63 -27.47 6.82
N ARG B 274 -33.97 -27.96 8.01
CA ARG B 274 -33.78 -27.20 9.24
C ARG B 274 -32.28 -27.13 9.47
N TYR B 275 -31.65 -26.10 8.90
CA TYR B 275 -30.22 -26.12 8.60
C TYR B 275 -29.32 -25.87 9.79
N ARG B 276 -29.83 -25.30 10.88
CA ARG B 276 -28.98 -25.03 12.04
C ARG B 276 -28.40 -26.30 12.65
N LEU B 277 -28.99 -27.47 12.37
CA LEU B 277 -28.39 -28.73 12.79
C LEU B 277 -27.04 -29.01 12.13
N GLY B 278 -26.70 -28.28 11.07
CA GLY B 278 -25.43 -28.45 10.40
C GLY B 278 -24.28 -27.73 11.04
N THR B 279 -24.50 -27.08 12.18
CA THR B 279 -23.41 -26.44 12.91
C THR B 279 -22.74 -27.43 13.86
N GLU B 280 -23.48 -28.40 14.37
CA GLU B 280 -22.91 -29.47 15.18
C GLU B 280 -23.03 -30.84 14.54
N GLY B 281 -23.83 -30.99 13.49
CA GLY B 281 -24.06 -32.32 12.98
C GLY B 281 -24.91 -33.09 13.96
N THR B 282 -25.04 -34.38 13.70
CA THR B 282 -25.80 -35.27 14.56
C THR B 282 -24.88 -36.38 15.05
N MET B 283 -24.97 -36.69 16.34
CA MET B 283 -23.97 -37.52 17.00
C MET B 283 -23.81 -38.88 16.34
N ASP B 284 -24.82 -39.74 16.45
CA ASP B 284 -24.74 -41.07 15.83
C ASP B 284 -25.51 -41.08 14.52
N GLY B 285 -25.04 -40.22 13.62
CA GLY B 285 -25.74 -39.99 12.37
C GLY B 285 -25.78 -41.21 11.49
N LYS B 286 -26.66 -41.15 10.48
CA LYS B 286 -26.81 -42.23 9.53
C LYS B 286 -25.84 -42.10 8.36
N TYR B 287 -25.46 -40.88 8.00
CA TYR B 287 -24.59 -40.63 6.86
C TYR B 287 -23.33 -39.90 7.33
N TRP B 288 -22.35 -39.80 6.44
CA TRP B 288 -21.08 -39.14 6.74
C TRP B 288 -20.97 -37.88 5.88
N ILE B 289 -21.57 -36.79 6.35
CA ILE B 289 -21.42 -35.53 5.63
C ILE B 289 -20.76 -34.49 6.54
N PRO B 290 -19.42 -34.42 6.58
CA PRO B 290 -18.74 -33.42 7.39
C PRO B 290 -19.00 -31.99 6.93
N ALA B 291 -18.61 -31.03 7.76
CA ALA B 291 -19.05 -29.64 7.63
C ALA B 291 -17.98 -28.73 7.03
N GLU B 292 -18.42 -27.82 6.17
CA GLU B 292 -17.60 -26.75 5.61
C GLU B 292 -18.03 -25.42 6.20
N VAL B 293 -17.06 -24.64 6.67
CA VAL B 293 -17.31 -23.30 7.18
C VAL B 293 -16.91 -22.35 6.05
N ASP B 294 -17.90 -21.94 5.25
CA ASP B 294 -17.68 -20.91 4.25
C ASP B 294 -17.83 -19.54 4.89
N VAL B 295 -16.86 -18.66 4.62
CA VAL B 295 -16.85 -17.34 5.24
C VAL B 295 -15.93 -16.46 4.40
N SER B 296 -16.23 -15.17 4.39
CA SER B 296 -15.50 -14.23 3.55
C SER B 296 -14.49 -13.43 4.37
N ILE B 297 -13.36 -13.12 3.72
CA ILE B 297 -12.37 -12.24 4.31
C ILE B 297 -12.91 -10.83 4.50
N ARG B 298 -14.04 -10.53 3.87
CA ARG B 298 -14.72 -9.24 3.92
C ARG B 298 -16.15 -9.46 4.37
N PRO B 299 -16.86 -8.41 4.78
CA PRO B 299 -18.27 -8.60 5.19
C PRO B 299 -19.13 -9.16 4.07
N GLY B 300 -18.97 -8.65 2.85
CA GLY B 300 -19.71 -9.17 1.74
C GLY B 300 -18.94 -10.22 0.96
N TRP B 301 -19.67 -11.05 0.22
CA TRP B 301 -19.03 -12.11 -0.54
C TRP B 301 -18.27 -11.57 -1.74
N PHE B 302 -18.68 -10.43 -2.28
CA PHE B 302 -17.99 -9.85 -3.42
C PHE B 302 -17.17 -8.65 -2.99
N TRP B 303 -16.24 -8.25 -3.85
CA TRP B 303 -15.35 -7.14 -3.52
C TRP B 303 -16.12 -5.85 -3.46
N HIS B 304 -15.86 -5.05 -2.43
CA HIS B 304 -16.43 -3.72 -2.30
C HIS B 304 -15.34 -2.77 -1.82
N GLU B 305 -15.23 -1.61 -2.45
CA GLU B 305 -14.21 -0.65 -2.05
C GLU B 305 -14.40 -0.19 -0.61
N HIS B 306 -15.66 0.09 -0.24
CA HIS B 306 -15.95 0.55 1.12
C HIS B 306 -15.75 -0.55 2.16
N GLU B 307 -15.32 -1.75 1.75
CA GLU B 307 -14.95 -2.80 2.68
C GLU B 307 -13.45 -3.05 2.73
N ASN B 308 -12.64 -2.23 2.06
CA ASN B 308 -11.20 -2.39 2.18
C ASN B 308 -10.72 -2.23 3.63
N SER B 309 -11.43 -1.42 4.42
CA SER B 309 -11.13 -1.24 5.83
C SER B 309 -11.80 -2.28 6.72
N ARG B 310 -12.50 -3.26 6.15
CA ARG B 310 -13.18 -4.30 6.90
C ARG B 310 -12.60 -5.69 6.65
N VAL B 311 -11.35 -5.76 6.21
CA VAL B 311 -10.71 -7.04 5.92
C VAL B 311 -10.26 -7.68 7.23
N ARG B 312 -10.53 -8.98 7.37
CA ARG B 312 -10.15 -9.70 8.58
C ARG B 312 -8.64 -9.70 8.77
N THR B 313 -8.21 -9.31 9.96
CA THR B 313 -6.79 -9.35 10.29
C THR B 313 -6.29 -10.79 10.36
N PRO B 314 -4.97 -11.01 10.18
CA PRO B 314 -4.44 -12.38 10.32
C PRO B 314 -4.76 -13.03 11.66
N GLU B 315 -4.81 -12.26 12.75
CA GLU B 315 -5.19 -12.84 14.04
C GLU B 315 -6.62 -13.34 14.02
N ASN B 316 -7.52 -12.53 13.43
CA ASN B 316 -8.89 -12.97 13.22
C ASN B 316 -8.93 -14.22 12.36
N LEU B 317 -8.13 -14.25 11.29
CA LEU B 317 -8.12 -15.42 10.44
C LEU B 317 -7.62 -16.65 11.18
N LEU B 318 -6.70 -16.48 12.13
CA LEU B 318 -6.24 -17.63 12.90
C LEU B 318 -7.32 -18.11 13.87
N LYS B 319 -8.02 -17.17 14.52
CA LYS B 319 -9.15 -17.57 15.35
C LYS B 319 -10.19 -18.31 14.52
N LEU B 320 -10.40 -17.85 13.29
CA LEU B 320 -11.29 -18.53 12.36
C LEU B 320 -10.78 -19.94 12.04
N TYR B 321 -9.47 -20.05 11.85
CA TYR B 321 -8.86 -21.36 11.61
C TYR B 321 -9.14 -22.30 12.75
N PHE B 322 -9.02 -21.83 14.00
CA PHE B 322 -9.35 -22.72 15.12
C PHE B 322 -10.84 -23.05 15.10
N ASP B 323 -11.69 -22.03 15.13
CA ASP B 323 -13.13 -22.25 15.24
C ASP B 323 -13.71 -23.01 14.07
N SER B 324 -12.95 -23.26 13.00
CA SER B 324 -13.40 -24.10 11.91
C SER B 324 -12.58 -25.39 11.81
N VAL B 325 -11.31 -25.29 11.40
CA VAL B 325 -10.47 -26.46 11.24
C VAL B 325 -10.30 -27.20 12.57
N GLY B 326 -9.96 -26.46 13.64
CA GLY B 326 -9.71 -27.12 14.89
C GLY B 326 -10.94 -27.58 15.61
N ARG B 327 -12.11 -27.51 14.98
CA ARG B 327 -13.32 -28.08 15.54
C ARG B 327 -13.77 -29.34 14.80
N GLY B 328 -13.06 -29.74 13.76
CA GLY B 328 -13.36 -30.95 13.02
C GLY B 328 -13.89 -30.71 11.63
N ALA B 329 -14.17 -29.46 11.28
CA ALA B 329 -14.70 -29.10 9.98
C ALA B 329 -13.56 -28.61 9.09
N ASN B 330 -13.90 -28.18 7.88
CA ASN B 330 -12.92 -27.57 7.00
C ASN B 330 -13.31 -26.13 6.73
N LEU B 331 -12.34 -25.34 6.29
CA LEU B 331 -12.50 -23.91 6.12
C LEU B 331 -12.54 -23.55 4.65
N ASN B 332 -13.40 -22.58 4.29
CA ASN B 332 -13.51 -22.08 2.93
C ASN B 332 -13.56 -20.56 3.00
N LEU B 333 -12.40 -19.94 2.90
CA LEU B 333 -12.28 -18.49 3.01
C LEU B 333 -12.44 -17.87 1.64
N ASN B 334 -13.28 -16.84 1.56
CA ASN B 334 -13.57 -16.14 0.31
C ASN B 334 -12.63 -14.95 0.18
N VAL B 335 -11.98 -14.84 -0.96
CA VAL B 335 -11.17 -13.68 -1.29
C VAL B 335 -11.68 -13.11 -2.60
N PRO B 336 -12.48 -12.06 -2.57
CA PRO B 336 -13.12 -11.56 -3.78
C PRO B 336 -12.21 -10.61 -4.54
N PRO B 337 -11.86 -10.96 -5.78
CA PRO B 337 -11.03 -10.05 -6.58
C PRO B 337 -11.73 -8.72 -6.85
N ASP B 338 -10.94 -7.66 -6.90
CA ASP B 338 -11.44 -6.32 -7.19
C ASP B 338 -11.72 -6.19 -8.69
N ARG B 339 -12.11 -4.98 -9.11
CA ARG B 339 -12.41 -4.73 -10.52
C ARG B 339 -11.16 -4.59 -11.36
N ARG B 340 -10.01 -4.96 -10.83
CA ARG B 340 -8.82 -5.22 -11.63
C ARG B 340 -8.66 -6.70 -11.94
N GLY B 341 -9.43 -7.56 -11.27
CA GLY B 341 -9.21 -8.98 -11.40
C GLY B 341 -8.17 -9.52 -10.46
N ARG B 342 -7.77 -8.76 -9.44
CA ARG B 342 -6.70 -9.14 -8.54
C ARG B 342 -7.17 -9.15 -7.09
N ILE B 343 -6.52 -9.99 -6.29
CA ILE B 343 -6.70 -9.92 -4.84
C ILE B 343 -6.16 -8.59 -4.35
N HIS B 344 -6.97 -7.87 -3.58
CA HIS B 344 -6.60 -6.53 -3.16
C HIS B 344 -5.41 -6.59 -2.20
N GLU B 345 -4.71 -5.45 -2.10
CA GLU B 345 -3.49 -5.41 -1.30
C GLU B 345 -3.77 -5.69 0.17
N GLU B 346 -4.88 -5.18 0.71
CA GLU B 346 -5.23 -5.50 2.09
C GLU B 346 -5.45 -7.00 2.28
N ASP B 347 -6.15 -7.62 1.34
CA ASP B 347 -6.36 -9.07 1.41
C ASP B 347 -5.03 -9.80 1.37
N LYS B 348 -4.10 -9.37 0.53
CA LYS B 348 -2.80 -10.02 0.43
C LYS B 348 -2.00 -9.86 1.72
N LYS B 349 -2.01 -8.66 2.30
CA LYS B 349 -1.36 -8.44 3.58
C LYS B 349 -1.90 -9.38 4.64
N SER B 350 -3.23 -9.46 4.73
CA SER B 350 -3.82 -10.30 5.77
C SER B 350 -3.51 -11.78 5.52
N LEU B 351 -3.54 -12.23 4.26
CA LEU B 351 -3.23 -13.63 3.95
C LEU B 351 -1.78 -13.96 4.27
N ALA B 352 -0.85 -13.06 3.94
CA ALA B 352 0.56 -13.30 4.25
C ALA B 352 0.78 -13.36 5.76
N GLY B 353 0.19 -12.43 6.51
CA GLY B 353 0.26 -12.50 7.95
C GLY B 353 -0.34 -13.78 8.52
N PHE B 354 -1.47 -14.22 7.95
CA PHE B 354 -2.11 -15.45 8.39
C PHE B 354 -1.22 -16.66 8.16
N ARG B 355 -0.48 -16.67 7.04
CA ARG B 355 0.49 -17.73 6.82
C ARG B 355 1.63 -17.66 7.84
N VAL B 356 2.11 -16.44 8.13
CA VAL B 356 3.12 -16.28 9.16
C VAL B 356 2.64 -16.88 10.48
N LEU B 357 1.37 -16.64 10.82
CA LEU B 357 0.85 -17.12 12.11
C LEU B 357 0.68 -18.64 12.12
N LEU B 358 0.19 -19.21 11.03
CA LEU B 358 0.10 -20.67 10.97
C LEU B 358 1.48 -21.31 11.04
N ASP B 359 2.48 -20.68 10.42
CA ASP B 359 3.83 -21.23 10.45
C ASP B 359 4.40 -21.17 11.86
N GLU B 360 4.23 -20.04 12.54
CA GLU B 360 4.66 -19.95 13.93
C GLU B 360 3.94 -20.97 14.79
N LEU B 361 2.64 -21.17 14.56
CA LEU B 361 1.89 -22.18 15.30
C LEU B 361 2.50 -23.57 15.12
N TYR B 362 2.92 -23.90 13.90
CA TYR B 362 3.46 -25.23 13.63
C TYR B 362 4.99 -25.27 13.54
N SER B 363 5.68 -24.34 14.21
CA SER B 363 7.14 -24.33 14.20
C SER B 363 7.71 -25.51 14.97
N ARG B 364 7.24 -25.70 16.19
CA ARG B 364 7.74 -26.70 17.13
C ARG B 364 6.55 -27.55 17.56
N ASN B 365 6.61 -28.84 17.26
CA ASN B 365 5.69 -29.83 17.82
C ASN B 365 6.30 -30.31 19.13
N PHE B 366 5.74 -29.88 20.26
CA PHE B 366 6.39 -30.24 21.52
C PHE B 366 6.16 -31.69 21.91
N ALA B 367 5.52 -32.49 21.06
CA ALA B 367 5.39 -33.91 21.30
C ALA B 367 6.40 -34.74 20.52
N SER B 368 6.89 -34.23 19.39
CA SER B 368 7.89 -34.95 18.61
C SER B 368 9.18 -35.07 19.41
N GLY B 369 9.58 -36.29 19.73
CA GLY B 369 10.65 -36.55 20.66
C GLY B 369 10.19 -37.16 21.96
N ALA B 370 8.88 -37.29 22.15
CA ALA B 370 8.34 -37.85 23.37
C ALA B 370 8.20 -39.37 23.25
N GLN B 371 8.10 -40.01 24.41
CA GLN B 371 7.72 -41.42 24.46
C GLN B 371 6.22 -41.53 24.68
N ALA B 372 5.63 -42.56 24.08
CA ALA B 372 4.20 -42.80 24.16
C ALA B 372 3.93 -44.12 24.87
N GLU B 373 3.03 -44.08 25.84
CA GLU B 373 2.51 -45.26 26.51
C GLU B 373 1.00 -45.24 26.38
N SER B 374 0.38 -46.40 26.64
CA SER B 374 -1.06 -46.50 26.49
C SER B 374 -1.64 -47.40 27.58
N SER B 375 -2.89 -47.12 27.95
CA SER B 375 -3.61 -47.98 28.88
C SER B 375 -3.65 -49.41 28.37
N SER B 376 -3.77 -49.58 27.06
CA SER B 376 -3.71 -50.88 26.41
C SER B 376 -3.42 -50.65 24.93
N SER B 377 -3.24 -51.75 24.20
CA SER B 377 -3.09 -51.69 22.75
C SER B 377 -3.77 -52.93 22.17
N TRP B 378 -3.91 -52.96 20.85
CA TRP B 378 -4.62 -54.05 20.19
C TRP B 378 -3.88 -54.44 18.92
N LYS B 379 -3.37 -55.67 18.89
CA LYS B 379 -2.85 -56.29 17.67
C LYS B 379 -1.84 -55.40 16.94
N GLY B 380 -0.95 -54.77 17.70
CA GLY B 380 0.18 -54.06 17.14
C GLY B 380 0.02 -52.56 17.00
N HIS B 381 -1.20 -52.04 17.10
CA HIS B 381 -1.41 -50.59 17.04
C HIS B 381 -1.03 -49.99 18.39
N GLY B 382 0.26 -49.65 18.54
CA GLY B 382 0.78 -49.14 19.80
C GLY B 382 0.67 -47.63 19.93
N ALA B 383 0.96 -47.14 21.14
CA ALA B 383 0.79 -45.72 21.44
C ALA B 383 1.65 -44.85 20.51
N GLU B 384 2.91 -45.24 20.32
CA GLU B 384 3.84 -44.51 19.46
C GLU B 384 3.21 -44.05 18.15
N GLN B 385 2.24 -44.81 17.66
CA GLN B 385 1.64 -44.59 16.35
C GLN B 385 0.88 -43.28 16.26
N VAL B 386 0.78 -42.52 17.35
CA VAL B 386 0.11 -41.23 17.31
C VAL B 386 1.09 -40.07 17.16
N LEU B 387 2.39 -40.34 17.12
CA LEU B 387 3.39 -39.29 17.12
C LEU B 387 3.73 -38.78 15.72
N ASP B 388 3.49 -39.56 14.69
CA ASP B 388 3.85 -39.17 13.33
C ASP B 388 2.77 -38.32 12.66
N ARG B 389 1.70 -37.99 13.36
CA ARG B 389 0.64 -37.11 12.87
C ARG B 389 -0.07 -37.66 11.63
N LYS B 390 0.42 -38.76 11.06
CA LYS B 390 -0.19 -39.32 9.87
C LYS B 390 -1.49 -40.04 10.21
N ARG B 391 -2.51 -39.80 9.38
CA ARG B 391 -3.82 -40.41 9.59
C ARG B 391 -3.83 -41.89 9.25
N THR B 392 -2.81 -42.38 8.54
CA THR B 392 -2.76 -43.79 8.18
C THR B 392 -2.18 -44.66 9.29
N THR B 393 -1.52 -44.07 10.29
CA THR B 393 -0.96 -44.81 11.41
C THR B 393 -1.69 -44.41 12.67
N TYR B 394 -2.09 -45.39 13.46
CA TYR B 394 -2.97 -45.09 14.57
C TYR B 394 -2.82 -46.10 15.70
N TRP B 395 -3.20 -45.66 16.89
CA TRP B 395 -3.32 -46.47 18.09
C TRP B 395 -4.77 -46.90 18.27
N VAL B 396 -4.96 -48.15 18.68
CA VAL B 396 -6.29 -48.64 19.04
C VAL B 396 -6.20 -49.33 20.39
N ALA B 397 -7.20 -49.07 21.24
CA ALA B 397 -7.25 -49.71 22.55
C ALA B 397 -7.84 -51.11 22.43
N ALA B 398 -7.83 -51.82 23.52
CA ALA B 398 -8.45 -53.13 23.51
C ALA B 398 -9.89 -53.04 24.01
N PRO B 399 -10.80 -53.85 23.46
CA PRO B 399 -12.20 -53.79 23.91
C PRO B 399 -12.35 -54.31 25.33
N GLU B 400 -11.61 -53.72 26.26
CA GLU B 400 -11.46 -54.29 27.59
C GLU B 400 -11.45 -53.20 28.65
N ASP B 401 -10.44 -52.32 28.61
CA ASP B 401 -10.35 -51.26 29.60
C ASP B 401 -11.44 -50.22 29.35
N LYS B 402 -12.32 -50.05 30.33
CA LYS B 402 -13.39 -49.07 30.19
C LYS B 402 -12.90 -47.64 30.28
N HIS B 403 -11.64 -47.43 30.67
CA HIS B 403 -11.04 -46.10 30.76
C HIS B 403 -9.75 -46.10 29.93
N PRO B 404 -9.85 -46.12 28.61
CA PRO B 404 -8.64 -46.10 27.79
C PRO B 404 -7.93 -44.76 27.84
N CYS B 405 -6.61 -44.81 27.76
CA CYS B 405 -5.79 -43.63 27.98
C CYS B 405 -4.51 -43.71 27.16
N VAL B 406 -3.95 -42.56 26.82
CA VAL B 406 -2.67 -42.46 26.12
C VAL B 406 -1.84 -41.37 26.81
N VAL B 407 -0.58 -41.71 27.11
CA VAL B 407 0.31 -40.84 27.86
C VAL B 407 1.51 -40.50 26.98
N LEU B 408 1.86 -39.22 26.93
CA LEU B 408 3.08 -38.75 26.29
C LEU B 408 4.01 -38.19 27.36
N LYS B 409 5.21 -38.73 27.45
CA LYS B 409 6.27 -38.26 28.33
C LYS B 409 7.30 -37.50 27.51
N LEU B 410 7.67 -36.31 27.98
CA LEU B 410 8.50 -35.38 27.23
C LEU B 410 9.94 -35.38 27.73
N PRO B 411 10.89 -34.89 26.93
CA PRO B 411 12.29 -34.90 27.38
C PRO B 411 12.59 -33.92 28.50
N GLU B 412 11.90 -32.79 28.52
CA GLU B 412 11.98 -31.83 29.62
C GLU B 412 10.69 -31.03 29.63
N PRO B 413 10.39 -30.34 30.74
CA PRO B 413 9.23 -29.44 30.73
C PRO B 413 9.31 -28.44 29.59
N ALA B 414 8.19 -28.28 28.87
CA ALA B 414 8.10 -27.39 27.73
C ALA B 414 6.87 -26.51 27.86
N ALA B 415 6.98 -25.29 27.32
CA ALA B 415 5.93 -24.27 27.44
C ALA B 415 5.05 -24.32 26.19
N PHE B 416 3.80 -24.73 26.39
CA PHE B 416 2.84 -24.81 25.30
C PHE B 416 1.45 -24.61 25.85
N ASP B 417 0.47 -24.52 24.93
CA ASP B 417 -0.90 -24.24 25.33
C ASP B 417 -1.94 -24.78 24.36
N VAL B 418 -1.57 -25.60 23.38
CA VAL B 418 -2.51 -26.13 22.40
C VAL B 418 -2.22 -27.60 22.17
N ILE B 419 -3.24 -28.44 22.22
CA ILE B 419 -3.11 -29.83 21.85
C ILE B 419 -3.91 -30.05 20.57
N ARG B 420 -3.45 -31.00 19.75
CA ARG B 420 -4.11 -31.39 18.52
C ARG B 420 -4.32 -32.89 18.55
N LEU B 421 -5.57 -33.31 18.40
CA LEU B 421 -5.95 -34.71 18.47
C LEU B 421 -6.63 -35.10 17.16
N ALA B 422 -6.45 -36.36 16.76
CA ALA B 422 -7.07 -36.81 15.52
C ALA B 422 -7.25 -38.32 15.58
N GLU B 423 -8.42 -38.79 15.00
CA GLU B 423 -8.91 -40.15 14.88
C GLU B 423 -8.69 -40.68 13.46
N PRO B 424 -8.45 -41.99 13.31
CA PRO B 424 -8.46 -42.59 11.97
C PRO B 424 -9.88 -42.65 11.44
N ILE B 425 -10.34 -41.53 10.86
CA ILE B 425 -11.74 -41.40 10.48
C ILE B 425 -12.14 -42.42 9.43
N GLN B 426 -11.19 -42.92 8.64
CA GLN B 426 -11.52 -43.95 7.66
C GLN B 426 -12.19 -45.15 8.31
N LEU B 427 -12.03 -45.33 9.62
CA LEU B 427 -12.68 -46.41 10.36
C LEU B 427 -13.95 -45.96 11.06
N GLY B 428 -14.25 -44.66 11.05
CA GLY B 428 -15.44 -44.13 11.68
C GLY B 428 -15.09 -43.04 12.66
N GLN B 429 -16.09 -42.59 13.39
CA GLN B 429 -15.90 -41.62 14.47
C GLN B 429 -16.41 -42.25 15.76
N ARG B 430 -15.52 -42.42 16.73
CA ARG B 430 -15.80 -43.26 17.89
C ARG B 430 -15.89 -42.51 19.21
N VAL B 431 -14.93 -41.62 19.49
CA VAL B 431 -14.90 -40.96 20.78
C VAL B 431 -16.12 -40.05 20.93
N ARG B 432 -16.67 -40.01 22.14
CA ARG B 432 -17.84 -39.20 22.45
C ARG B 432 -17.60 -38.19 23.55
N LYS B 433 -16.82 -38.55 24.58
CA LYS B 433 -16.36 -37.61 25.60
C LYS B 433 -14.97 -38.01 26.05
N PHE B 434 -14.13 -37.01 26.27
CA PHE B 434 -12.72 -37.24 26.55
C PHE B 434 -12.18 -36.05 27.33
N ARG B 435 -11.10 -36.28 28.06
CA ARG B 435 -10.40 -35.21 28.74
C ARG B 435 -8.90 -35.31 28.49
N VAL B 436 -8.19 -34.22 28.76
CA VAL B 436 -6.76 -34.11 28.55
C VAL B 436 -6.16 -33.48 29.79
N GLU B 437 -5.24 -34.21 30.43
CA GLU B 437 -4.55 -33.82 31.65
C GLU B 437 -3.09 -33.50 31.34
N VAL B 438 -2.51 -32.56 32.09
CA VAL B 438 -1.12 -32.18 31.93
C VAL B 438 -0.38 -32.38 33.24
N ARG B 439 0.94 -32.56 33.13
CA ARG B 439 1.81 -32.86 34.26
C ARG B 439 2.66 -31.64 34.55
N GLU B 440 2.46 -31.01 35.71
CA GLU B 440 3.24 -29.87 36.15
C GLU B 440 3.85 -30.14 37.52
N ASN B 441 5.14 -29.83 37.67
CA ASN B 441 5.87 -30.00 38.92
C ASN B 441 5.69 -31.40 39.49
N GLY B 442 5.50 -32.38 38.60
CA GLY B 442 5.33 -33.76 39.01
C GLY B 442 3.90 -34.18 39.26
N GLN B 443 2.97 -33.25 39.35
CA GLN B 443 1.58 -33.53 39.68
C GLN B 443 0.68 -33.38 38.46
N TRP B 444 -0.35 -34.21 38.40
CA TRP B 444 -1.31 -34.20 37.31
C TRP B 444 -2.56 -33.41 37.68
N SER B 445 -3.05 -32.61 36.75
CA SER B 445 -4.32 -31.92 36.88
C SER B 445 -5.03 -31.97 35.54
N LYS B 446 -6.34 -31.76 35.57
CA LYS B 446 -7.12 -31.77 34.34
C LYS B 446 -6.94 -30.43 33.64
N TRP B 447 -6.74 -30.48 32.33
CA TRP B 447 -6.35 -29.32 31.55
C TRP B 447 -7.40 -28.87 30.55
N THR B 448 -7.99 -29.80 29.81
CA THR B 448 -9.10 -29.45 28.93
C THR B 448 -9.94 -30.71 28.70
N GLU B 449 -11.05 -30.55 27.99
CA GLU B 449 -11.93 -31.68 27.75
C GLU B 449 -12.81 -31.37 26.55
N GLY B 450 -13.54 -32.38 26.12
CA GLY B 450 -14.42 -32.18 24.97
C GLY B 450 -15.15 -33.44 24.61
N ALA B 451 -15.78 -33.40 23.43
CA ALA B 451 -16.69 -34.45 23.00
C ALA B 451 -16.24 -35.10 21.70
N SER B 452 -16.08 -34.33 20.63
CA SER B 452 -15.81 -34.88 19.30
C SER B 452 -14.37 -34.61 18.89
N ILE B 453 -13.85 -35.51 18.05
CA ILE B 453 -12.55 -35.33 17.42
C ILE B 453 -12.73 -35.39 15.91
N GLY B 454 -13.11 -36.56 15.41
CA GLY B 454 -13.28 -36.71 13.97
C GLY B 454 -11.95 -36.49 13.26
N ALA B 455 -11.98 -35.70 12.19
CA ALA B 455 -10.79 -35.46 11.40
C ALA B 455 -9.64 -34.95 12.25
N ARG B 456 -9.92 -33.97 13.11
CA ARG B 456 -8.95 -33.38 14.02
C ARG B 456 -9.67 -32.36 14.90
N VAL B 457 -9.09 -32.10 16.06
CA VAL B 457 -9.57 -31.07 16.99
C VAL B 457 -8.36 -30.37 17.60
N LEU B 458 -8.40 -29.04 17.60
CA LEU B 458 -7.39 -28.20 18.25
C LEU B 458 -8.01 -27.66 19.52
N LEU B 459 -7.48 -28.11 20.66
CA LEU B 459 -7.94 -27.67 21.98
C LEU B 459 -6.93 -26.69 22.55
N LYS B 460 -7.38 -25.48 22.86
CA LYS B 460 -6.56 -24.49 23.54
C LYS B 460 -6.97 -24.41 25.00
N GLY B 461 -5.99 -24.55 25.88
CA GLY B 461 -6.23 -24.48 27.31
C GLY B 461 -5.36 -23.45 27.99
N ARG B 462 -5.25 -23.51 29.33
CA ARG B 462 -4.41 -22.57 30.05
C ARG B 462 -2.95 -22.78 29.66
N PRO B 463 -2.16 -21.71 29.60
CA PRO B 463 -0.75 -21.86 29.22
C PRO B 463 0.03 -22.62 30.29
N VAL B 464 0.72 -23.68 29.86
CA VAL B 464 1.37 -24.59 30.79
C VAL B 464 2.82 -24.83 30.40
N THR B 465 3.62 -25.20 31.41
CA THR B 465 4.99 -25.73 31.22
C THR B 465 4.97 -27.14 31.79
N ALA B 466 4.95 -28.14 30.92
CA ALA B 466 4.64 -29.49 31.31
C ALA B 466 5.53 -30.48 30.57
N ASP B 467 5.68 -31.67 31.17
CA ASP B 467 6.44 -32.75 30.56
C ASP B 467 5.63 -34.04 30.59
N GLY B 468 4.33 -33.94 30.40
CA GLY B 468 3.45 -35.10 30.36
C GLY B 468 2.03 -34.75 29.98
N VAL B 469 1.46 -35.48 29.04
CA VAL B 469 0.10 -35.23 28.57
C VAL B 469 -0.65 -36.55 28.50
N ARG B 470 -1.82 -36.60 29.12
CA ARG B 470 -2.65 -37.81 29.11
C ARG B 470 -3.99 -37.47 28.47
N VAL B 471 -4.32 -38.19 27.41
CA VAL B 471 -5.64 -38.12 26.81
C VAL B 471 -6.42 -39.34 27.30
N VAL B 472 -7.54 -39.08 27.97
CA VAL B 472 -8.38 -40.12 28.56
C VAL B 472 -9.69 -40.14 27.78
N LEU B 473 -10.00 -41.29 27.19
CA LEU B 473 -11.18 -41.44 26.34
C LEU B 473 -12.31 -42.00 27.20
N GLU B 474 -13.09 -41.09 27.78
CA GLU B 474 -14.06 -41.48 28.80
C GLU B 474 -15.14 -42.39 28.24
N GLN B 475 -15.69 -42.04 27.08
CA GLN B 475 -16.76 -42.84 26.49
C GLN B 475 -16.67 -42.77 24.97
N SER B 476 -17.10 -43.85 24.33
CA SER B 476 -17.03 -44.00 22.88
C SER B 476 -17.92 -45.17 22.47
N ARG B 477 -18.42 -45.13 21.23
CA ARG B 477 -19.39 -46.13 20.79
C ARG B 477 -18.73 -47.46 20.45
N ALA B 478 -17.66 -47.42 19.65
CA ALA B 478 -16.83 -48.58 19.40
C ALA B 478 -15.47 -48.36 20.04
N VAL B 479 -14.70 -49.43 20.15
CA VAL B 479 -13.40 -49.42 20.82
C VAL B 479 -12.53 -48.31 20.20
N PRO B 480 -12.12 -47.33 21.00
CA PRO B 480 -11.58 -46.08 20.44
C PRO B 480 -10.25 -46.25 19.73
N ALA B 481 -9.84 -45.18 19.05
CA ALA B 481 -8.64 -45.18 18.24
C ALA B 481 -8.21 -43.75 17.95
N LEU B 482 -6.90 -43.50 18.02
CA LEU B 482 -6.32 -42.19 17.76
C LEU B 482 -5.17 -42.31 16.77
N CYS B 483 -5.10 -41.35 15.84
CA CYS B 483 -4.01 -41.30 14.88
C CYS B 483 -3.06 -40.14 15.09
N GLU B 484 -3.43 -39.13 15.88
CA GLU B 484 -2.51 -38.01 16.12
C GLU B 484 -2.72 -37.43 17.51
N VAL B 485 -1.61 -37.23 18.22
CA VAL B 485 -1.54 -36.38 19.41
C VAL B 485 -0.29 -35.52 19.26
N SER B 486 -0.47 -34.21 19.09
CA SER B 486 0.65 -33.29 18.91
C SER B 486 0.41 -32.04 19.74
N LEU B 487 1.51 -31.32 20.03
CA LEU B 487 1.48 -30.19 20.96
C LEU B 487 2.04 -28.95 20.29
N TRP B 488 1.46 -27.79 20.59
CA TRP B 488 1.76 -26.57 19.84
C TRP B 488 1.62 -25.39 20.78
N LYS B 489 2.36 -24.32 20.48
CA LYS B 489 2.21 -23.03 21.16
C LYS B 489 1.51 -22.06 20.23
N TYR B 490 0.35 -21.55 20.67
CA TYR B 490 -0.43 -20.61 19.87
C TYR B 490 0.27 -19.27 19.81
N PRO B 491 0.43 -18.67 18.63
CA PRO B 491 1.22 -17.44 18.51
C PRO B 491 0.83 -16.39 19.53
N VAL B 492 1.85 -15.69 20.01
CA VAL B 492 1.69 -14.75 21.11
C VAL B 492 1.02 -13.49 20.60
N ILE B 493 0.03 -12.99 21.35
CA ILE B 493 -0.48 -11.65 21.11
C ILE B 493 0.58 -10.65 21.52
N LEU B 494 1.00 -9.81 20.58
CA LEU B 494 1.99 -8.77 20.82
C LEU B 494 1.25 -7.45 21.08
N ASN B 495 0.94 -7.23 22.36
CA ASN B 495 0.31 -5.98 22.77
C ASN B 495 1.32 -4.84 22.72
N ALA B 496 0.84 -3.66 22.34
CA ALA B 496 1.68 -2.47 22.31
C ALA B 496 2.29 -2.21 23.68
N PRO B 497 3.49 -1.60 23.71
CA PRO B 497 4.16 -1.38 25.00
C PRO B 497 3.49 -0.28 25.80
N ALA B 498 3.46 -0.47 27.12
CA ALA B 498 3.08 0.59 28.04
C ALA B 498 4.27 1.52 28.24
N VAL B 499 4.02 2.83 28.12
CA VAL B 499 5.04 3.85 28.29
C VAL B 499 4.61 4.72 29.47
N ASN B 500 5.34 4.64 30.58
CA ASN B 500 4.99 5.37 31.78
C ASN B 500 6.10 6.33 32.16
N TYR B 501 5.74 7.34 32.95
CA TYR B 501 6.69 8.35 33.39
C TYR B 501 6.31 8.82 34.79
N ASP B 502 7.31 9.15 35.59
CA ASP B 502 7.11 9.67 36.92
C ASP B 502 7.41 11.18 36.95
N ARG B 503 7.27 11.76 38.14
CA ARG B 503 7.55 13.18 38.33
C ARG B 503 9.03 13.50 38.20
N ASN B 504 9.88 12.49 37.98
CA ASN B 504 11.32 12.67 37.86
C ASN B 504 11.79 12.74 36.41
N GLY B 505 10.90 12.55 35.44
CA GLY B 505 11.33 12.35 34.08
C GLY B 505 11.87 10.97 33.80
N ARG B 506 11.75 10.05 34.75
CA ARG B 506 12.20 8.67 34.58
C ARG B 506 11.16 7.91 33.76
N VAL B 507 11.56 7.46 32.57
CA VAL B 507 10.65 6.82 31.62
C VAL B 507 10.80 5.31 31.76
N THR B 508 9.69 4.59 31.84
CA THR B 508 9.68 3.15 31.96
C THR B 508 8.85 2.56 30.84
N LEU B 509 9.47 1.72 30.01
CA LEU B 509 8.78 0.98 28.97
C LEU B 509 8.52 -0.43 29.47
N ALA B 510 7.38 -1.00 29.09
CA ALA B 510 7.03 -2.33 29.59
C ALA B 510 6.07 -3.00 28.62
N SER B 511 5.88 -4.30 28.83
CA SER B 511 4.90 -5.09 28.10
C SER B 511 4.77 -6.44 28.78
N ALA B 512 3.55 -6.98 28.80
CA ALA B 512 3.30 -8.38 29.10
C ALA B 512 4.14 -9.31 28.22
N GLU B 513 3.94 -10.63 28.38
CA GLU B 513 4.62 -11.67 27.62
C GLU B 513 6.10 -11.40 27.34
N ASN B 514 6.76 -10.69 28.26
CA ASN B 514 8.14 -10.19 28.16
C ASN B 514 8.79 -10.33 26.79
N VAL B 515 8.72 -9.26 25.99
CA VAL B 515 9.21 -9.22 24.62
C VAL B 515 10.15 -8.04 24.47
N VAL B 516 11.03 -8.14 23.48
CA VAL B 516 11.98 -7.07 23.21
C VAL B 516 11.25 -5.83 22.74
N ILE B 517 11.65 -4.67 23.25
CA ILE B 517 11.00 -3.40 22.97
C ILE B 517 12.01 -2.46 22.34
N ARG B 518 11.70 -1.95 21.15
CA ARG B 518 12.48 -0.88 20.54
C ARG B 518 11.75 0.44 20.67
N TYR B 519 12.51 1.54 20.66
CA TYR B 519 11.93 2.83 20.96
C TYR B 519 12.73 3.93 20.26
N THR B 520 12.03 5.04 19.99
CA THR B 520 12.61 6.22 19.37
C THR B 520 12.18 7.45 20.14
N THR B 521 13.08 8.42 20.23
CA THR B 521 12.81 9.68 20.90
C THR B 521 12.84 10.87 19.95
N ASP B 522 13.23 10.67 18.69
CA ASP B 522 13.22 11.78 17.73
C ASP B 522 11.80 12.11 17.28
N GLY B 523 11.04 11.11 16.85
CA GLY B 523 9.68 11.31 16.41
C GLY B 523 9.29 10.39 15.28
N THR B 524 10.25 9.57 14.84
CA THR B 524 10.03 8.59 13.80
C THR B 524 9.27 7.38 14.35
N GLU B 525 8.89 6.50 13.46
CA GLU B 525 8.32 5.29 14.02
C GLU B 525 9.43 4.29 14.30
N PRO B 526 9.32 3.50 15.38
CA PRO B 526 10.41 2.58 15.75
C PRO B 526 10.68 1.48 14.73
N GLY B 527 11.68 1.69 13.88
CA GLY B 527 12.09 0.69 12.93
C GLY B 527 12.87 -0.44 13.59
N PRO B 528 13.06 -1.52 12.83
CA PRO B 528 13.80 -2.69 13.36
C PRO B 528 15.29 -2.44 13.59
N GLN B 529 15.79 -1.23 13.33
CA GLN B 529 17.16 -0.86 13.68
C GLN B 529 17.20 0.30 14.66
N SER B 530 16.13 0.50 15.40
CA SER B 530 16.06 1.55 16.40
C SER B 530 16.62 1.04 17.72
N ALA B 531 16.74 1.94 18.69
CA ALA B 531 17.37 1.60 19.96
C ALA B 531 16.51 0.60 20.73
N MET B 532 17.16 -0.45 21.23
CA MET B 532 16.47 -1.42 22.08
C MET B 532 16.31 -0.85 23.48
N TYR B 533 15.25 -1.28 24.16
CA TYR B 533 15.01 -0.90 25.54
C TYR B 533 15.57 -1.96 26.47
N ARG B 534 16.17 -1.50 27.57
CA ARG B 534 16.71 -2.41 28.56
C ARG B 534 16.31 -1.97 29.96
N ASN B 535 16.79 -0.79 30.36
CA ASN B 535 16.52 -0.25 31.68
C ASN B 535 15.94 1.15 31.54
N PRO B 536 15.15 1.60 32.52
CA PRO B 536 14.54 2.93 32.45
C PRO B 536 15.57 4.03 32.18
N PHE B 537 15.21 4.93 31.27
CA PHE B 537 16.08 6.02 30.83
C PHE B 537 15.44 7.35 31.16
N PHE B 538 16.21 8.42 31.00
CA PHE B 538 15.82 9.75 31.43
C PHE B 538 15.62 10.67 30.23
N LEU B 539 14.80 11.70 30.43
CA LEU B 539 14.55 12.71 29.40
C LEU B 539 14.13 14.00 30.08
N PRO B 540 15.10 14.76 30.61
CA PRO B 540 14.79 15.95 31.41
C PRO B 540 14.41 17.18 30.60
N ALA B 541 14.12 17.04 29.30
CA ALA B 541 13.79 18.19 28.48
C ALA B 541 12.35 18.21 27.99
N GLY B 542 11.64 17.09 28.08
CA GLY B 542 10.32 16.99 27.50
C GLY B 542 10.40 16.68 26.02
N GLY B 543 9.74 15.61 25.60
CA GLY B 543 9.80 15.19 24.21
C GLY B 543 8.74 14.15 23.87
N THR B 544 9.01 13.31 22.88
CA THR B 544 8.04 12.31 22.45
C THR B 544 8.74 10.97 22.29
N VAL B 545 8.18 9.93 22.92
CA VAL B 545 8.70 8.57 22.82
C VAL B 545 7.71 7.74 22.01
N LYS B 546 8.24 6.91 21.13
CA LYS B 546 7.43 5.97 20.37
C LYS B 546 8.08 4.59 20.50
N ALA B 547 7.35 3.65 21.08
CA ALA B 547 7.89 2.33 21.38
C ALA B 547 7.03 1.25 20.71
N ALA B 548 7.67 0.10 20.46
CA ALA B 548 7.04 -1.03 19.80
C ALA B 548 7.68 -2.32 20.28
N ALA B 549 6.87 -3.38 20.29
CA ALA B 549 7.31 -4.70 20.73
C ALA B 549 7.69 -5.58 19.53
N GLU B 550 8.49 -6.60 19.81
CA GLU B 550 9.02 -7.51 18.81
C GLU B 550 9.02 -8.92 19.37
N TYR B 551 8.70 -9.88 18.52
CA TYR B 551 8.84 -11.28 18.91
C TYR B 551 8.86 -12.14 17.66
N ARG B 552 9.94 -12.89 17.50
CA ARG B 552 10.02 -13.96 16.50
C ARG B 552 9.70 -13.42 15.11
N GLY B 553 10.35 -12.31 14.75
CA GLY B 553 10.23 -11.70 13.44
C GLY B 553 8.98 -10.87 13.21
N ARG B 554 7.99 -10.97 14.09
CA ARG B 554 6.71 -10.30 13.94
C ARG B 554 6.68 -9.07 14.84
N LYS B 555 6.27 -7.92 14.29
CA LYS B 555 6.28 -6.66 15.02
C LYS B 555 4.94 -6.48 15.75
N SER B 556 4.72 -5.32 16.37
CA SER B 556 3.49 -5.03 17.10
C SER B 556 3.09 -3.58 16.89
N SER B 557 2.00 -3.18 17.57
CA SER B 557 1.51 -1.81 17.51
C SER B 557 2.48 -0.84 18.18
N VAL B 558 2.39 0.43 17.76
CA VAL B 558 3.31 1.48 18.21
C VAL B 558 2.59 2.37 19.23
N THR B 559 3.09 2.37 20.47
CA THR B 559 2.62 3.30 21.48
C THR B 559 3.39 4.61 21.40
N THR B 560 2.67 5.72 21.36
CA THR B 560 3.27 7.05 21.31
C THR B 560 2.87 7.82 22.56
N GLN B 561 3.87 8.34 23.27
CA GLN B 561 3.67 8.96 24.57
C GLN B 561 4.47 10.25 24.70
N ILE B 562 3.83 11.27 25.24
CA ILE B 562 4.46 12.57 25.43
C ILE B 562 5.14 12.59 26.79
N ILE B 563 6.44 12.88 26.82
CA ILE B 563 7.21 12.96 28.04
C ILE B 563 7.24 14.42 28.48
N PRO B 564 6.59 14.79 29.58
CA PRO B 564 6.72 16.14 30.11
C PRO B 564 8.03 16.28 30.89
N VAL B 565 8.29 17.50 31.33
CA VAL B 565 9.44 17.81 32.18
C VAL B 565 9.13 17.27 33.58
N PRO B 566 10.13 16.98 34.42
CA PRO B 566 9.83 16.61 35.80
C PRO B 566 9.03 17.71 36.49
N THR B 567 8.19 17.32 37.46
CA THR B 567 7.22 18.28 37.97
C THR B 567 7.04 18.38 39.49
N ARG B 568 7.84 17.71 40.32
CA ARG B 568 7.59 17.95 41.74
C ARG B 568 8.49 19.03 42.33
N ASP B 569 9.61 19.36 41.68
CA ASP B 569 10.26 20.60 42.08
C ASP B 569 9.39 21.80 41.75
N TRP B 570 8.28 21.57 41.03
CA TRP B 570 7.26 22.58 40.87
C TRP B 570 6.49 22.72 42.18
N LYS B 571 5.75 23.80 42.29
CA LYS B 571 4.88 24.02 43.43
C LYS B 571 3.69 24.84 42.95
N VAL B 572 2.50 24.49 43.45
CA VAL B 572 1.29 25.20 43.06
C VAL B 572 1.27 26.54 43.77
N VAL B 573 1.41 27.61 42.99
CA VAL B 573 1.47 28.95 43.55
C VAL B 573 0.08 29.55 43.70
N ALA B 574 -0.79 29.33 42.73
CA ALA B 574 -2.16 29.84 42.83
C ALA B 574 -3.13 28.84 42.25
N GLY B 575 -4.29 28.72 42.89
CA GLY B 575 -5.31 27.78 42.47
C GLY B 575 -6.33 27.55 43.58
N GLU B 576 -7.61 27.57 43.22
CA GLU B 576 -8.66 27.41 44.21
C GLU B 576 -8.61 26.03 44.85
N ARG B 577 -8.64 26.01 46.19
CA ARG B 577 -8.50 24.78 46.95
C ARG B 577 -9.82 24.21 47.43
N SER B 578 -10.84 25.06 47.58
CA SER B 578 -12.18 24.74 48.05
C SER B 578 -12.37 23.28 48.46
N ALA B 579 -12.55 22.39 47.48
CA ALA B 579 -12.70 20.96 47.74
C ALA B 579 -11.76 20.10 46.90
N ALA B 580 -10.71 20.67 46.32
CA ALA B 580 -9.77 19.85 45.57
C ALA B 580 -8.35 20.39 45.72
N ALA B 581 -7.39 19.47 45.85
CA ALA B 581 -5.99 19.84 46.01
C ALA B 581 -5.41 20.29 44.67
N PRO B 582 -4.96 21.54 44.55
CA PRO B 582 -4.36 21.97 43.28
C PRO B 582 -3.11 21.19 42.90
N GLU B 583 -2.37 20.66 43.88
CA GLU B 583 -1.17 19.88 43.62
C GLU B 583 -1.47 18.56 42.91
N LEU B 584 -2.74 18.15 42.84
CA LEU B 584 -3.10 16.96 42.07
C LEU B 584 -3.05 17.18 40.57
N ALA B 585 -2.87 18.42 40.12
CA ALA B 585 -2.77 18.71 38.70
C ALA B 585 -1.32 18.78 38.22
N ILE B 586 -0.35 18.60 39.11
CA ILE B 586 1.05 18.59 38.73
C ILE B 586 1.75 17.43 39.44
N ASP B 587 0.98 16.40 39.79
CA ASP B 587 1.53 15.22 40.45
C ASP B 587 1.96 14.14 39.49
N GLY B 588 1.93 14.41 38.18
CA GLY B 588 2.37 13.47 37.19
C GLY B 588 1.51 12.24 37.02
N ASP B 589 0.41 12.12 37.76
CA ASP B 589 -0.48 10.98 37.69
C ASP B 589 -1.79 11.45 37.07
N SER B 590 -2.09 10.94 35.87
CA SER B 590 -3.29 11.33 35.14
C SER B 590 -4.57 10.82 35.78
N SER B 591 -4.47 9.87 36.71
CA SER B 591 -5.64 9.38 37.42
C SER B 591 -6.00 10.23 38.63
N THR B 592 -5.26 11.30 38.89
CA THR B 592 -5.58 12.24 39.96
C THR B 592 -6.04 13.56 39.35
N LEU B 593 -7.12 14.11 39.91
CA LEU B 593 -7.90 15.15 39.25
C LEU B 593 -8.10 16.33 40.18
N TRP B 594 -7.74 17.53 39.71
CA TRP B 594 -8.13 18.77 40.35
C TRP B 594 -9.46 19.24 39.79
N HIS B 595 -10.35 19.75 40.65
CA HIS B 595 -11.65 20.24 40.22
C HIS B 595 -12.01 21.50 41.02
N THR B 596 -13.12 22.14 40.62
CA THR B 596 -13.63 23.31 41.33
C THR B 596 -15.11 23.16 41.66
N HIS B 597 -15.55 21.94 41.94
CA HIS B 597 -16.94 21.65 42.31
C HIS B 597 -16.98 21.27 43.78
N ALA B 598 -16.95 22.29 44.64
CA ALA B 598 -16.99 22.04 46.07
C ALA B 598 -18.41 21.72 46.52
N ALA B 599 -18.51 21.10 47.71
CA ALA B 599 -19.82 20.82 48.28
C ALA B 599 -20.57 22.08 48.68
N GLN B 600 -19.94 23.25 48.60
CA GLN B 600 -20.62 24.53 48.79
C GLN B 600 -21.22 25.06 47.50
N GLY B 601 -20.53 24.89 46.38
CA GLY B 601 -21.00 25.44 45.12
C GLY B 601 -20.04 25.12 44.00
N GLU B 602 -20.57 25.19 42.78
CA GLU B 602 -19.83 24.89 41.55
C GLU B 602 -19.21 26.18 41.01
N LEU B 603 -18.13 26.61 41.66
CA LEU B 603 -17.48 27.88 41.35
C LEU B 603 -17.04 27.92 39.89
N ALA B 604 -17.56 28.89 39.15
CA ALA B 604 -17.46 28.92 37.69
C ALA B 604 -16.10 29.42 37.22
N PRO B 605 -15.70 29.03 36.02
CA PRO B 605 -14.50 29.58 35.39
C PRO B 605 -14.63 31.07 35.16
N PRO B 606 -13.53 31.76 34.83
CA PRO B 606 -12.19 31.19 34.60
C PRO B 606 -11.50 30.71 35.88
N GLN B 607 -10.91 29.52 35.81
CA GLN B 607 -10.15 28.97 36.92
C GLN B 607 -8.68 28.89 36.52
N ALA B 608 -7.81 29.36 37.40
CA ALA B 608 -6.42 29.57 37.08
C ALA B 608 -5.53 28.69 37.95
N LEU B 609 -4.50 28.12 37.34
CA LEU B 609 -3.45 27.40 38.04
C LEU B 609 -2.14 28.12 37.72
N GLU B 610 -1.57 28.77 38.72
CA GLU B 610 -0.26 29.40 38.59
C GLU B 610 0.76 28.47 39.25
N ILE B 611 1.75 28.05 38.46
CA ILE B 611 2.75 27.08 38.86
C ILE B 611 4.12 27.74 38.83
N ASP B 612 4.85 27.62 39.94
CA ASP B 612 6.29 27.92 39.98
C ASP B 612 7.04 26.69 39.51
N MET B 613 7.65 26.78 38.33
CA MET B 613 8.44 25.68 37.82
C MET B 613 9.81 25.58 38.47
N GLY B 614 10.11 26.48 39.42
CA GLY B 614 11.35 26.46 40.16
C GLY B 614 12.55 27.08 39.46
N ARG B 615 12.53 27.05 38.13
CA ARG B 615 13.64 27.54 37.32
C ARG B 615 13.12 28.03 35.99
N PRO B 616 13.75 29.05 35.41
CA PRO B 616 13.36 29.49 34.07
C PRO B 616 13.62 28.42 33.02
N VAL B 617 12.57 27.71 32.61
CA VAL B 617 12.67 26.65 31.61
C VAL B 617 12.20 27.24 30.28
N ASN B 618 12.76 26.73 29.19
CA ASN B 618 12.47 27.27 27.86
C ASN B 618 11.31 26.48 27.26
N VAL B 619 10.09 26.88 27.62
CA VAL B 619 8.89 26.15 27.25
C VAL B 619 8.49 26.53 25.83
N ALA B 620 8.16 25.51 25.02
CA ALA B 620 7.61 25.68 23.70
C ALA B 620 6.22 25.09 23.55
N ALA B 621 5.76 24.29 24.52
CA ALA B 621 4.45 23.70 24.47
C ALA B 621 3.94 23.47 25.88
N VAL B 622 2.62 23.58 26.04
CA VAL B 622 1.94 23.38 27.32
C VAL B 622 0.93 22.25 27.12
N ILE B 623 0.97 21.26 27.99
CA ILE B 623 0.16 20.05 27.83
C ILE B 623 -0.95 20.04 28.88
N TYR B 624 -2.17 19.83 28.42
CA TYR B 624 -3.32 19.64 29.30
C TYR B 624 -3.86 18.22 29.14
N THR B 625 -3.78 17.43 30.20
CA THR B 625 -4.30 16.07 30.19
C THR B 625 -5.68 16.06 30.81
N PRO B 626 -6.74 15.76 30.08
CA PRO B 626 -8.07 15.70 30.67
C PRO B 626 -8.27 14.38 31.41
N ARG B 627 -9.46 14.22 31.95
CA ARG B 627 -9.77 13.00 32.68
C ARG B 627 -10.05 11.85 31.73
N ARG B 628 -9.71 10.64 32.18
CA ARG B 628 -9.75 9.47 31.30
C ARG B 628 -11.18 8.98 31.09
N ASP B 629 -11.94 8.82 32.16
CA ASP B 629 -13.19 8.08 32.12
C ASP B 629 -14.38 8.90 31.63
N SER B 630 -14.38 10.22 31.86
CA SER B 630 -15.56 11.04 31.61
C SER B 630 -15.20 12.27 30.82
N SER B 631 -16.25 13.00 30.40
CA SER B 631 -16.12 14.30 29.76
C SER B 631 -16.61 15.44 30.63
N THR B 632 -16.69 15.22 31.95
CA THR B 632 -17.21 16.22 32.89
C THR B 632 -16.07 17.11 33.38
N GLY B 633 -16.23 18.43 33.21
CA GLY B 633 -15.26 19.39 33.66
C GLY B 633 -14.14 19.70 32.69
N THR B 634 -13.98 18.91 31.64
CA THR B 634 -12.90 19.13 30.68
C THR B 634 -13.03 20.50 30.02
N VAL B 635 -11.89 21.15 29.78
CA VAL B 635 -11.81 22.51 29.26
C VAL B 635 -11.84 22.48 27.74
N ASP B 636 -12.41 23.52 27.13
CA ASP B 636 -12.35 23.68 25.68
C ASP B 636 -11.74 25.00 25.24
N ARG B 637 -11.98 26.08 25.97
CA ARG B 637 -11.42 27.39 25.65
C ARG B 637 -10.35 27.69 26.68
N TYR B 638 -9.16 28.05 26.21
CA TYR B 638 -7.94 27.89 26.98
C TYR B 638 -7.09 29.15 26.87
N ALA B 639 -6.34 29.43 27.95
CA ALA B 639 -5.37 30.52 27.95
C ALA B 639 -4.13 30.10 28.73
N VAL B 640 -2.96 30.48 28.22
CA VAL B 640 -1.70 30.22 28.91
C VAL B 640 -0.86 31.49 28.87
N TYR B 641 -0.51 31.97 30.07
CA TYR B 641 0.38 33.10 30.30
C TYR B 641 1.73 32.59 30.81
N LEU B 642 2.80 33.31 30.46
CA LEU B 642 4.13 32.99 30.96
C LEU B 642 4.76 34.22 31.59
N SER B 643 5.65 33.99 32.56
CA SER B 643 6.34 35.09 33.22
C SER B 643 7.58 34.55 33.92
N MET B 644 8.39 35.49 34.43
CA MET B 644 9.63 35.16 35.13
C MET B 644 9.67 35.79 36.52
N ASP B 645 8.54 36.29 37.02
CA ASP B 645 8.43 36.81 38.38
C ASP B 645 7.08 36.52 39.02
N GLY B 646 6.11 35.99 38.27
CA GLY B 646 4.80 35.69 38.79
C GLY B 646 3.91 36.89 39.08
N ASN B 647 4.41 38.11 38.89
CA ASN B 647 3.66 39.31 39.20
C ASN B 647 3.10 39.99 37.96
N THR B 648 3.86 40.03 36.87
CA THR B 648 3.41 40.60 35.61
C THR B 648 3.39 39.51 34.54
N TRP B 649 2.19 39.22 34.02
CA TRP B 649 2.02 38.15 33.03
C TRP B 649 2.02 38.69 31.60
N GLY B 650 1.28 39.75 31.34
CA GLY B 650 1.25 40.30 30.00
C GLY B 650 0.23 39.60 29.12
N ALA B 651 0.44 39.73 27.81
CA ALA B 651 -0.45 39.09 26.86
C ALA B 651 -0.40 37.57 27.01
N PRO B 652 -1.50 36.88 26.68
CA PRO B 652 -1.49 35.41 26.77
C PRO B 652 -0.46 34.81 25.83
N ALA B 653 0.29 33.83 26.35
CA ALA B 653 1.21 33.11 25.48
C ALA B 653 0.45 32.27 24.45
N ALA B 654 -0.78 31.85 24.78
CA ALA B 654 -1.67 31.27 23.78
C ALA B 654 -3.09 31.29 24.29
N GLU B 655 -4.05 31.28 23.37
CA GLU B 655 -5.47 31.24 23.72
C GLU B 655 -6.26 30.72 22.53
N GLY B 656 -7.36 30.00 22.82
CA GLY B 656 -8.04 29.30 21.73
C GLY B 656 -8.85 28.10 22.23
N GLU B 657 -9.00 27.10 21.33
CA GLU B 657 -9.84 25.93 21.56
C GLU B 657 -9.06 24.62 21.53
N PHE B 658 -9.68 23.57 22.07
CA PHE B 658 -9.29 22.18 21.84
C PHE B 658 -10.43 21.51 21.07
N SER B 659 -10.42 21.67 19.74
CA SER B 659 -11.48 21.14 18.90
C SER B 659 -11.59 19.62 19.01
N ASN B 660 -12.83 19.14 19.13
CA ASN B 660 -13.18 17.72 19.19
C ASN B 660 -12.46 16.99 20.32
N ILE B 661 -12.67 17.50 21.54
CA ILE B 661 -12.25 16.77 22.73
C ILE B 661 -13.42 16.08 23.43
N ARG B 662 -14.65 16.32 22.97
CA ARG B 662 -15.81 15.72 23.61
C ARG B 662 -15.71 14.20 23.62
N ALA B 663 -15.66 13.61 22.42
CA ALA B 663 -15.59 12.16 22.28
C ALA B 663 -14.18 11.62 22.40
N ASN B 664 -13.15 12.47 22.24
CA ASN B 664 -11.75 12.04 22.25
C ASN B 664 -10.99 12.79 23.33
N PRO B 665 -11.19 12.44 24.61
CA PRO B 665 -10.38 13.06 25.68
C PRO B 665 -8.97 12.50 25.73
N VAL B 666 -8.02 13.20 25.14
CA VAL B 666 -6.62 12.78 25.14
C VAL B 666 -5.76 13.99 25.51
N PRO B 667 -4.51 13.77 25.90
CA PRO B 667 -3.61 14.89 26.18
C PRO B 667 -3.55 15.87 25.02
N GLN B 668 -3.68 17.15 25.33
CA GLN B 668 -3.75 18.23 24.37
C GLN B 668 -2.46 19.06 24.42
N ARG B 669 -1.99 19.50 23.25
CA ARG B 669 -0.71 20.19 23.12
C ARG B 669 -0.92 21.62 22.64
N ILE B 670 -0.43 22.57 23.43
CA ILE B 670 -0.47 23.99 23.12
C ILE B 670 0.91 24.36 22.61
N ASP B 671 1.05 24.50 21.29
CA ASP B 671 2.33 24.93 20.72
C ASP B 671 2.43 26.45 20.77
N LEU B 672 3.44 26.94 21.49
CA LEU B 672 3.67 28.37 21.59
C LEU B 672 4.12 28.92 20.24
N LYS B 673 3.59 30.09 19.89
CA LYS B 673 3.91 30.75 18.63
C LYS B 673 5.41 30.76 18.35
N ALA B 674 6.22 30.94 19.40
CA ALA B 674 7.66 30.83 19.38
C ALA B 674 8.04 30.46 20.80
N PRO B 675 9.01 29.57 21.00
CA PRO B 675 9.35 29.15 22.37
C PRO B 675 9.73 30.36 23.23
N VAL B 676 9.28 30.34 24.48
CA VAL B 676 9.55 31.39 25.45
C VAL B 676 10.10 30.71 26.70
N LYS B 677 11.17 31.27 27.26
CA LYS B 677 11.70 30.76 28.51
C LYS B 677 11.19 31.60 29.67
N ALA B 678 10.71 30.92 30.72
CA ALA B 678 10.01 31.55 31.81
C ALA B 678 10.00 30.58 32.99
N ARG B 679 9.78 31.13 34.18
CA ARG B 679 9.75 30.33 35.40
C ARG B 679 8.34 30.09 35.93
N TYR B 680 7.42 31.00 35.68
CA TYR B 680 6.07 30.95 36.24
C TYR B 680 5.08 30.79 35.10
N LEU B 681 4.15 29.86 35.26
CA LEU B 681 3.16 29.53 34.22
C LEU B 681 1.76 29.69 34.78
N ARG B 682 0.89 30.37 34.04
CA ARG B 682 -0.52 30.47 34.42
C ARG B 682 -1.39 29.81 33.35
N PHE B 683 -2.03 28.71 33.71
CA PHE B 683 -3.01 28.04 32.86
C PHE B 683 -4.41 28.44 33.31
N VAL B 684 -5.18 29.05 32.41
CA VAL B 684 -6.50 29.56 32.71
C VAL B 684 -7.49 28.76 31.88
N GLY B 685 -8.27 27.90 32.55
CA GLY B 685 -9.43 27.29 31.95
C GLY B 685 -10.57 28.29 31.91
N LYS B 686 -10.96 28.68 30.70
CA LYS B 686 -11.91 29.77 30.48
C LYS B 686 -13.34 29.28 30.27
N ARG B 687 -13.56 28.44 29.25
CA ARG B 687 -14.82 27.72 29.06
C ARG B 687 -14.55 26.23 29.20
N VAL B 688 -15.59 25.40 29.02
CA VAL B 688 -15.46 23.96 29.24
C VAL B 688 -16.31 23.14 28.29
N VAL B 689 -16.39 21.83 28.55
CA VAL B 689 -17.18 20.86 27.81
C VAL B 689 -18.62 20.72 28.33
N GLU B 690 -18.81 20.38 29.61
CA GLU B 690 -20.16 20.26 30.18
C GLU B 690 -20.12 20.74 31.62
N GLY B 691 -21.27 21.27 32.10
CA GLY B 691 -21.27 22.07 33.30
C GLY B 691 -20.46 23.29 32.90
N SER B 692 -20.06 24.10 33.88
CA SER B 692 -18.69 24.52 33.61
C SER B 692 -18.04 24.77 34.98
N HIS B 693 -17.34 23.75 35.46
CA HIS B 693 -16.27 23.90 36.42
C HIS B 693 -15.04 23.26 35.79
N VAL B 694 -13.87 23.65 36.25
CA VAL B 694 -12.65 23.18 35.61
C VAL B 694 -12.17 21.91 36.30
N ALA B 695 -11.62 21.00 35.50
CA ALA B 695 -11.10 19.73 35.99
C ALA B 695 -9.86 19.39 35.19
N VAL B 696 -8.71 19.41 35.84
CA VAL B 696 -7.42 19.09 35.24
C VAL B 696 -6.91 17.80 35.86
N ALA B 697 -6.65 16.80 35.01
CA ALA B 697 -6.02 15.59 35.51
C ALA B 697 -4.51 15.78 35.63
N GLU B 698 -3.88 16.27 34.58
CA GLU B 698 -2.47 16.62 34.61
C GLU B 698 -2.23 17.86 33.78
N LEU B 699 -1.10 18.51 34.06
CA LEU B 699 -0.68 19.72 33.35
C LEU B 699 0.83 19.64 33.21
N GLY B 700 1.33 19.64 31.97
CA GLY B 700 2.73 19.41 31.71
C GLY B 700 3.34 20.51 30.86
N VAL B 701 4.66 20.40 30.68
CA VAL B 701 5.46 21.39 29.97
C VAL B 701 6.46 20.69 29.07
N LEU B 702 6.64 21.25 27.87
CA LEU B 702 7.60 20.80 26.88
C LEU B 702 8.66 21.87 26.65
N GLY B 703 9.93 21.47 26.66
CA GLY B 703 11.04 22.37 26.43
C GLY B 703 11.85 22.05 25.19
N LYS B 704 11.52 22.71 24.08
CA LYS B 704 12.18 22.49 22.80
C LYS B 704 13.69 22.74 22.87
#